data_1ULI
#
_entry.id   1ULI
#
_cell.length_a   137.741
_cell.length_b   137.741
_cell.length_c   237.744
_cell.angle_alpha   90.00
_cell.angle_beta   90.00
_cell.angle_gamma   90.00
#
_symmetry.space_group_name_H-M   'P 43 21 2'
#
loop_
_entity.id
_entity.type
_entity.pdbx_description
1 polymer 'biphenyl dioxygenase large subunit'
2 polymer 'biphenyl dioxygenase small subunit'
3 non-polymer 'FE (II) ION'
4 non-polymer 'FE2/S2 (INORGANIC) CLUSTER'
5 water water
#
loop_
_entity_poly.entity_id
_entity_poly.type
_entity_poly.pdbx_seq_one_letter_code
_entity_poly.pdbx_strand_id
1 'polypeptide(L)'
;MTDVQCEPALAGRKPKWADADIAELVDERTGRLDPRIYTDEALYEQELERIFGRSWLLMGHETQIPKAGDFMTNYMGEDP
VMVVRQKNGEIRVFLNQCRHRGMRICRADGGNAKSFTCSYHGWAYDTGGNLVSVPFEEQAFPGLRKEDWGPLQARVETYK
GLIFANWDADAPDLDTYLGEAKFYMDHMLDRTEAGTEAIPGIQKWVIPCNWKFAAEQFCSDMYHAGTTSHLSGILAGLPD
GVDLSELAPPTEGIQYRATWGGHGSGFYIGDPNLLLAIMGPKVTEYWTQGPAAEKASERLGSTERGQQLMAQHMTIFPTC
SFLPGINTIRAWHPRGPNEIEVWAFTVVDADAPEEMKEEYRQQTLRTFSAGGVFEQDDGENWVEIQQVLRGHKARSRPFN
AEMGLGQTDSDNPDYPGTISYVYSEEAARGLYTQWVRMMTSPDWAALDATRPAVSESTHT
;
A,C,E
2 'polypeptide(L)'
;MIDAESPTTAFRTKPAPVDPSLQHEIEQFYYWEAKLLNDRRFQEWFDLLAEDIHYFMPIRTTRIMRETAQEYSGAREYAH
FDDNAQMMRGRLRKITSDVSWSENPASRTRHVISNVMIVDGEKPGEYHVSSVFIVYRNRLERQLDIFAGERKDILRRTGS
EAGFELAKRTILIDQSTILSNNLSFFF
;
B,D,F
#
loop_
_chem_comp.id
_chem_comp.type
_chem_comp.name
_chem_comp.formula
FE2 non-polymer 'FE (II) ION' 'Fe 2'
FES non-polymer 'FE2/S2 (INORGANIC) CLUSTER' 'Fe2 S2'
#
# COMPACT_ATOMS: atom_id res chain seq x y z
N TRP A 17 6.03 4.01 28.80
CA TRP A 17 6.51 5.38 29.18
C TRP A 17 6.12 5.75 30.60
N ALA A 18 7.10 6.10 31.42
CA ALA A 18 6.85 6.65 32.75
C ALA A 18 6.30 8.07 32.64
N ASP A 19 5.49 8.46 33.63
CA ASP A 19 4.83 9.76 33.65
C ASP A 19 5.81 10.91 33.61
N ALA A 20 6.88 10.81 34.38
CA ALA A 20 7.89 11.86 34.42
C ALA A 20 8.62 12.02 33.09
N ASP A 21 8.79 10.91 32.37
CA ASP A 21 9.44 10.93 31.06
C ASP A 21 8.57 11.64 30.01
N ILE A 22 7.25 11.46 30.10
CA ILE A 22 6.31 12.14 29.21
C ILE A 22 6.31 13.65 29.46
N ALA A 23 6.33 14.03 30.74
CA ALA A 23 6.36 15.44 31.15
C ALA A 23 7.56 16.19 30.58
N GLU A 24 8.70 15.50 30.43
CA GLU A 24 9.92 16.12 29.86
C GLU A 24 9.83 16.39 28.34
N LEU A 25 8.85 15.80 27.67
CA LEU A 25 8.68 15.96 26.22
C LEU A 25 8.12 17.34 25.83
N VAL A 26 7.51 18.03 26.79
CA VAL A 26 6.93 19.34 26.57
C VAL A 26 7.38 20.27 27.70
N ASP A 27 7.86 21.45 27.32
CA ASP A 27 8.34 22.46 28.27
C ASP A 27 7.77 23.81 27.88
N GLU A 28 6.69 24.21 28.54
CA GLU A 28 6.04 25.50 28.28
C GLU A 28 6.78 26.67 28.94
N ARG A 29 7.68 26.38 29.87
CA ARG A 29 8.49 27.40 30.57
C ARG A 29 9.52 28.04 29.62
N THR A 30 10.27 27.22 28.89
CA THR A 30 11.24 27.69 27.88
C THR A 30 10.73 27.56 26.43
N GLY A 31 9.67 26.78 26.22
CA GLY A 31 9.03 26.68 24.92
C GLY A 31 9.70 25.69 24.01
N ARG A 32 9.63 24.40 24.36
CA ARG A 32 10.31 23.31 23.63
C ARG A 32 9.35 22.14 23.45
N LEU A 33 9.35 21.53 22.27
CA LEU A 33 8.58 20.33 22.03
C LEU A 33 9.49 19.22 21.49
N ASP A 34 9.43 18.06 22.12
CA ASP A 34 10.17 16.91 21.63
C ASP A 34 9.36 16.27 20.47
N PRO A 35 9.95 16.14 19.28
CA PRO A 35 9.20 15.66 18.11
C PRO A 35 8.71 14.23 18.19
N ARG A 36 9.27 13.42 19.08
CA ARG A 36 8.76 12.07 19.30
C ARG A 36 7.30 12.02 19.79
N ILE A 37 6.75 13.12 20.29
CA ILE A 37 5.33 13.13 20.63
C ILE A 37 4.46 12.91 19.37
N TYR A 38 5.02 13.20 18.18
CA TYR A 38 4.31 13.06 16.91
C TYR A 38 4.51 11.70 16.21
N THR A 39 5.41 10.85 16.73
CA THR A 39 5.76 9.59 16.08
C THR A 39 5.68 8.34 16.93
N ASP A 40 5.86 8.47 18.24
CA ASP A 40 6.03 7.30 19.09
C ASP A 40 4.75 6.48 19.17
N GLU A 41 4.86 5.18 18.86
CA GLU A 41 3.71 4.28 18.83
C GLU A 41 3.13 4.04 20.22
N ALA A 42 4.00 3.91 21.23
CA ALA A 42 3.54 3.65 22.59
C ALA A 42 2.81 4.88 23.16
N LEU A 43 3.34 6.08 22.90
CA LEU A 43 2.64 7.31 23.28
C LEU A 43 1.26 7.39 22.60
N TYR A 44 1.17 6.93 21.37
CA TYR A 44 -0.09 6.94 20.61
C TYR A 44 -1.15 6.04 21.24
N GLU A 45 -0.79 4.80 21.56
CA GLU A 45 -1.69 3.88 22.29
C GLU A 45 -2.18 4.48 23.62
N GLN A 46 -1.29 5.17 24.32
CA GLN A 46 -1.66 5.83 25.57
C GLN A 46 -2.58 7.05 25.33
N GLU A 47 -2.42 7.74 24.21
CA GLU A 47 -3.35 8.81 23.80
C GLU A 47 -4.77 8.26 23.60
N LEU A 48 -4.90 7.14 22.91
CA LEU A 48 -6.22 6.55 22.72
C LEU A 48 -6.92 6.25 24.04
N GLU A 49 -6.14 5.79 25.03
CA GLU A 49 -6.65 5.48 26.35
C GLU A 49 -6.96 6.75 27.15
N ARG A 50 -5.97 7.62 27.29
CA ARG A 50 -6.03 8.73 28.25
C ARG A 50 -6.51 10.07 27.69
N ILE A 51 -6.52 10.23 26.37
CA ILE A 51 -7.11 11.41 25.76
C ILE A 51 -8.43 11.08 25.07
N PHE A 52 -8.38 10.28 24.01
CA PHE A 52 -9.60 9.98 23.24
C PHE A 52 -10.61 9.18 24.04
N GLY A 53 -10.13 8.40 25.00
CA GLY A 53 -10.99 7.61 25.85
C GLY A 53 -11.76 8.40 26.89
N ARG A 54 -11.39 9.65 27.14
CA ARG A 54 -12.07 10.41 28.19
C ARG A 54 -12.22 11.88 27.97
N SER A 55 -12.07 12.32 26.73
CA SER A 55 -12.31 13.68 26.33
C SER A 55 -13.70 13.77 25.68
N TRP A 56 -14.24 14.97 25.62
CA TRP A 56 -15.41 15.25 24.79
C TRP A 56 -14.99 15.47 23.34
N LEU A 57 -15.59 14.72 22.44
CA LEU A 57 -15.21 14.65 21.03
C LEU A 57 -16.38 15.00 20.13
N LEU A 58 -16.11 15.71 19.03
CA LEU A 58 -17.17 16.17 18.13
C LEU A 58 -17.73 15.04 17.28
N MET A 59 -19.05 14.93 17.31
CA MET A 59 -19.81 13.92 16.61
C MET A 59 -20.55 14.51 15.42
N GLY A 60 -20.71 15.84 15.41
CA GLY A 60 -21.46 16.51 14.36
C GLY A 60 -22.37 17.62 14.87
N HIS A 61 -23.48 17.81 14.17
CA HIS A 61 -24.45 18.86 14.46
C HIS A 61 -25.82 18.22 14.52
N GLU A 62 -26.65 18.71 15.44
CA GLU A 62 -28.03 18.22 15.65
C GLU A 62 -28.83 18.11 14.37
N THR A 63 -28.74 19.11 13.52
CA THR A 63 -29.52 19.16 12.29
C THR A 63 -29.08 18.17 11.20
N GLN A 64 -27.96 17.47 11.41
CA GLN A 64 -27.57 16.37 10.52
C GLN A 64 -28.42 15.12 10.73
N ILE A 65 -28.93 14.93 11.96
CA ILE A 65 -29.83 13.81 12.29
C ILE A 65 -31.09 14.31 13.02
N PRO A 66 -31.95 15.06 12.31
CA PRO A 66 -33.10 15.72 12.95
C PRO A 66 -34.31 14.79 13.27
N LYS A 67 -34.48 13.71 12.52
CA LYS A 67 -35.63 12.83 12.68
C LYS A 67 -35.32 11.55 13.45
N ALA A 68 -36.34 11.01 14.12
CA ALA A 68 -36.27 9.71 14.77
C ALA A 68 -35.76 8.64 13.79
N GLY A 69 -34.74 7.90 14.21
CA GLY A 69 -34.11 6.90 13.37
C GLY A 69 -32.98 7.42 12.48
N ASP A 70 -32.84 8.73 12.34
CA ASP A 70 -31.71 9.27 11.61
C ASP A 70 -30.42 8.90 12.33
N PHE A 71 -29.49 8.33 11.57
CA PHE A 71 -28.14 8.03 12.09
C PHE A 71 -27.03 8.56 11.19
N MET A 72 -25.86 8.73 11.78
CA MET A 72 -24.62 8.89 11.05
C MET A 72 -23.51 8.20 11.82
N THR A 73 -22.54 7.63 11.12
CA THR A 73 -21.36 7.11 11.79
C THR A 73 -20.40 8.23 12.10
N ASN A 74 -19.51 7.96 13.04
CA ASN A 74 -18.38 8.83 13.33
C ASN A 74 -17.31 8.00 14.06
N TYR A 75 -16.26 8.68 14.55
CA TYR A 75 -15.19 8.05 15.32
C TYR A 75 -14.90 8.80 16.60
N MET A 76 -14.57 8.03 17.63
CA MET A 76 -13.94 8.52 18.81
C MET A 76 -12.59 7.84 18.86
N GLY A 77 -11.55 8.54 18.42
CA GLY A 77 -10.24 7.93 18.23
C GLY A 77 -10.31 6.98 17.05
N GLU A 78 -9.95 5.72 17.26
CA GLU A 78 -10.17 4.70 16.24
C GLU A 78 -11.35 3.78 16.56
N ASP A 79 -12.19 4.17 17.50
CA ASP A 79 -13.44 3.45 17.78
C ASP A 79 -14.56 4.01 16.93
N PRO A 80 -15.12 3.20 16.04
CA PRO A 80 -16.22 3.65 15.19
C PRO A 80 -17.48 3.70 16.01
N VAL A 81 -18.26 4.76 15.91
CA VAL A 81 -19.49 4.88 16.68
C VAL A 81 -20.71 5.16 15.80
N MET A 82 -21.89 4.83 16.31
CA MET A 82 -23.16 5.22 15.72
C MET A 82 -23.77 6.42 16.49
N VAL A 83 -24.15 7.48 15.77
CA VAL A 83 -24.81 8.64 16.35
C VAL A 83 -26.27 8.63 15.82
N VAL A 84 -27.25 8.42 16.69
CA VAL A 84 -28.62 8.08 16.31
C VAL A 84 -29.69 8.90 17.08
N ARG A 85 -30.62 9.49 16.33
CA ARG A 85 -31.74 10.19 16.93
C ARG A 85 -32.77 9.16 17.36
N GLN A 86 -33.20 9.27 18.62
CA GLN A 86 -34.23 8.40 19.20
C GLN A 86 -35.61 9.03 19.08
N LYS A 87 -36.62 8.23 19.43
CA LYS A 87 -38.02 8.60 19.35
C LYS A 87 -38.40 9.70 20.33
N ASN A 88 -37.63 9.85 21.40
CA ASN A 88 -37.91 10.87 22.42
C ASN A 88 -37.05 12.13 22.24
N GLY A 89 -36.42 12.29 21.07
CA GLY A 89 -35.54 13.41 20.80
C GLY A 89 -34.07 13.16 21.16
N GLU A 90 -33.82 12.19 22.02
CA GLU A 90 -32.45 11.90 22.48
C GLU A 90 -31.47 11.55 21.33
N ILE A 91 -30.21 11.94 21.50
CA ILE A 91 -29.12 11.48 20.63
C ILE A 91 -28.24 10.50 21.41
N ARG A 92 -28.17 9.28 20.90
CA ARG A 92 -27.31 8.23 21.42
C ARG A 92 -26.05 8.06 20.59
N VAL A 93 -24.95 7.80 21.27
CA VAL A 93 -23.70 7.43 20.63
C VAL A 93 -23.28 6.12 21.25
N PHE A 94 -23.13 5.09 20.42
CA PHE A 94 -22.65 3.80 20.90
C PHE A 94 -21.63 3.19 19.94
N LEU A 95 -20.77 2.35 20.48
CA LEU A 95 -19.76 1.64 19.70
C LEU A 95 -20.40 0.82 18.59
N ASN A 96 -19.90 0.97 17.38
CA ASN A 96 -20.40 0.24 16.21
C ASN A 96 -19.76 -1.14 16.17
N GLN A 97 -20.04 -1.93 17.20
CA GLN A 97 -19.42 -3.23 17.40
C GLN A 97 -20.35 -4.14 18.17
N CYS A 98 -20.65 -5.29 17.59
CA CYS A 98 -21.49 -6.30 18.20
C CYS A 98 -20.64 -7.01 19.22
N ARG A 99 -21.14 -7.18 20.44
CA ARG A 99 -20.35 -7.83 21.51
C ARG A 99 -20.23 -9.35 21.38
N HIS A 100 -20.93 -9.94 20.43
CA HIS A 100 -20.82 -11.38 20.16
C HIS A 100 -19.44 -11.77 19.61
N ARG A 101 -19.14 -11.36 18.38
CA ARG A 101 -17.82 -11.56 17.75
C ARG A 101 -17.28 -10.32 17.01
N GLY A 102 -17.77 -9.12 17.36
CA GLY A 102 -17.12 -7.88 16.95
C GLY A 102 -17.55 -7.29 15.61
N MET A 103 -18.57 -7.86 14.98
CA MET A 103 -18.98 -7.34 13.67
C MET A 103 -19.49 -5.91 13.77
N ARG A 104 -19.24 -5.13 12.73
CA ARG A 104 -19.74 -3.76 12.66
C ARG A 104 -21.27 -3.83 12.53
N ILE A 105 -21.98 -3.25 13.48
CA ILE A 105 -23.44 -3.32 13.49
C ILE A 105 -24.04 -2.70 12.21
N CYS A 106 -23.58 -1.50 11.84
CA CYS A 106 -24.05 -0.82 10.64
C CYS A 106 -22.90 -0.37 9.73
N ARG A 107 -22.96 -0.73 8.46
CA ARG A 107 -21.86 -0.47 7.53
C ARG A 107 -22.07 0.68 6.55
N ALA A 108 -23.22 1.34 6.65
CA ALA A 108 -23.46 2.58 5.89
C ALA A 108 -23.07 3.82 6.70
N ASP A 109 -22.83 4.92 5.99
CA ASP A 109 -22.43 6.20 6.61
C ASP A 109 -23.57 6.95 7.32
N GLY A 110 -24.79 6.68 6.91
CA GLY A 110 -25.93 7.40 7.41
C GLY A 110 -27.23 7.00 6.72
N GLY A 111 -28.35 7.50 7.25
CA GLY A 111 -29.65 7.17 6.71
C GLY A 111 -30.68 7.22 7.81
N ASN A 112 -31.71 6.38 7.67
CA ASN A 112 -32.79 6.29 8.62
C ASN A 112 -33.18 4.84 8.82
N ALA A 113 -33.15 4.40 10.07
CA ALA A 113 -33.46 3.01 10.39
C ALA A 113 -34.39 2.93 11.59
N LYS A 114 -35.11 1.82 11.68
CA LYS A 114 -36.03 1.53 12.78
C LYS A 114 -35.41 0.50 13.71
N SER A 115 -34.38 -0.18 13.23
CA SER A 115 -33.60 -1.10 14.02
C SER A 115 -32.28 -1.34 13.31
N PHE A 116 -31.36 -2.00 13.98
CA PHE A 116 -30.11 -2.46 13.35
C PHE A 116 -29.92 -3.93 13.64
N THR A 117 -29.56 -4.70 12.61
CA THR A 117 -29.28 -6.12 12.78
C THR A 117 -27.83 -6.40 12.37
N CYS A 118 -27.11 -7.11 13.23
CA CYS A 118 -25.78 -7.61 12.91
C CYS A 118 -25.90 -8.66 11.81
N SER A 119 -25.15 -8.46 10.73
CA SER A 119 -25.16 -9.37 9.59
C SER A 119 -24.52 -10.76 9.84
N TYR A 120 -23.72 -10.91 10.88
CA TYR A 120 -22.96 -12.15 11.10
C TYR A 120 -23.83 -13.27 11.69
N HIS A 121 -24.38 -13.06 12.89
CA HIS A 121 -25.27 -14.05 13.50
C HIS A 121 -26.66 -13.51 13.87
N GLY A 122 -27.02 -12.36 13.36
CA GLY A 122 -28.39 -11.87 13.47
C GLY A 122 -28.80 -11.26 14.80
N TRP A 123 -27.86 -10.98 15.69
CA TRP A 123 -28.20 -10.28 16.93
C TRP A 123 -28.80 -8.94 16.52
N ALA A 124 -29.89 -8.55 17.19
CA ALA A 124 -30.69 -7.40 16.74
C ALA A 124 -30.82 -6.31 17.81
N TYR A 125 -30.75 -5.06 17.37
CA TYR A 125 -30.67 -3.90 18.24
C TYR A 125 -31.77 -2.88 17.92
N ASP A 126 -32.27 -2.17 18.92
CA ASP A 126 -33.13 -1.02 18.64
C ASP A 126 -32.25 0.16 18.21
N THR A 127 -32.88 1.30 17.91
CA THR A 127 -32.15 2.48 17.45
C THR A 127 -31.28 3.09 18.56
N GLY A 128 -31.50 2.71 19.81
CA GLY A 128 -30.64 3.14 20.91
C GLY A 128 -29.41 2.27 21.16
N GLY A 129 -29.26 1.21 20.37
CA GLY A 129 -28.18 0.27 20.54
C GLY A 129 -28.37 -0.72 21.69
N ASN A 130 -29.60 -0.87 22.18
CA ASN A 130 -29.94 -1.96 23.09
C ASN A 130 -30.12 -3.25 22.32
N LEU A 131 -29.61 -4.35 22.86
CA LEU A 131 -29.80 -5.67 22.29
C LEU A 131 -31.20 -6.17 22.68
N VAL A 132 -32.07 -6.31 21.68
CA VAL A 132 -33.48 -6.71 21.92
C VAL A 132 -33.83 -8.14 21.47
N SER A 133 -33.02 -8.74 20.59
CA SER A 133 -33.18 -10.17 20.28
C SER A 133 -31.92 -10.86 19.73
N VAL A 134 -31.85 -12.16 20.02
CA VAL A 134 -30.74 -13.01 19.72
C VAL A 134 -31.39 -14.26 19.15
N PRO A 135 -31.14 -14.59 17.88
CA PRO A 135 -31.74 -15.81 17.30
C PRO A 135 -31.42 -17.08 18.12
N PHE A 136 -32.42 -17.94 18.25
CA PHE A 136 -32.31 -19.19 19.01
C PHE A 136 -31.93 -18.96 20.48
N GLU A 137 -32.42 -17.87 21.07
CA GLU A 137 -32.05 -17.51 22.45
C GLU A 137 -32.49 -18.54 23.48
N GLU A 138 -33.70 -19.06 23.33
CA GLU A 138 -34.26 -19.96 24.35
C GLU A 138 -33.39 -21.20 24.56
N GLN A 139 -33.00 -21.85 23.45
CA GLN A 139 -32.23 -23.10 23.51
C GLN A 139 -30.73 -22.92 23.80
N ALA A 140 -30.09 -21.96 23.13
CA ALA A 140 -28.63 -21.81 23.17
C ALA A 140 -28.09 -20.80 24.19
N PHE A 141 -28.87 -19.78 24.53
CA PHE A 141 -28.47 -18.75 25.49
C PHE A 141 -29.44 -18.65 26.67
N PRO A 142 -29.62 -19.73 27.44
CA PRO A 142 -30.65 -19.78 28.48
C PRO A 142 -30.55 -18.64 29.51
N GLY A 143 -29.37 -18.38 30.07
CA GLY A 143 -29.26 -17.39 31.13
C GLY A 143 -29.01 -15.95 30.70
N LEU A 144 -29.28 -15.62 29.43
CA LEU A 144 -28.76 -14.37 28.86
C LEU A 144 -29.59 -13.15 29.21
N ARG A 145 -28.92 -12.18 29.85
CA ARG A 145 -29.48 -10.87 30.11
C ARG A 145 -29.06 -9.93 28.97
N LYS A 146 -29.90 -9.80 27.96
CA LYS A 146 -29.61 -8.99 26.77
C LYS A 146 -29.29 -7.52 27.12
N GLU A 147 -29.92 -7.02 28.19
CA GLU A 147 -29.70 -5.66 28.66
C GLU A 147 -28.26 -5.37 29.17
N ASP A 148 -27.48 -6.42 29.46
CA ASP A 148 -26.05 -6.28 29.78
C ASP A 148 -25.06 -6.54 28.60
N TRP A 149 -25.57 -6.83 27.40
CA TRP A 149 -24.70 -7.25 26.28
C TRP A 149 -24.78 -6.39 25.01
N GLY A 150 -25.30 -5.18 25.16
CA GLY A 150 -25.31 -4.19 24.10
C GLY A 150 -23.99 -3.45 24.02
N PRO A 151 -23.72 -2.81 22.89
CA PRO A 151 -22.47 -2.07 22.72
C PRO A 151 -22.34 -0.88 23.71
N LEU A 152 -21.09 -0.59 24.05
CA LEU A 152 -20.73 0.50 24.94
C LEU A 152 -21.37 1.81 24.51
N GLN A 153 -21.98 2.51 25.47
CA GLN A 153 -22.68 3.76 25.23
C GLN A 153 -21.78 4.90 25.66
N ALA A 154 -21.68 5.94 24.85
CA ALA A 154 -21.01 7.16 25.27
C ALA A 154 -22.01 8.15 25.85
N ARG A 155 -21.52 9.02 26.72
CA ARG A 155 -22.28 10.20 27.14
C ARG A 155 -22.41 11.16 25.97
N VAL A 156 -23.59 11.74 25.80
CA VAL A 156 -23.81 12.73 24.76
C VAL A 156 -24.32 14.04 25.35
N GLU A 157 -23.70 15.15 24.96
CA GLU A 157 -24.19 16.48 25.31
C GLU A 157 -24.02 17.42 24.11
N THR A 158 -24.94 18.37 23.97
CA THR A 158 -24.87 19.34 22.89
C THR A 158 -24.42 20.67 23.43
N TYR A 159 -23.90 21.51 22.53
CA TYR A 159 -23.64 22.91 22.84
C TYR A 159 -24.00 23.72 21.60
N LYS A 160 -25.18 24.35 21.65
CA LYS A 160 -25.67 25.23 20.60
C LYS A 160 -25.58 24.60 19.22
N GLY A 161 -26.08 23.37 19.10
CA GLY A 161 -26.14 22.66 17.84
C GLY A 161 -25.06 21.58 17.68
N LEU A 162 -23.88 21.80 18.23
CA LEU A 162 -22.82 20.80 18.17
C LEU A 162 -23.08 19.63 19.09
N ILE A 163 -22.86 18.41 18.60
CA ILE A 163 -22.95 17.19 19.40
C ILE A 163 -21.55 16.73 19.81
N PHE A 164 -21.35 16.52 21.11
CA PHE A 164 -20.12 15.92 21.61
C PHE A 164 -20.40 14.61 22.34
N ALA A 165 -19.39 13.73 22.39
CA ALA A 165 -19.48 12.45 23.09
C ALA A 165 -18.24 12.19 23.94
N ASN A 166 -18.41 11.41 24.98
CA ASN A 166 -17.34 11.11 25.93
C ASN A 166 -17.72 9.82 26.63
N TRP A 167 -16.82 8.84 26.61
CA TRP A 167 -17.06 7.52 27.22
C TRP A 167 -17.06 7.53 28.75
N ASP A 168 -16.33 8.47 29.34
CA ASP A 168 -15.97 8.43 30.75
C ASP A 168 -17.05 9.05 31.64
N ALA A 169 -17.72 8.23 32.43
CA ALA A 169 -18.70 8.70 33.44
C ALA A 169 -18.16 9.74 34.40
N ASP A 170 -16.85 9.72 34.65
CA ASP A 170 -16.22 10.60 35.63
C ASP A 170 -15.69 11.91 35.06
N ALA A 171 -15.82 12.12 33.75
CA ALA A 171 -15.41 13.38 33.13
C ALA A 171 -16.37 14.49 33.57
N PRO A 172 -15.95 15.74 33.51
CA PRO A 172 -16.88 16.84 33.81
C PRO A 172 -17.92 16.85 32.70
N ASP A 173 -19.07 17.48 32.91
CA ASP A 173 -20.03 17.65 31.83
C ASP A 173 -19.47 18.58 30.76
N LEU A 174 -20.13 18.61 29.60
CA LEU A 174 -19.67 19.39 28.47
C LEU A 174 -19.47 20.86 28.81
N ASP A 175 -20.45 21.44 29.49
CA ASP A 175 -20.42 22.86 29.84
C ASP A 175 -19.14 23.20 30.62
N THR A 176 -18.78 22.34 31.57
CA THR A 176 -17.59 22.52 32.40
C THR A 176 -16.29 22.23 31.63
N TYR A 177 -16.34 21.27 30.70
CA TYR A 177 -15.18 20.91 29.86
C TYR A 177 -14.83 22.04 28.93
N LEU A 178 -15.85 22.65 28.35
CA LEU A 178 -15.65 23.82 27.50
C LEU A 178 -15.21 25.05 28.31
N GLY A 179 -15.87 25.29 29.45
CA GLY A 179 -15.56 26.40 30.32
C GLY A 179 -15.65 27.75 29.63
N GLU A 180 -14.70 28.62 29.96
CA GLU A 180 -14.60 29.94 29.32
C GLU A 180 -14.44 29.89 27.79
N ALA A 181 -14.11 28.72 27.22
CA ALA A 181 -13.97 28.60 25.76
C ALA A 181 -15.28 28.83 25.01
N LYS A 182 -16.38 28.60 25.72
CA LYS A 182 -17.72 28.90 25.23
C LYS A 182 -17.86 30.31 24.65
N PHE A 183 -17.30 31.28 25.36
CA PHE A 183 -17.23 32.68 24.92
C PHE A 183 -16.79 32.80 23.45
N TYR A 184 -15.71 32.10 23.12
CA TYR A 184 -15.12 32.17 21.78
C TYR A 184 -15.87 31.32 20.75
N MET A 185 -16.48 30.22 21.21
CA MET A 185 -17.34 29.39 20.37
C MET A 185 -18.59 30.17 19.95
N ASP A 186 -19.03 31.06 20.82
CA ASP A 186 -20.28 31.80 20.63
C ASP A 186 -20.22 32.76 19.46
N HIS A 187 -19.03 33.22 19.11
CA HIS A 187 -18.83 34.02 17.91
C HIS A 187 -19.37 33.35 16.64
N MET A 188 -19.33 32.01 16.62
CA MET A 188 -19.89 31.25 15.51
C MET A 188 -21.31 30.76 15.77
N LEU A 189 -21.56 30.28 16.98
CA LEU A 189 -22.77 29.51 17.32
C LEU A 189 -23.95 30.25 17.97
N ASP A 190 -23.76 31.50 18.39
CA ASP A 190 -24.79 32.23 19.13
C ASP A 190 -25.10 33.61 18.54
N ARG A 191 -24.97 33.74 17.23
CA ARG A 191 -25.18 35.02 16.57
C ARG A 191 -26.65 35.35 16.36
N THR A 192 -27.50 34.34 16.48
CA THR A 192 -28.93 34.54 16.28
C THR A 192 -29.70 33.59 17.19
N GLU A 193 -30.95 33.96 17.48
CA GLU A 193 -31.81 33.17 18.35
C GLU A 193 -32.25 31.88 17.67
N ALA A 194 -32.20 31.85 16.34
CA ALA A 194 -32.58 30.68 15.55
C ALA A 194 -31.48 29.60 15.52
N GLY A 195 -30.28 29.92 16.00
CA GLY A 195 -29.19 28.97 16.02
C GLY A 195 -28.58 28.72 14.64
N THR A 196 -27.69 27.74 14.58
CA THR A 196 -27.07 27.35 13.33
C THR A 196 -27.66 26.04 12.85
N GLU A 197 -27.35 25.72 11.60
CA GLU A 197 -27.63 24.42 11.03
C GLU A 197 -26.43 23.99 10.19
N ALA A 198 -26.32 22.69 9.93
CA ALA A 198 -25.31 22.18 9.03
C ALA A 198 -25.84 22.21 7.60
N ILE A 199 -25.05 22.73 6.68
CA ILE A 199 -25.26 22.40 5.27
C ILE A 199 -25.01 20.90 5.16
N PRO A 200 -25.94 20.14 4.58
CA PRO A 200 -25.74 18.69 4.41
C PRO A 200 -24.49 18.38 3.58
N GLY A 201 -23.79 17.31 3.93
CA GLY A 201 -22.58 16.89 3.25
C GLY A 201 -21.38 17.02 4.17
N ILE A 202 -20.62 15.94 4.29
CA ILE A 202 -19.40 15.90 5.10
C ILE A 202 -18.27 15.39 4.21
N GLN A 203 -17.26 16.21 4.02
CA GLN A 203 -16.08 15.80 3.28
C GLN A 203 -15.11 15.06 4.20
N LYS A 204 -14.63 13.93 3.74
CA LYS A 204 -13.68 13.12 4.47
C LYS A 204 -12.45 12.88 3.60
N TRP A 205 -11.27 13.19 4.12
CA TRP A 205 -10.01 12.84 3.44
C TRP A 205 -8.88 12.44 4.40
N VAL A 206 -7.83 11.87 3.83
CA VAL A 206 -6.77 11.22 4.60
C VAL A 206 -5.48 11.97 4.43
N ILE A 207 -4.90 12.39 5.55
CA ILE A 207 -3.61 13.06 5.55
C ILE A 207 -2.66 12.27 6.43
N PRO A 208 -1.53 11.81 5.87
CA PRO A 208 -0.49 11.15 6.67
C PRO A 208 0.32 12.13 7.54
N CYS A 209 -0.32 12.65 8.59
CA CYS A 209 0.37 13.43 9.63
C CYS A 209 -0.26 13.13 10.99
N ASN A 210 0.43 13.55 12.05
CA ASN A 210 -0.09 13.39 13.39
C ASN A 210 -1.21 14.37 13.66
N TRP A 211 -2.18 13.96 14.44
CA TRP A 211 -3.33 14.81 14.78
C TRP A 211 -2.98 16.10 15.49
N LYS A 212 -1.86 16.15 16.20
CA LYS A 212 -1.52 17.29 17.04
C LYS A 212 -1.11 18.50 16.21
N PHE A 213 -0.54 18.26 15.04
CA PHE A 213 -0.25 19.35 14.10
C PHE A 213 -1.50 20.09 13.73
N ALA A 214 -2.56 19.35 13.42
CA ALA A 214 -3.78 19.95 12.97
C ALA A 214 -4.48 20.64 14.12
N ALA A 215 -4.62 19.93 15.24
CA ALA A 215 -5.20 20.49 16.45
C ALA A 215 -4.52 21.79 16.89
N GLU A 216 -3.18 21.77 16.93
CA GLU A 216 -2.42 22.95 17.31
C GLU A 216 -2.62 24.09 16.34
N GLN A 217 -2.61 23.78 15.04
CA GLN A 217 -2.74 24.85 14.06
C GLN A 217 -4.03 25.65 14.27
N PHE A 218 -5.13 24.96 14.51
CA PHE A 218 -6.42 25.60 14.63
C PHE A 218 -6.60 26.22 16.04
N CYS A 219 -5.80 25.74 16.99
CA CYS A 219 -5.75 26.25 18.36
C CYS A 219 -5.05 27.61 18.43
N SER A 220 -3.97 27.76 17.69
CA SER A 220 -2.96 28.75 18.01
C SER A 220 -2.28 29.44 16.86
N ASP A 221 -2.43 28.93 15.62
CA ASP A 221 -1.50 29.28 14.55
C ASP A 221 -2.09 30.21 13.48
N MET A 222 -2.34 31.46 13.84
CA MET A 222 -2.62 32.48 12.83
C MET A 222 -1.36 32.83 12.04
N TYR A 223 -0.20 32.75 12.68
CA TYR A 223 1.14 33.00 12.09
C TYR A 223 1.31 32.41 10.69
N HIS A 224 0.94 31.15 10.54
CA HIS A 224 1.14 30.45 9.27
C HIS A 224 0.32 31.14 8.16
N ALA A 225 -0.89 31.57 8.52
CA ALA A 225 -1.78 32.25 7.59
C ALA A 225 -1.38 33.72 7.35
N GLY A 226 -0.73 34.34 8.33
CA GLY A 226 -0.24 35.70 8.21
C GLY A 226 1.15 35.82 7.56
N THR A 227 1.76 34.68 7.22
CA THR A 227 3.06 34.64 6.57
C THR A 227 2.97 33.96 5.20
N THR A 228 3.52 32.74 5.05
CA THR A 228 3.73 32.13 3.73
C THR A 228 2.77 31.02 3.28
N SER A 229 2.13 30.32 4.21
CA SER A 229 1.40 29.11 3.85
C SER A 229 0.31 29.35 2.78
N HIS A 230 -0.36 30.51 2.86
CA HIS A 230 -1.54 30.81 2.04
C HIS A 230 -1.43 32.03 1.13
N LEU A 231 -0.22 32.41 0.73
CA LEU A 231 -0.04 33.50 -0.25
C LEU A 231 -0.82 33.17 -1.53
N SER A 232 -0.76 31.93 -1.99
CA SER A 232 -1.45 31.51 -3.20
C SER A 232 -2.97 31.49 -3.04
N GLY A 233 -3.45 31.11 -1.87
CA GLY A 233 -4.89 31.12 -1.59
C GLY A 233 -5.49 32.53 -1.54
N ILE A 234 -4.76 33.45 -0.92
CA ILE A 234 -5.14 34.86 -0.85
C ILE A 234 -5.19 35.45 -2.26
N LEU A 235 -4.16 35.18 -3.06
CA LEU A 235 -4.11 35.58 -4.45
C LEU A 235 -5.32 35.07 -5.25
N ALA A 236 -5.72 33.82 -4.99
CA ALA A 236 -6.84 33.21 -5.70
C ALA A 236 -8.17 33.91 -5.39
N GLY A 237 -8.28 34.56 -4.24
CA GLY A 237 -9.50 35.25 -3.85
C GLY A 237 -9.62 36.69 -4.30
N LEU A 238 -8.58 37.24 -4.94
CA LEU A 238 -8.58 38.63 -5.39
C LEU A 238 -8.55 38.71 -6.92
N PRO A 239 -9.03 39.84 -7.48
CA PRO A 239 -8.98 40.10 -8.93
C PRO A 239 -7.64 39.82 -9.65
N THR A 251 -2.62 42.56 11.19
CA THR A 251 -1.68 43.18 12.12
C THR A 251 -2.21 43.29 13.57
N GLU A 252 -3.48 43.68 13.73
CA GLU A 252 -4.08 43.74 15.06
C GLU A 252 -4.93 42.50 15.30
N GLY A 253 -4.87 41.99 16.51
CA GLY A 253 -5.68 40.86 16.91
C GLY A 253 -5.21 40.28 18.21
N ILE A 254 -5.93 39.30 18.72
CA ILE A 254 -5.57 38.65 19.95
C ILE A 254 -5.72 37.13 19.89
N GLN A 255 -5.17 36.48 20.90
CA GLN A 255 -5.22 35.04 21.01
C GLN A 255 -5.55 34.63 22.41
N TYR A 256 -6.50 33.71 22.51
CA TYR A 256 -6.96 33.15 23.76
C TYR A 256 -6.32 31.78 24.00
N ARG A 257 -5.74 31.62 25.18
CA ARG A 257 -5.37 30.32 25.72
C ARG A 257 -6.27 30.04 26.93
N ALA A 258 -6.89 28.87 26.94
CA ALA A 258 -7.75 28.49 28.04
C ALA A 258 -6.94 28.36 29.33
N THR A 259 -7.50 28.92 30.40
CA THR A 259 -6.93 28.86 31.74
C THR A 259 -6.55 27.43 32.04
N TRP A 260 -7.46 26.51 31.70
CA TRP A 260 -7.20 25.08 31.78
C TRP A 260 -7.98 24.39 30.68
N GLY A 261 -7.42 23.32 30.13
CA GLY A 261 -8.18 22.43 29.25
C GLY A 261 -7.67 22.30 27.83
N GLY A 262 -6.71 23.14 27.46
CA GLY A 262 -6.02 23.03 26.19
C GLY A 262 -6.69 23.69 25.01
N HIS A 263 -7.80 24.40 25.23
CA HIS A 263 -8.50 25.06 24.12
C HIS A 263 -7.75 26.31 23.75
N GLY A 264 -7.98 26.79 22.52
CA GLY A 264 -7.36 28.01 22.06
C GLY A 264 -8.11 28.63 20.91
N SER A 265 -8.01 29.94 20.78
CA SER A 265 -8.59 30.64 19.64
C SER A 265 -7.87 31.95 19.37
N GLY A 266 -7.72 32.31 18.10
CA GLY A 266 -7.19 33.60 17.75
C GLY A 266 -7.99 34.26 16.65
N PHE A 267 -7.87 35.57 16.54
CA PHE A 267 -8.60 36.33 15.53
C PHE A 267 -8.02 37.71 15.35
N TYR A 268 -8.13 38.21 14.13
CA TYR A 268 -7.83 39.58 13.82
C TYR A 268 -9.00 40.47 14.27
N ILE A 269 -8.70 41.74 14.57
CA ILE A 269 -9.70 42.74 14.95
C ILE A 269 -9.58 43.92 13.99
N GLY A 270 -10.67 44.24 13.28
CA GLY A 270 -10.76 45.48 12.50
C GLY A 270 -10.50 45.33 11.02
N ASP A 271 -9.46 44.58 10.65
CA ASP A 271 -8.99 44.51 9.26
C ASP A 271 -9.58 43.29 8.50
N PRO A 272 -10.43 43.53 7.48
CA PRO A 272 -11.09 42.44 6.74
C PRO A 272 -10.30 41.77 5.59
N ASN A 273 -9.00 42.00 5.45
CA ASN A 273 -8.26 41.50 4.29
C ASN A 273 -8.21 39.98 4.16
N LEU A 274 -7.91 39.27 5.26
CA LEU A 274 -7.90 37.80 5.22
C LEU A 274 -9.31 37.23 5.01
N LEU A 275 -10.32 37.81 5.66
CA LEU A 275 -11.71 37.34 5.54
C LEU A 275 -12.27 37.57 4.12
N LEU A 276 -11.99 38.74 3.56
CA LEU A 276 -12.41 39.09 2.20
C LEU A 276 -11.75 38.14 1.20
N ALA A 277 -10.49 37.84 1.45
CA ALA A 277 -9.69 37.04 0.53
C ALA A 277 -10.13 35.60 0.52
N ILE A 278 -10.58 35.11 1.69
CA ILE A 278 -11.06 33.75 1.85
C ILE A 278 -12.52 33.60 1.39
N MET A 279 -13.39 34.47 1.91
CA MET A 279 -14.85 34.27 1.82
C MET A 279 -15.58 35.22 0.86
N GLY A 280 -14.87 36.20 0.32
CA GLY A 280 -15.44 37.12 -0.65
C GLY A 280 -16.33 38.20 -0.05
N PRO A 281 -16.76 39.14 -0.87
CA PRO A 281 -17.50 40.34 -0.38
C PRO A 281 -18.86 40.08 0.25
N LYS A 282 -19.66 39.15 -0.27
CA LYS A 282 -21.01 38.93 0.27
C LYS A 282 -21.00 38.44 1.74
N VAL A 283 -20.17 37.44 2.04
CA VAL A 283 -20.02 36.93 3.40
C VAL A 283 -19.35 37.96 4.33
N THR A 284 -18.34 38.66 3.84
CA THR A 284 -17.67 39.67 4.65
C THR A 284 -18.65 40.76 5.12
N GLU A 285 -19.52 41.20 4.22
CA GLU A 285 -20.56 42.18 4.53
C GLU A 285 -21.61 41.64 5.52
N TYR A 286 -22.06 40.40 5.33
CA TYR A 286 -22.96 39.74 6.27
C TYR A 286 -22.37 39.59 7.67
N TRP A 287 -21.07 39.35 7.75
CA TRP A 287 -20.37 39.14 9.02
C TRP A 287 -20.09 40.43 9.79
N THR A 288 -20.07 41.58 9.09
CA THR A 288 -19.62 42.85 9.69
C THR A 288 -20.61 44.03 9.70
N GLN A 289 -21.63 44.00 8.85
CA GLN A 289 -22.54 45.14 8.63
C GLN A 289 -23.97 44.65 8.40
N GLY A 290 -24.96 45.45 8.83
CA GLY A 290 -26.35 45.17 8.51
C GLY A 290 -27.02 44.45 9.64
N PRO A 291 -28.30 44.10 9.48
CA PRO A 291 -29.10 43.55 10.58
C PRO A 291 -28.58 42.25 11.25
N ALA A 292 -28.03 41.30 10.49
CA ALA A 292 -27.59 40.04 11.10
C ALA A 292 -26.37 40.26 12.02
N ALA A 293 -25.42 41.06 11.57
CA ALA A 293 -24.21 41.37 12.34
C ALA A 293 -24.51 42.24 13.56
N GLU A 294 -25.45 43.17 13.41
CA GLU A 294 -25.88 44.00 14.54
C GLU A 294 -26.57 43.15 15.59
N LYS A 295 -27.34 42.14 15.17
CA LYS A 295 -27.97 41.23 16.11
C LYS A 295 -26.90 40.44 16.84
N ALA A 296 -25.84 40.06 16.13
CA ALA A 296 -24.74 39.33 16.75
C ALA A 296 -24.06 40.20 17.80
N SER A 297 -23.83 41.46 17.47
CA SER A 297 -23.24 42.39 18.40
C SER A 297 -24.09 42.51 19.67
N GLU A 298 -25.41 42.53 19.51
CA GLU A 298 -26.34 42.60 20.65
C GLU A 298 -26.26 41.37 21.54
N ARG A 299 -26.37 40.19 20.94
CA ARG A 299 -26.37 38.93 21.69
C ARG A 299 -25.02 38.66 22.40
N LEU A 300 -23.93 39.16 21.81
CA LEU A 300 -22.58 39.02 22.39
C LEU A 300 -22.16 40.22 23.25
N GLY A 301 -23.04 41.20 23.41
CA GLY A 301 -22.79 42.36 24.26
C GLY A 301 -21.59 43.18 23.85
N SER A 302 -21.26 43.18 22.56
CA SER A 302 -20.07 43.88 22.07
C SER A 302 -20.12 44.02 20.56
N THR A 303 -19.95 45.25 20.09
CA THR A 303 -19.82 45.56 18.67
C THR A 303 -18.51 45.02 18.08
N GLU A 304 -17.47 44.96 18.90
CA GLU A 304 -16.21 44.34 18.50
C GLU A 304 -16.36 42.83 18.26
N ARG A 305 -17.06 42.15 19.16
CA ARG A 305 -17.25 40.70 19.05
C ARG A 305 -18.11 40.35 17.84
N GLY A 306 -19.15 41.12 17.61
CA GLY A 306 -20.12 40.80 16.59
C GLY A 306 -19.70 41.21 15.20
N GLN A 307 -19.05 42.35 15.09
CA GLN A 307 -18.82 42.97 13.78
C GLN A 307 -17.38 43.24 13.42
N GLN A 308 -16.45 43.17 14.36
CA GLN A 308 -15.05 43.56 14.10
C GLN A 308 -14.03 42.42 14.24
N LEU A 309 -14.53 41.19 14.35
CA LEU A 309 -13.67 39.99 14.40
C LEU A 309 -13.57 39.43 13.00
N MET A 310 -12.34 39.19 12.56
CA MET A 310 -12.05 39.18 11.14
C MET A 310 -11.26 37.94 10.74
N ALA A 311 -11.96 36.80 10.67
CA ALA A 311 -11.35 35.47 10.60
C ALA A 311 -10.90 35.10 12.00
N GLN A 312 -11.35 33.94 12.44
CA GLN A 312 -11.05 33.41 13.76
C GLN A 312 -10.74 31.94 13.55
N HIS A 313 -9.80 31.42 14.34
CA HIS A 313 -9.54 29.98 14.38
C HIS A 313 -9.70 29.52 15.81
N MET A 314 -10.06 28.25 15.99
CA MET A 314 -10.27 27.69 17.32
C MET A 314 -10.18 26.18 17.32
N THR A 315 -9.63 25.66 18.41
CA THR A 315 -9.69 24.26 18.72
C THR A 315 -10.29 24.07 20.12
N ILE A 316 -11.23 23.12 20.21
CA ILE A 316 -11.64 22.54 21.48
C ILE A 316 -10.89 21.22 21.63
N PHE A 317 -9.99 21.18 22.61
CA PHE A 317 -9.12 20.05 22.85
C PHE A 317 -9.94 18.78 23.02
N PRO A 318 -9.48 17.66 22.47
CA PRO A 318 -8.25 17.56 21.65
C PRO A 318 -8.40 17.83 20.14
N THR A 319 -9.54 17.55 19.52
CA THR A 319 -9.61 17.41 18.06
C THR A 319 -10.85 18.03 17.38
N CYS A 320 -11.49 18.99 18.04
CA CYS A 320 -12.60 19.73 17.46
C CYS A 320 -12.07 21.10 17.03
N SER A 321 -12.13 21.40 15.74
CA SER A 321 -11.58 22.64 15.23
C SER A 321 -12.55 23.29 14.27
N PHE A 322 -12.55 24.62 14.25
CA PHE A 322 -13.45 25.39 13.40
C PHE A 322 -12.96 26.82 13.25
N LEU A 323 -13.47 27.50 12.24
CA LEU A 323 -13.03 28.86 11.92
C LEU A 323 -14.22 29.82 11.87
N PRO A 324 -14.59 30.39 13.01
CA PRO A 324 -15.77 31.29 13.04
C PRO A 324 -15.65 32.40 11.98
N GLY A 325 -16.70 32.60 11.21
CA GLY A 325 -16.72 33.51 10.08
C GLY A 325 -16.66 32.78 8.75
N ILE A 326 -15.68 31.89 8.62
CA ILE A 326 -15.60 30.99 7.48
C ILE A 326 -16.66 29.91 7.67
N ASN A 327 -16.76 29.43 8.91
CA ASN A 327 -17.78 28.49 9.35
C ASN A 327 -17.56 27.06 8.84
N THR A 328 -16.32 26.73 8.51
CA THR A 328 -15.95 25.32 8.41
C THR A 328 -15.71 24.78 9.83
N ILE A 329 -16.14 23.56 10.07
CA ILE A 329 -15.90 22.88 11.32
C ILE A 329 -15.53 21.42 11.01
N ARG A 330 -14.67 20.83 11.83
CA ARG A 330 -14.21 19.48 11.58
C ARG A 330 -13.74 18.76 12.83
N ALA A 331 -13.79 17.44 12.76
CA ALA A 331 -13.12 16.57 13.70
C ALA A 331 -11.92 15.97 12.99
N TRP A 332 -10.78 15.93 13.67
CA TRP A 332 -9.62 15.17 13.26
C TRP A 332 -9.74 13.83 13.93
N HIS A 333 -9.58 12.76 13.15
CA HIS A 333 -9.60 11.40 13.67
C HIS A 333 -8.19 10.80 13.54
N PRO A 334 -7.62 10.32 14.63
CA PRO A 334 -6.28 9.75 14.57
C PRO A 334 -6.31 8.36 13.94
N ARG A 335 -5.21 8.00 13.29
CA ARG A 335 -5.08 6.75 12.58
C ARG A 335 -3.64 6.27 12.75
N GLY A 336 -3.25 6.09 14.00
CA GLY A 336 -1.84 5.97 14.36
C GLY A 336 -1.18 7.34 14.46
N PRO A 337 0.08 7.35 14.89
CA PRO A 337 0.82 8.60 15.03
C PRO A 337 1.12 9.31 13.69
N ASN A 338 1.08 8.55 12.60
CA ASN A 338 1.49 9.02 11.29
C ASN A 338 0.35 9.34 10.32
N GLU A 339 -0.89 9.34 10.79
CA GLU A 339 -2.01 9.60 9.89
C GLU A 339 -3.22 10.13 10.64
N ILE A 340 -4.00 10.95 9.93
CA ILE A 340 -5.34 11.33 10.35
C ILE A 340 -6.35 11.29 9.20
N GLU A 341 -7.62 11.32 9.57
CA GLU A 341 -8.70 11.67 8.66
C GLU A 341 -9.26 13.01 9.12
N VAL A 342 -9.64 13.85 8.17
CA VAL A 342 -10.39 15.07 8.43
C VAL A 342 -11.82 14.83 7.95
N TRP A 343 -12.78 15.10 8.83
CA TRP A 343 -14.20 15.01 8.51
C TRP A 343 -14.76 16.43 8.74
N ALA A 344 -15.02 17.15 7.65
CA ALA A 344 -15.34 18.56 7.73
C ALA A 344 -16.70 18.85 7.15
N PHE A 345 -17.40 19.82 7.74
CA PHE A 345 -18.63 20.32 7.16
C PHE A 345 -18.79 21.81 7.48
N THR A 346 -19.84 22.40 6.94
CA THR A 346 -20.09 23.84 7.08
C THR A 346 -21.38 24.10 7.82
N VAL A 347 -21.32 25.07 8.74
CA VAL A 347 -22.49 25.56 9.45
C VAL A 347 -22.85 26.99 9.02
N VAL A 348 -24.16 27.25 8.95
CA VAL A 348 -24.72 28.56 8.67
C VAL A 348 -25.80 28.90 9.71
N ASP A 349 -26.03 30.19 9.91
CA ASP A 349 -27.16 30.65 10.70
C ASP A 349 -28.43 30.15 10.03
N ALA A 350 -29.34 29.57 10.82
CA ALA A 350 -30.52 28.91 10.28
C ALA A 350 -31.44 29.91 9.58
N ASP A 351 -31.44 31.15 10.06
CA ASP A 351 -32.27 32.22 9.53
C ASP A 351 -31.56 33.12 8.52
N ALA A 352 -30.36 32.74 8.06
CA ALA A 352 -29.69 33.47 6.98
C ALA A 352 -30.50 33.35 5.70
N PRO A 353 -30.52 34.40 4.88
CA PRO A 353 -31.12 34.29 3.53
C PRO A 353 -30.56 33.10 2.74
N GLU A 354 -31.33 32.54 1.82
CA GLU A 354 -30.91 31.36 1.05
C GLU A 354 -29.68 31.65 0.20
N GLU A 355 -29.56 32.88 -0.30
CA GLU A 355 -28.40 33.31 -1.08
C GLU A 355 -27.12 33.32 -0.19
N MET A 356 -27.27 33.67 1.09
CA MET A 356 -26.14 33.66 2.01
C MET A 356 -25.72 32.22 2.38
N LYS A 357 -26.69 31.33 2.56
CA LYS A 357 -26.37 29.93 2.86
C LYS A 357 -25.61 29.31 1.68
N GLU A 358 -26.08 29.61 0.47
CA GLU A 358 -25.45 29.15 -0.74
C GLU A 358 -24.03 29.71 -0.86
N GLU A 359 -23.86 31.00 -0.56
CA GLU A 359 -22.55 31.63 -0.67
C GLU A 359 -21.56 30.99 0.33
N TYR A 360 -22.03 30.68 1.53
CA TYR A 360 -21.22 29.97 2.52
C TYR A 360 -20.84 28.57 2.02
N ARG A 361 -21.77 27.90 1.37
CA ARG A 361 -21.53 26.56 0.83
C ARG A 361 -20.39 26.57 -0.19
N GLN A 362 -20.50 27.46 -1.16
CA GLN A 362 -19.55 27.54 -2.26
C GLN A 362 -18.19 28.04 -1.81
N GLN A 363 -18.17 29.04 -0.95
CA GLN A 363 -16.90 29.64 -0.52
C GLN A 363 -16.12 28.74 0.42
N THR A 364 -16.82 28.00 1.28
CA THR A 364 -16.14 27.05 2.17
C THR A 364 -15.49 25.94 1.36
N LEU A 365 -16.23 25.37 0.41
CA LEU A 365 -15.67 24.28 -0.39
C LEU A 365 -14.53 24.78 -1.28
N ARG A 366 -14.59 26.05 -1.69
CA ARG A 366 -13.56 26.67 -2.52
C ARG A 366 -12.24 26.86 -1.79
N THR A 367 -12.29 26.91 -0.45
CA THR A 367 -11.15 27.28 0.38
C THR A 367 -10.69 26.24 1.40
N PHE A 368 -11.60 25.79 2.28
CA PHE A 368 -11.20 24.92 3.40
C PHE A 368 -11.79 23.51 3.25
N SER A 369 -11.20 22.82 2.29
CA SER A 369 -11.58 21.47 1.87
C SER A 369 -10.38 20.83 1.18
N ALA A 370 -10.43 19.53 0.93
CA ALA A 370 -9.31 18.81 0.34
C ALA A 370 -8.76 19.49 -0.92
N GLY A 371 -9.66 19.95 -1.79
CA GLY A 371 -9.28 20.64 -3.01
C GLY A 371 -9.37 22.16 -2.93
N GLY A 372 -9.67 22.69 -1.75
CA GLY A 372 -9.78 24.13 -1.54
C GLY A 372 -8.46 24.88 -1.63
N VAL A 373 -8.53 26.15 -2.02
CA VAL A 373 -7.34 26.93 -2.37
C VAL A 373 -6.47 27.31 -1.16
N PHE A 374 -7.04 27.18 0.05
CA PHE A 374 -6.28 27.29 1.29
C PHE A 374 -5.76 25.94 1.74
N GLU A 375 -6.68 25.04 2.06
CA GLU A 375 -6.35 23.79 2.75
C GLU A 375 -5.54 22.76 1.94
N GLN A 376 -5.55 22.89 0.62
CA GLN A 376 -4.63 22.16 -0.27
C GLN A 376 -3.22 22.24 0.25
N ASP A 377 -2.84 23.46 0.65
CA ASP A 377 -1.50 23.74 1.12
C ASP A 377 -1.24 23.30 2.56
N ASP A 378 -2.22 23.42 3.46
CA ASP A 378 -2.02 22.92 4.83
C ASP A 378 -1.66 21.44 4.77
N GLY A 379 -2.37 20.67 3.94
CA GLY A 379 -2.13 19.23 3.80
C GLY A 379 -0.75 18.86 3.23
N GLU A 380 -0.24 19.71 2.34
CA GLU A 380 1.08 19.49 1.78
C GLU A 380 2.18 19.68 2.84
N ASN A 381 2.03 20.71 3.68
CA ASN A 381 3.01 20.99 4.72
C ASN A 381 3.05 19.83 5.71
N TRP A 382 1.89 19.48 6.27
CA TRP A 382 1.81 18.47 7.33
C TRP A 382 2.42 17.12 6.90
N VAL A 383 2.16 16.73 5.66
CA VAL A 383 2.62 15.46 5.15
C VAL A 383 4.16 15.42 5.10
N GLU A 384 4.76 16.53 4.72
CA GLU A 384 6.21 16.62 4.64
C GLU A 384 6.88 16.65 6.02
N ILE A 385 6.27 17.34 6.98
CA ILE A 385 6.76 17.28 8.37
C ILE A 385 6.87 15.84 8.86
N GLN A 386 5.78 15.09 8.71
CA GLN A 386 5.68 13.73 9.25
C GLN A 386 6.72 12.77 8.59
N GLN A 387 6.95 12.91 7.30
CA GLN A 387 7.92 12.06 6.57
C GLN A 387 9.37 12.33 6.99
N VAL A 388 9.67 13.59 7.25
CA VAL A 388 10.98 14.00 7.71
C VAL A 388 11.27 13.39 9.08
N LEU A 389 10.22 13.23 9.90
CA LEU A 389 10.31 12.65 11.25
C LEU A 389 10.60 11.14 11.28
N ARG A 390 10.62 10.46 10.14
CA ARG A 390 11.25 9.13 10.07
C ARG A 390 12.73 9.15 10.51
N GLY A 391 13.40 10.28 10.26
CA GLY A 391 14.80 10.40 10.58
C GLY A 391 15.11 10.42 12.07
N HIS A 392 16.22 9.78 12.41
CA HIS A 392 16.70 9.74 13.78
C HIS A 392 17.10 11.11 14.30
N LYS A 393 17.96 11.82 13.57
CA LYS A 393 18.38 13.15 13.98
C LYS A 393 17.21 14.13 13.94
N ALA A 394 16.27 13.92 13.01
CA ALA A 394 15.08 14.76 12.87
C ALA A 394 14.22 14.73 14.13
N ARG A 395 14.29 13.61 14.85
CA ARG A 395 13.58 13.42 16.12
C ARG A 395 14.42 13.72 17.37
N SER A 396 15.66 14.15 17.22
CA SER A 396 16.61 14.16 18.33
C SER A 396 16.84 15.53 18.98
N ARG A 397 16.17 16.55 18.46
CA ARG A 397 16.25 17.89 19.02
C ARG A 397 14.87 18.54 19.03
N PRO A 398 14.62 19.41 20.01
CA PRO A 398 13.28 19.97 20.17
C PRO A 398 12.89 20.98 19.08
N PHE A 399 11.58 21.09 18.84
CA PHE A 399 11.03 22.15 18.02
C PHE A 399 10.91 23.40 18.91
N ASN A 400 10.99 24.57 18.30
CA ASN A 400 10.94 25.83 19.03
C ASN A 400 9.49 26.26 19.18
N ALA A 401 9.04 26.30 20.42
CA ALA A 401 7.69 26.75 20.77
C ALA A 401 7.75 27.92 21.74
N GLU A 402 8.66 28.86 21.51
CA GLU A 402 8.86 30.01 22.39
C GLU A 402 8.17 31.30 21.94
N MET A 403 7.52 31.28 20.78
CA MET A 403 6.84 32.47 20.25
C MET A 403 5.91 33.09 21.29
N GLY A 404 6.10 34.37 21.59
CA GLY A 404 5.24 35.09 22.50
C GLY A 404 5.37 34.75 23.98
N LEU A 405 6.41 34.00 24.35
CA LEU A 405 6.62 33.61 25.76
C LEU A 405 6.60 34.84 26.68
N GLY A 406 5.83 34.73 27.77
CA GLY A 406 5.74 35.78 28.77
C GLY A 406 4.99 37.06 28.38
N GLN A 407 4.52 37.16 27.14
CA GLN A 407 3.80 38.35 26.66
C GLN A 407 2.30 38.06 26.70
N THR A 408 1.80 37.90 27.92
CA THR A 408 0.42 37.50 28.17
C THR A 408 -0.27 38.42 29.17
N ASP A 409 -1.59 38.35 29.15
CA ASP A 409 -2.46 39.11 30.06
C ASP A 409 -3.65 38.23 30.41
N SER A 410 -3.66 37.70 31.64
CA SER A 410 -4.77 36.87 32.09
C SER A 410 -5.83 37.65 32.89
N ASP A 411 -5.87 38.97 32.71
CA ASP A 411 -6.87 39.82 33.38
C ASP A 411 -7.30 40.92 32.43
N ASN A 412 -7.70 40.51 31.23
CA ASN A 412 -8.16 41.40 30.17
C ASN A 412 -9.63 41.61 30.46
N PRO A 413 -10.06 42.87 30.50
CA PRO A 413 -11.43 43.18 30.94
C PRO A 413 -12.51 42.65 29.99
N ASP A 414 -12.24 42.61 28.68
CA ASP A 414 -13.22 42.20 27.67
C ASP A 414 -13.17 40.73 27.24
N TYR A 415 -12.05 40.07 27.45
CA TYR A 415 -11.83 38.71 26.92
C TYR A 415 -11.29 37.81 28.01
N PRO A 416 -12.02 36.75 28.33
CA PRO A 416 -11.61 35.87 29.42
C PRO A 416 -10.46 34.98 28.99
N GLY A 417 -9.69 34.52 29.96
CA GLY A 417 -8.63 33.57 29.74
C GLY A 417 -7.29 34.25 29.73
N THR A 418 -6.31 33.55 29.18
CA THR A 418 -4.96 34.08 29.01
C THR A 418 -4.84 34.62 27.60
N ILE A 419 -4.63 35.94 27.50
CA ILE A 419 -4.73 36.68 26.26
C ILE A 419 -3.36 37.12 25.76
N SER A 420 -3.07 36.85 24.50
CA SER A 420 -1.81 37.22 23.88
C SER A 420 -2.12 38.01 22.61
N TYR A 421 -1.08 38.54 21.98
CA TYR A 421 -1.17 39.02 20.61
C TYR A 421 -1.55 37.82 19.72
N VAL A 422 -2.24 38.10 18.61
CA VAL A 422 -2.73 37.07 17.68
C VAL A 422 -1.60 36.17 17.13
N TYR A 423 -0.41 36.72 16.96
CA TYR A 423 0.76 35.92 16.59
C TYR A 423 1.48 35.51 17.86
N SER A 424 1.17 34.30 18.31
CA SER A 424 1.80 33.72 19.50
C SER A 424 1.65 32.21 19.48
N GLU A 425 2.39 31.53 20.35
CA GLU A 425 2.19 30.10 20.52
C GLU A 425 1.82 29.77 21.95
N GLU A 426 1.27 30.77 22.64
CA GLU A 426 0.79 30.59 24.01
C GLU A 426 -0.32 29.54 24.05
N ALA A 427 -1.30 29.66 23.16
CA ALA A 427 -2.38 28.69 23.09
C ALA A 427 -1.85 27.28 22.80
N ALA A 428 -0.84 27.18 21.93
CA ALA A 428 -0.23 25.91 21.55
C ALA A 428 0.44 25.31 22.76
N ARG A 429 1.18 26.13 23.51
CA ARG A 429 1.84 25.66 24.71
C ARG A 429 0.77 25.12 25.65
N GLY A 430 -0.37 25.82 25.72
CA GLY A 430 -1.48 25.35 26.52
C GLY A 430 -2.01 23.99 26.06
N LEU A 431 -2.08 23.81 24.75
CA LEU A 431 -2.55 22.55 24.18
C LEU A 431 -1.62 21.41 24.55
N TYR A 432 -0.31 21.63 24.41
CA TYR A 432 0.66 20.58 24.69
C TYR A 432 0.81 20.30 26.18
N THR A 433 0.58 21.32 27.00
CA THR A 433 0.52 21.15 28.45
C THR A 433 -0.70 20.30 28.85
N GLN A 434 -1.85 20.53 28.22
CA GLN A 434 -3.04 19.69 28.48
C GLN A 434 -2.81 18.26 28.00
N TRP A 435 -2.09 18.10 26.91
CA TRP A 435 -1.67 16.77 26.47
C TRP A 435 -0.88 16.06 27.58
N VAL A 436 0.13 16.74 28.12
CA VAL A 436 0.91 16.18 29.22
C VAL A 436 0.01 15.77 30.39
N ARG A 437 -0.86 16.68 30.80
CA ARG A 437 -1.74 16.45 31.94
C ARG A 437 -2.61 15.20 31.76
N MET A 438 -3.27 15.09 30.62
CA MET A 438 -4.11 13.92 30.35
C MET A 438 -3.27 12.65 30.23
N MET A 439 -2.08 12.77 29.63
CA MET A 439 -1.25 11.60 29.38
C MET A 439 -0.63 11.05 30.66
N THR A 440 -0.53 11.88 31.70
CA THR A 440 0.09 11.48 32.96
C THR A 440 -0.90 11.38 34.10
N SER A 441 -2.21 11.39 33.80
CA SER A 441 -3.26 11.22 34.81
C SER A 441 -3.95 9.89 34.58
N PRO A 442 -3.96 9.01 35.58
CA PRO A 442 -4.64 7.71 35.47
C PRO A 442 -6.17 7.77 35.47
N ASP A 443 -6.75 8.86 35.94
CA ASP A 443 -8.20 9.08 35.87
C ASP A 443 -8.52 10.57 35.97
N TRP A 444 -9.80 10.91 35.88
CA TRP A 444 -10.23 12.31 35.90
C TRP A 444 -10.04 12.98 37.27
N ALA A 445 -10.04 12.22 38.36
CA ALA A 445 -9.75 12.79 39.66
C ALA A 445 -8.31 13.32 39.68
N ALA A 446 -7.36 12.56 39.15
CA ALA A 446 -5.97 13.03 39.07
C ALA A 446 -5.85 14.27 38.14
N LEU A 447 -6.67 14.31 37.10
CA LEU A 447 -6.65 15.40 36.13
C LEU A 447 -7.24 16.69 36.72
N ASP A 448 -8.30 16.56 37.53
CA ASP A 448 -8.90 17.71 38.25
C ASP A 448 -7.92 18.30 39.26
N ALA A 449 -6.99 17.50 39.77
CA ALA A 449 -5.99 17.97 40.73
C ALA A 449 -4.92 18.87 40.10
N THR A 450 -4.82 18.87 38.78
CA THR A 450 -3.90 19.77 38.07
C THR A 450 -4.51 21.15 37.78
N ARG A 451 -5.78 21.35 38.09
CA ARG A 451 -6.47 22.62 37.80
C ARG A 451 -5.97 23.79 38.64
N PHE B 11 -28.05 9.34 -20.68
CA PHE B 11 -27.51 7.91 -20.68
C PHE B 11 -28.38 6.91 -19.93
N ARG B 12 -29.66 7.21 -19.87
CA ARG B 12 -30.65 6.28 -19.35
C ARG B 12 -30.83 5.09 -20.32
N THR B 13 -30.72 5.36 -21.61
CA THR B 13 -30.76 4.32 -22.63
C THR B 13 -29.45 4.33 -23.40
N LYS B 14 -29.16 3.23 -24.10
CA LYS B 14 -27.89 3.11 -24.80
C LYS B 14 -27.84 4.18 -25.86
N PRO B 15 -26.78 4.96 -25.89
CA PRO B 15 -26.60 5.98 -26.94
C PRO B 15 -26.73 5.40 -28.36
N ALA B 16 -27.43 6.12 -29.25
CA ALA B 16 -27.46 5.75 -30.67
C ALA B 16 -26.07 5.86 -31.30
N PRO B 17 -25.81 5.08 -32.35
CA PRO B 17 -24.56 5.22 -33.12
C PRO B 17 -24.36 6.67 -33.57
N VAL B 18 -23.10 7.10 -33.62
CA VAL B 18 -22.73 8.42 -34.10
C VAL B 18 -21.72 8.24 -35.20
N ASP B 19 -21.52 9.30 -35.99
CA ASP B 19 -20.54 9.28 -37.06
C ASP B 19 -19.13 9.09 -36.47
N PRO B 20 -18.31 8.22 -37.06
CA PRO B 20 -16.92 8.03 -36.63
C PRO B 20 -16.15 9.33 -36.46
N SER B 21 -16.35 10.29 -37.35
CA SER B 21 -15.69 11.58 -37.24
C SER B 21 -16.04 12.33 -35.97
N LEU B 22 -17.27 12.21 -35.51
CA LEU B 22 -17.67 12.88 -34.27
C LEU B 22 -17.02 12.19 -33.05
N GLN B 23 -17.11 10.86 -33.03
CA GLN B 23 -16.46 10.06 -32.00
C GLN B 23 -15.01 10.44 -31.90
N HIS B 24 -14.34 10.52 -33.05
CA HIS B 24 -12.91 10.81 -33.08
C HIS B 24 -12.59 12.22 -32.67
N GLU B 25 -13.45 13.14 -33.07
CA GLU B 25 -13.26 14.56 -32.73
C GLU B 25 -13.34 14.77 -31.22
N ILE B 26 -14.33 14.20 -30.57
CA ILE B 26 -14.43 14.50 -29.17
C ILE B 26 -13.44 13.67 -28.35
N GLU B 27 -13.06 12.49 -28.83
CA GLU B 27 -12.01 11.72 -28.18
C GLU B 27 -10.72 12.55 -28.21
N GLN B 28 -10.44 13.16 -29.38
CA GLN B 28 -9.27 14.01 -29.55
C GLN B 28 -9.29 15.24 -28.64
N PHE B 29 -10.47 15.80 -28.41
CA PHE B 29 -10.63 16.89 -27.46
C PHE B 29 -10.15 16.43 -26.06
N TYR B 30 -10.57 15.24 -25.65
CA TYR B 30 -10.19 14.69 -24.34
C TYR B 30 -8.73 14.29 -24.23
N TYR B 31 -8.16 13.78 -25.32
CA TYR B 31 -6.76 13.40 -25.31
C TYR B 31 -5.90 14.65 -25.24
N TRP B 32 -6.35 15.68 -25.94
CA TRP B 32 -5.65 16.96 -25.92
C TRP B 32 -5.81 17.64 -24.55
N GLU B 33 -7.00 17.57 -23.97
CA GLU B 33 -7.24 18.15 -22.66
C GLU B 33 -6.33 17.49 -21.63
N ALA B 34 -6.18 16.17 -21.74
CA ALA B 34 -5.36 15.41 -20.80
C ALA B 34 -3.90 15.83 -20.91
N LYS B 35 -3.44 16.06 -22.14
CA LYS B 35 -2.06 16.51 -22.34
C LYS B 35 -1.83 17.85 -21.68
N LEU B 36 -2.79 18.75 -21.80
CA LEU B 36 -2.65 20.07 -21.20
C LEU B 36 -2.54 19.96 -19.68
N LEU B 37 -3.39 19.12 -19.09
CA LEU B 37 -3.36 18.93 -17.66
C LEU B 37 -2.06 18.25 -17.23
N ASN B 38 -1.71 17.16 -17.90
CA ASN B 38 -0.54 16.37 -17.55
C ASN B 38 0.81 17.06 -17.80
N ASP B 39 0.84 18.01 -18.74
CA ASP B 39 2.05 18.78 -19.06
C ASP B 39 1.99 20.18 -18.45
N ARG B 40 1.03 20.42 -17.56
CA ARG B 40 0.93 21.67 -16.78
C ARG B 40 0.71 22.91 -17.61
N ARG B 41 0.02 22.76 -18.72
CA ARG B 41 -0.35 23.88 -19.56
C ARG B 41 -1.69 24.41 -19.08
N PHE B 42 -1.69 25.01 -17.90
CA PHE B 42 -2.96 25.29 -17.22
C PHE B 42 -3.70 26.46 -17.82
N GLN B 43 -3.01 27.46 -18.36
CA GLN B 43 -3.69 28.58 -18.99
C GLN B 43 -4.53 28.06 -20.15
N GLU B 44 -3.92 27.28 -21.04
CA GLU B 44 -4.64 26.67 -22.15
C GLU B 44 -5.79 25.80 -21.67
N TRP B 45 -5.61 25.07 -20.56
CA TRP B 45 -6.70 24.25 -20.05
C TRP B 45 -7.88 25.11 -19.58
N PHE B 46 -7.61 26.12 -18.75
CA PHE B 46 -8.66 27.02 -18.27
C PHE B 46 -9.39 27.71 -19.43
N ASP B 47 -8.69 27.96 -20.53
CA ASP B 47 -9.30 28.52 -21.74
C ASP B 47 -10.34 27.63 -22.42
N LEU B 48 -10.28 26.32 -22.16
CA LEU B 48 -11.33 25.41 -22.60
C LEU B 48 -12.66 25.65 -21.93
N LEU B 49 -12.65 26.29 -20.76
CA LEU B 49 -13.87 26.39 -19.95
C LEU B 49 -14.77 27.52 -20.45
N ALA B 50 -16.06 27.23 -20.60
CA ALA B 50 -17.05 28.22 -21.02
C ALA B 50 -17.32 29.21 -19.90
N GLU B 51 -17.77 30.42 -20.26
CA GLU B 51 -18.20 31.45 -19.30
C GLU B 51 -19.23 30.91 -18.31
N ASP B 52 -20.10 30.00 -18.77
CA ASP B 52 -21.13 29.38 -17.93
C ASP B 52 -20.72 28.01 -17.31
N ILE B 53 -19.42 27.75 -17.20
CA ILE B 53 -18.93 26.48 -16.63
C ILE B 53 -19.52 26.20 -15.24
N HIS B 54 -19.97 24.96 -15.06
CA HIS B 54 -20.29 24.40 -13.74
C HIS B 54 -19.39 23.14 -13.61
N TYR B 55 -18.40 23.21 -12.73
CA TYR B 55 -17.40 22.17 -12.53
C TYR B 55 -17.69 21.58 -11.16
N PHE B 56 -18.24 20.38 -11.16
CA PHE B 56 -18.95 19.83 -10.01
C PHE B 56 -18.41 18.43 -9.70
N MET B 57 -18.14 18.15 -8.43
CA MET B 57 -17.68 16.85 -7.98
C MET B 57 -18.32 16.54 -6.64
N PRO B 58 -19.48 15.88 -6.68
CA PRO B 58 -20.22 15.58 -5.46
C PRO B 58 -19.48 14.63 -4.53
N ILE B 59 -19.72 14.80 -3.24
CA ILE B 59 -19.31 13.88 -2.21
C ILE B 59 -20.15 12.62 -2.29
N ARG B 60 -19.46 11.49 -2.27
CA ARG B 60 -20.07 10.21 -2.45
C ARG B 60 -20.02 9.49 -1.11
N THR B 61 -21.13 8.85 -0.74
CA THR B 61 -21.23 8.14 0.52
C THR B 61 -21.58 6.69 0.29
N THR B 62 -21.41 5.91 1.34
CA THR B 62 -21.70 4.48 1.34
C THR B 62 -23.10 4.31 1.93
N ARG B 63 -23.99 3.70 1.17
CA ARG B 63 -25.38 3.52 1.56
C ARG B 63 -25.80 2.07 1.37
N ILE B 64 -26.77 1.61 2.15
CA ILE B 64 -27.45 0.35 1.83
C ILE B 64 -28.29 0.52 0.56
N MET B 65 -28.75 -0.59 -0.01
CA MET B 65 -29.56 -0.58 -1.24
C MET B 65 -30.75 0.40 -1.19
N ARG B 66 -31.64 0.26 -0.22
CA ARG B 66 -32.86 1.07 -0.25
C ARG B 66 -32.63 2.60 -0.07
N GLU B 67 -31.42 3.01 0.32
CA GLU B 67 -31.08 4.44 0.39
C GLU B 67 -29.99 4.94 -0.61
N THR B 68 -29.74 4.23 -1.70
CA THR B 68 -28.67 4.63 -2.64
C THR B 68 -28.99 5.84 -3.53
N ALA B 69 -30.18 6.41 -3.40
CA ALA B 69 -30.53 7.67 -4.04
C ALA B 69 -29.83 8.82 -3.32
N GLN B 70 -29.39 8.58 -2.10
CA GLN B 70 -28.60 9.53 -1.34
C GLN B 70 -27.09 9.28 -1.47
N GLU B 71 -26.68 8.45 -2.42
CA GLU B 71 -25.27 8.13 -2.62
C GLU B 71 -24.39 9.38 -2.82
N TYR B 72 -24.89 10.32 -3.63
CA TYR B 72 -24.17 11.52 -4.00
C TYR B 72 -24.84 12.74 -3.38
N SER B 73 -24.02 13.69 -2.94
CA SER B 73 -24.52 14.97 -2.48
C SER B 73 -25.31 15.67 -3.60
N GLY B 74 -26.36 16.39 -3.24
CA GLY B 74 -27.23 17.07 -4.18
C GLY B 74 -26.87 18.53 -4.37
N ALA B 75 -27.73 19.25 -5.06
CA ALA B 75 -27.41 20.55 -5.66
C ALA B 75 -27.15 21.67 -4.66
N ARG B 76 -27.82 21.64 -3.51
CA ARG B 76 -27.59 22.64 -2.47
C ARG B 76 -26.84 22.02 -1.29
N GLU B 77 -25.93 21.10 -1.57
CA GLU B 77 -25.20 20.39 -0.54
C GLU B 77 -23.69 20.50 -0.77
N TYR B 78 -22.93 20.23 0.29
CA TYR B 78 -21.48 20.39 0.26
C TYR B 78 -20.91 19.43 -0.78
N ALA B 79 -19.76 19.81 -1.36
CA ALA B 79 -19.09 19.01 -2.39
C ALA B 79 -17.57 19.20 -2.40
N HIS B 80 -16.87 18.31 -3.11
CA HIS B 80 -15.42 18.43 -3.29
C HIS B 80 -15.09 19.64 -4.20
N PHE B 81 -15.89 19.79 -5.25
CA PHE B 81 -15.85 20.95 -6.15
C PHE B 81 -17.30 21.27 -6.53
N ASP B 82 -17.59 22.57 -6.68
CA ASP B 82 -18.85 23.01 -7.24
C ASP B 82 -18.68 24.49 -7.64
N ASP B 83 -18.02 24.69 -8.77
CA ASP B 83 -17.41 25.95 -9.13
C ASP B 83 -17.98 26.56 -10.41
N ASN B 84 -18.02 27.89 -10.43
CA ASN B 84 -18.35 28.66 -11.63
C ASN B 84 -17.06 29.25 -12.21
N ALA B 85 -17.18 30.05 -13.27
CA ALA B 85 -16.02 30.63 -13.98
C ALA B 85 -15.14 31.52 -13.10
N GLN B 86 -15.76 32.29 -12.22
CA GLN B 86 -14.99 33.18 -11.36
C GLN B 86 -14.17 32.35 -10.36
N MET B 87 -14.79 31.32 -9.81
CA MET B 87 -14.11 30.44 -8.86
C MET B 87 -12.95 29.70 -9.54
N MET B 88 -13.20 29.15 -10.73
CA MET B 88 -12.15 28.50 -11.50
C MET B 88 -11.02 29.46 -11.89
N ARG B 89 -11.37 30.70 -12.23
CA ARG B 89 -10.32 31.69 -12.52
C ARG B 89 -9.38 31.91 -11.33
N GLY B 90 -9.92 31.92 -10.12
CA GLY B 90 -9.11 32.00 -8.91
C GLY B 90 -8.15 30.84 -8.79
N ARG B 91 -8.63 29.64 -9.10
CA ARG B 91 -7.79 28.44 -9.03
C ARG B 91 -6.63 28.51 -10.03
N LEU B 92 -6.89 29.08 -11.21
CA LEU B 92 -5.83 29.24 -12.20
C LEU B 92 -4.74 30.18 -11.66
N ARG B 93 -5.15 31.26 -11.01
CA ARG B 93 -4.21 32.18 -10.36
C ARG B 93 -3.31 31.44 -9.37
N LYS B 94 -3.91 30.60 -8.54
CA LYS B 94 -3.17 29.82 -7.55
C LYS B 94 -2.14 28.90 -8.22
N ILE B 95 -2.61 28.02 -9.09
CA ILE B 95 -1.77 26.96 -9.64
C ILE B 95 -0.60 27.44 -10.53
N THR B 96 -0.66 28.69 -11.00
CA THR B 96 0.42 29.30 -11.80
C THR B 96 1.24 30.26 -10.94
N SER B 97 1.38 29.90 -9.66
CA SER B 97 2.03 30.75 -8.69
C SER B 97 3.29 30.04 -8.23
N ASP B 98 4.40 30.79 -8.19
CA ASP B 98 5.62 30.30 -7.54
C ASP B 98 5.44 30.09 -6.02
N VAL B 99 4.33 30.56 -5.46
CA VAL B 99 4.07 30.42 -4.04
C VAL B 99 2.87 29.49 -3.73
N SER B 100 2.48 28.69 -4.71
CA SER B 100 1.44 27.68 -4.51
C SER B 100 2.09 26.35 -4.13
N TRP B 101 2.20 26.09 -2.83
CA TRP B 101 3.06 25.00 -2.34
C TRP B 101 2.56 23.61 -2.75
N SER B 102 1.25 23.39 -2.77
CA SER B 102 0.70 22.09 -3.16
C SER B 102 1.14 21.69 -4.59
N GLU B 103 1.37 22.67 -5.47
CA GLU B 103 1.81 22.42 -6.86
C GLU B 103 3.08 23.20 -7.30
N ASN B 104 3.99 23.42 -6.36
CA ASN B 104 5.36 23.86 -6.64
C ASN B 104 6.26 23.33 -5.52
N PRO B 105 6.98 22.23 -5.75
CA PRO B 105 7.00 21.51 -7.03
C PRO B 105 5.68 20.95 -7.48
N ALA B 106 5.52 20.80 -8.79
CA ALA B 106 4.28 20.33 -9.35
C ALA B 106 4.18 18.80 -9.26
N SER B 107 2.95 18.34 -9.06
CA SER B 107 2.62 16.94 -9.19
C SER B 107 2.82 16.44 -10.62
N ARG B 108 3.08 15.15 -10.75
CA ARG B 108 3.09 14.50 -12.04
C ARG B 108 1.79 13.71 -12.18
N THR B 109 0.97 14.13 -13.13
CA THR B 109 -0.32 13.51 -13.33
C THR B 109 -0.39 12.81 -14.67
N ARG B 110 -1.27 11.81 -14.74
CA ARG B 110 -1.64 11.14 -16.00
C ARG B 110 -3.14 10.88 -16.00
N HIS B 111 -3.79 11.30 -17.08
CA HIS B 111 -5.24 11.26 -17.24
C HIS B 111 -5.46 10.26 -18.36
N VAL B 112 -5.72 9.01 -17.99
CA VAL B 112 -5.99 7.96 -18.95
C VAL B 112 -7.49 7.93 -19.17
N ILE B 113 -7.91 8.29 -20.38
CA ILE B 113 -9.32 8.50 -20.71
C ILE B 113 -9.78 7.39 -21.60
N SER B 114 -10.94 6.83 -21.29
CA SER B 114 -11.56 5.85 -22.14
C SER B 114 -13.06 5.87 -22.03
N ASN B 115 -13.69 4.89 -22.69
CA ASN B 115 -15.12 4.67 -22.63
C ASN B 115 -15.96 5.87 -23.05
N VAL B 116 -15.55 6.60 -24.08
CA VAL B 116 -16.27 7.79 -24.53
C VAL B 116 -17.57 7.44 -25.26
N MET B 117 -18.69 7.86 -24.67
CA MET B 117 -20.04 7.70 -25.23
C MET B 117 -20.69 9.07 -25.40
N ILE B 118 -21.27 9.31 -26.57
CA ILE B 118 -21.74 10.64 -26.94
C ILE B 118 -23.23 10.61 -27.30
N VAL B 119 -23.96 11.59 -26.78
CA VAL B 119 -25.38 11.79 -27.08
C VAL B 119 -25.57 13.26 -27.46
N ASP B 120 -26.37 13.52 -28.51
CA ASP B 120 -26.64 14.88 -28.95
C ASP B 120 -27.30 15.63 -27.81
N GLY B 121 -26.94 16.90 -27.66
CA GLY B 121 -27.56 17.75 -26.66
C GLY B 121 -28.92 18.22 -27.13
N GLU B 122 -29.62 18.93 -26.25
CA GLU B 122 -30.96 19.44 -26.57
C GLU B 122 -30.86 20.71 -27.43
N LYS B 123 -29.73 21.42 -27.34
CA LYS B 123 -29.39 22.52 -28.24
C LYS B 123 -28.34 22.06 -29.25
N PRO B 124 -28.47 22.46 -30.53
CA PRO B 124 -27.41 22.21 -31.54
C PRO B 124 -26.04 22.80 -31.17
N GLY B 125 -24.98 22.12 -31.60
CA GLY B 125 -23.63 22.41 -31.15
C GLY B 125 -23.27 21.89 -29.75
N GLU B 126 -24.22 21.27 -29.03
CA GLU B 126 -23.96 20.71 -27.70
C GLU B 126 -24.10 19.18 -27.68
N TYR B 127 -23.26 18.55 -26.86
CA TYR B 127 -23.19 17.09 -26.71
C TYR B 127 -23.05 16.70 -25.24
N HIS B 128 -23.83 15.72 -24.82
CA HIS B 128 -23.65 15.06 -23.54
C HIS B 128 -22.63 13.95 -23.75
N VAL B 129 -21.64 13.87 -22.85
CA VAL B 129 -20.59 12.86 -22.97
C VAL B 129 -20.34 12.16 -21.64
N SER B 130 -20.37 10.84 -21.65
CA SER B 130 -19.87 10.05 -20.53
C SER B 130 -18.50 9.52 -20.91
N SER B 131 -17.55 9.64 -20.01
CA SER B 131 -16.25 8.99 -20.16
C SER B 131 -15.73 8.55 -18.80
N VAL B 132 -14.76 7.64 -18.78
CA VAL B 132 -14.15 7.16 -17.55
C VAL B 132 -12.69 7.52 -17.54
N PHE B 133 -12.10 7.47 -16.36
CA PHE B 133 -10.71 7.85 -16.19
C PHE B 133 -10.00 7.03 -15.13
N ILE B 134 -8.68 6.89 -15.33
CA ILE B 134 -7.74 6.70 -14.25
C ILE B 134 -6.90 7.96 -14.22
N VAL B 135 -6.86 8.61 -13.05
CA VAL B 135 -5.89 9.66 -12.79
C VAL B 135 -4.82 9.15 -11.82
N TYR B 136 -3.58 9.17 -12.30
CA TYR B 136 -2.41 8.75 -11.54
C TYR B 136 -1.66 10.02 -11.17
N ARG B 137 -1.52 10.26 -9.88
CA ARG B 137 -0.84 11.44 -9.41
C ARG B 137 0.32 11.01 -8.54
N ASN B 138 1.52 11.37 -8.97
CA ASN B 138 2.74 11.06 -8.26
C ASN B 138 3.43 12.38 -7.94
N ARG B 139 3.91 12.52 -6.72
CA ARG B 139 4.64 13.72 -6.40
C ARG B 139 5.71 13.51 -5.35
N LEU B 140 6.55 14.54 -5.26
CA LEU B 140 7.67 14.56 -4.33
C LEU B 140 8.50 13.31 -4.56
N GLU B 141 8.85 12.58 -3.52
CA GLU B 141 9.77 11.46 -3.72
C GLU B 141 9.04 10.22 -4.15
N ARG B 142 7.96 9.91 -3.43
CA ARG B 142 7.34 8.60 -3.49
C ARG B 142 5.82 8.59 -3.30
N GLN B 143 5.20 9.76 -3.29
CA GLN B 143 3.77 9.84 -3.07
C GLN B 143 3.02 9.42 -4.34
N LEU B 144 2.03 8.55 -4.16
CA LEU B 144 1.25 8.00 -5.27
C LEU B 144 -0.20 7.84 -4.87
N ASP B 145 -1.04 8.62 -5.54
CA ASP B 145 -2.50 8.52 -5.40
C ASP B 145 -3.09 8.10 -6.74
N ILE B 146 -3.93 7.08 -6.72
CA ILE B 146 -4.56 6.61 -7.92
C ILE B 146 -6.07 6.74 -7.73
N PHE B 147 -6.69 7.48 -8.66
CA PHE B 147 -8.11 7.80 -8.68
C PHE B 147 -8.80 7.19 -9.90
N ALA B 148 -10.08 6.87 -9.79
CA ALA B 148 -10.88 6.51 -10.95
C ALA B 148 -12.28 7.08 -10.83
N GLY B 149 -13.00 7.12 -11.93
CA GLY B 149 -14.32 7.70 -11.95
C GLY B 149 -14.92 7.87 -13.33
N GLU B 150 -16.10 8.47 -13.35
CA GLU B 150 -16.77 8.90 -14.55
C GLU B 150 -16.77 10.44 -14.61
N ARG B 151 -16.61 10.98 -15.82
CA ARG B 151 -16.86 12.38 -16.09
C ARG B 151 -18.07 12.51 -17.04
N LYS B 152 -19.12 13.16 -16.55
CA LYS B 152 -20.32 13.44 -17.33
C LYS B 152 -20.25 14.91 -17.76
N ASP B 153 -19.99 15.15 -19.04
CA ASP B 153 -19.77 16.49 -19.57
C ASP B 153 -20.89 16.97 -20.47
N ILE B 154 -20.98 18.29 -20.61
CA ILE B 154 -21.63 18.91 -21.75
C ILE B 154 -20.56 19.71 -22.46
N LEU B 155 -20.30 19.35 -23.71
CA LEU B 155 -19.35 20.07 -24.57
C LEU B 155 -20.15 20.90 -25.57
N ARG B 156 -19.69 22.11 -25.84
CA ARG B 156 -20.32 23.01 -26.82
C ARG B 156 -19.32 23.46 -27.88
N ARG B 157 -19.74 23.38 -29.15
CA ARG B 157 -18.91 23.80 -30.26
C ARG B 157 -18.57 25.26 -30.19
N THR B 158 -17.33 25.56 -30.53
CA THR B 158 -16.81 26.92 -30.63
C THR B 158 -15.98 27.00 -31.90
N GLY B 159 -15.58 28.20 -32.28
CA GLY B 159 -14.66 28.41 -33.39
C GLY B 159 -13.18 28.31 -33.03
N SER B 160 -12.85 27.91 -31.80
CA SER B 160 -11.45 27.80 -31.37
C SER B 160 -10.74 26.60 -32.02
N GLU B 161 -9.41 26.58 -31.95
CA GLU B 161 -8.63 25.41 -32.39
C GLU B 161 -9.04 24.13 -31.67
N ALA B 162 -9.35 24.24 -30.38
CA ALA B 162 -9.79 23.10 -29.58
C ALA B 162 -11.15 22.54 -30.03
N GLY B 163 -11.98 23.40 -30.63
CA GLY B 163 -13.22 23.01 -31.30
C GLY B 163 -14.44 23.00 -30.38
N PHE B 164 -14.21 22.86 -29.08
CA PHE B 164 -15.29 22.83 -28.09
C PHE B 164 -14.90 23.60 -26.85
N GLU B 165 -15.91 24.03 -26.11
CA GLU B 165 -15.69 24.50 -24.76
C GLU B 165 -16.42 23.55 -23.81
N LEU B 166 -15.91 23.48 -22.59
CA LEU B 166 -16.51 22.67 -21.55
C LEU B 166 -17.52 23.53 -20.84
N ALA B 167 -18.80 23.23 -21.05
CA ALA B 167 -19.88 23.99 -20.44
C ALA B 167 -20.26 23.44 -19.07
N LYS B 168 -20.13 22.13 -18.91
CA LYS B 168 -20.49 21.48 -17.65
C LYS B 168 -19.69 20.20 -17.47
N ARG B 169 -19.22 19.97 -16.24
CA ARG B 169 -18.61 18.69 -15.89
C ARG B 169 -19.05 18.25 -14.49
N THR B 170 -19.46 16.99 -14.40
CA THR B 170 -19.70 16.30 -13.14
C THR B 170 -18.75 15.14 -13.04
N ILE B 171 -17.87 15.17 -12.04
CA ILE B 171 -16.93 14.10 -11.77
C ILE B 171 -17.55 13.21 -10.70
N LEU B 172 -17.77 11.95 -11.06
CA LEU B 172 -18.26 10.94 -10.14
C LEU B 172 -17.09 10.07 -9.73
N ILE B 173 -16.57 10.31 -8.52
CA ILE B 173 -15.34 9.66 -8.08
C ILE B 173 -15.64 8.32 -7.41
N ASP B 174 -14.85 7.30 -7.71
CA ASP B 174 -15.01 5.99 -7.07
C ASP B 174 -14.30 5.91 -5.72
N GLN B 175 -14.62 6.89 -4.86
CA GLN B 175 -14.16 6.99 -3.49
C GLN B 175 -15.27 7.59 -2.62
N SER B 176 -15.35 7.16 -1.36
CA SER B 176 -16.18 7.84 -0.37
C SER B 176 -15.25 8.78 0.37
N THR B 177 -14.49 8.24 1.32
CA THR B 177 -13.40 8.96 1.91
C THR B 177 -12.37 9.15 0.81
N ILE B 178 -11.87 10.38 0.67
CA ILE B 178 -10.87 10.69 -0.35
C ILE B 178 -9.51 10.18 0.14
N LEU B 179 -8.91 9.30 -0.67
CA LEU B 179 -7.63 8.67 -0.37
C LEU B 179 -6.48 9.49 -0.95
N SER B 180 -6.45 10.76 -0.54
CA SER B 180 -5.40 11.68 -0.91
C SER B 180 -5.38 12.76 0.16
N ASN B 181 -4.20 13.30 0.45
CA ASN B 181 -4.09 14.41 1.37
C ASN B 181 -4.65 15.72 0.82
N ASN B 182 -4.84 15.80 -0.49
CA ASN B 182 -5.52 16.92 -1.13
C ASN B 182 -6.10 16.56 -2.51
N LEU B 183 -6.77 17.52 -3.13
CA LEU B 183 -7.23 17.43 -4.52
C LEU B 183 -6.74 18.69 -5.22
N SER B 184 -5.42 18.76 -5.41
CA SER B 184 -4.73 19.95 -5.86
C SER B 184 -4.62 20.07 -7.39
N PHE B 185 -5.18 19.12 -8.11
CA PHE B 185 -5.15 19.08 -9.57
C PHE B 185 -6.61 19.09 -10.08
N PHE B 186 -6.80 19.05 -11.41
CA PHE B 186 -8.14 19.03 -12.02
C PHE B 186 -8.41 17.72 -12.68
N PHE B 187 -9.65 17.27 -12.52
CA PHE B 187 -10.16 16.08 -13.20
C PHE B 187 -10.75 16.47 -14.54
N TRP C 17 4.55 -11.40 27.09
CA TRP C 17 3.35 -11.89 27.82
C TRP C 17 3.69 -13.05 28.73
N ALA C 18 3.42 -12.91 30.02
CA ALA C 18 3.54 -14.02 30.97
C ALA C 18 2.46 -15.09 30.69
N ASP C 19 2.76 -16.34 30.99
CA ASP C 19 1.80 -17.44 30.82
C ASP C 19 0.45 -17.16 31.48
N ALA C 20 0.46 -16.68 32.73
CA ALA C 20 -0.77 -16.46 33.48
C ALA C 20 -1.60 -15.31 32.90
N ASP C 21 -0.95 -14.35 32.28
CA ASP C 21 -1.65 -13.27 31.60
C ASP C 21 -2.35 -13.75 30.33
N ILE C 22 -1.74 -14.70 29.61
CA ILE C 22 -2.35 -15.24 28.40
C ILE C 22 -3.57 -16.08 28.76
N ALA C 23 -3.48 -16.87 29.84
CA ALA C 23 -4.59 -17.71 30.29
C ALA C 23 -5.86 -16.92 30.64
N GLU C 24 -5.67 -15.71 31.16
CA GLU C 24 -6.79 -14.82 31.48
C GLU C 24 -7.53 -14.29 30.24
N LEU C 25 -6.92 -14.39 29.07
CA LEU C 25 -7.55 -13.87 27.84
C LEU C 25 -8.73 -14.73 27.37
N VAL C 26 -8.79 -15.97 27.83
CA VAL C 26 -9.85 -16.90 27.46
C VAL C 26 -10.42 -17.58 28.71
N ASP C 27 -11.73 -17.70 28.76
CA ASP C 27 -12.43 -18.27 29.92
C ASP C 27 -13.55 -19.16 29.40
N GLU C 28 -13.27 -20.46 29.27
CA GLU C 28 -14.28 -21.38 28.76
C GLU C 28 -15.34 -21.72 29.83
N ARG C 29 -15.05 -21.40 31.09
CA ARG C 29 -16.01 -21.55 32.21
C ARG C 29 -17.18 -20.56 32.09
N THR C 30 -16.86 -19.28 31.93
CA THR C 30 -17.86 -18.21 31.82
C THR C 30 -18.23 -17.88 30.36
N GLY C 31 -17.41 -18.31 29.41
CA GLY C 31 -17.61 -17.99 28.01
C GLY C 31 -17.21 -16.55 27.67
N ARG C 32 -15.92 -16.26 27.73
CA ARG C 32 -15.39 -14.91 27.49
C ARG C 32 -14.10 -14.97 26.69
N LEU C 33 -14.00 -14.11 25.68
CA LEU C 33 -12.80 -14.00 24.85
C LEU C 33 -12.31 -12.55 24.86
N ASP C 34 -11.06 -12.33 25.23
CA ASP C 34 -10.48 -11.00 25.18
C ASP C 34 -10.09 -10.70 23.73
N PRO C 35 -10.64 -9.64 23.12
CA PRO C 35 -10.39 -9.37 21.68
C PRO C 35 -8.93 -9.10 21.30
N ARG C 36 -8.08 -8.79 22.27
CA ARG C 36 -6.66 -8.58 22.00
C ARG C 36 -5.94 -9.81 21.46
N ILE C 37 -6.52 -10.99 21.63
CA ILE C 37 -5.95 -12.20 21.04
C ILE C 37 -5.90 -12.11 19.51
N TYR C 38 -6.80 -11.33 18.92
CA TYR C 38 -6.87 -11.14 17.47
C TYR C 38 -6.00 -10.00 16.91
N THR C 39 -5.36 -9.20 17.77
CA THR C 39 -4.63 -7.97 17.36
C THR C 39 -3.19 -7.83 17.87
N ASP C 40 -2.90 -8.41 19.03
CA ASP C 40 -1.61 -8.17 19.67
C ASP C 40 -0.47 -8.83 18.87
N GLU C 41 0.55 -8.04 18.55
CA GLU C 41 1.69 -8.50 17.73
C GLU C 41 2.64 -9.42 18.52
N ALA C 42 2.74 -9.19 19.83
CA ALA C 42 3.54 -10.07 20.69
C ALA C 42 2.93 -11.46 20.76
N LEU C 43 1.62 -11.52 21.01
CA LEU C 43 0.91 -12.80 20.94
C LEU C 43 1.10 -13.47 19.59
N TYR C 44 1.03 -12.68 18.51
CA TYR C 44 1.13 -13.25 17.17
C TYR C 44 2.45 -13.98 16.95
N GLU C 45 3.52 -13.31 17.34
CA GLU C 45 4.87 -13.83 17.19
C GLU C 45 5.03 -15.09 18.09
N GLN C 46 4.41 -15.08 19.26
CA GLN C 46 4.40 -16.28 20.10
C GLN C 46 3.55 -17.40 19.47
N GLU C 47 2.49 -17.07 18.75
CA GLU C 47 1.71 -18.05 18.00
C GLU C 47 2.57 -18.73 16.93
N LEU C 48 3.45 -17.99 16.27
CA LEU C 48 4.29 -18.58 15.24
C LEU C 48 5.23 -19.61 15.85
N GLU C 49 5.74 -19.32 17.05
CA GLU C 49 6.65 -20.24 17.75
C GLU C 49 5.93 -21.45 18.28
N ARG C 50 4.83 -21.21 18.98
CA ARG C 50 4.25 -22.19 19.89
C ARG C 50 3.05 -22.92 19.31
N ILE C 51 2.46 -22.36 18.26
CA ILE C 51 1.38 -23.03 17.52
C ILE C 51 1.86 -23.53 16.17
N PHE C 52 2.20 -22.62 15.25
CA PHE C 52 2.58 -23.02 13.89
C PHE C 52 3.90 -23.76 13.85
N GLY C 53 4.76 -23.47 14.82
CA GLY C 53 6.06 -24.12 14.94
C GLY C 53 6.01 -25.58 15.38
N ARG C 54 4.87 -26.02 15.92
CA ARG C 54 4.76 -27.39 16.42
C ARG C 54 3.40 -28.07 16.26
N SER C 55 2.57 -27.58 15.34
CA SER C 55 1.31 -28.23 15.06
C SER C 55 1.40 -28.98 13.74
N TRP C 56 0.45 -29.86 13.48
CA TRP C 56 0.34 -30.45 12.16
C TRP C 56 -0.51 -29.51 11.30
N LEU C 57 0.04 -29.13 10.15
CA LEU C 57 -0.58 -28.18 9.23
C LEU C 57 -0.78 -28.79 7.86
N LEU C 58 -1.93 -28.51 7.24
CA LEU C 58 -2.26 -29.03 5.91
C LEU C 58 -1.37 -28.49 4.80
N MET C 59 -0.80 -29.43 4.05
CA MET C 59 0.05 -29.14 2.90
C MET C 59 -0.67 -29.38 1.58
N GLY C 60 -1.78 -30.09 1.63
CA GLY C 60 -2.56 -30.41 0.45
C GLY C 60 -3.01 -31.88 0.41
N HIS C 61 -3.00 -32.44 -0.80
CA HIS C 61 -3.47 -33.79 -1.08
C HIS C 61 -2.39 -34.55 -1.87
N GLU C 62 -2.21 -35.84 -1.59
CA GLU C 62 -1.25 -36.71 -2.29
C GLU C 62 -1.36 -36.63 -3.81
N THR C 63 -2.59 -36.63 -4.30
CA THR C 63 -2.85 -36.57 -5.76
C THR C 63 -2.53 -35.22 -6.43
N GLN C 64 -2.25 -34.17 -5.66
CA GLN C 64 -1.70 -32.94 -6.28
C GLN C 64 -0.23 -33.11 -6.74
N ILE C 65 0.50 -34.06 -6.15
CA ILE C 65 1.90 -34.31 -6.53
C ILE C 65 2.18 -35.81 -6.70
N PRO C 66 1.55 -36.44 -7.70
CA PRO C 66 1.57 -37.91 -7.81
C PRO C 66 2.89 -38.50 -8.32
N LYS C 67 3.59 -37.81 -9.21
CA LYS C 67 4.81 -38.35 -9.83
C LYS C 67 6.10 -37.88 -9.16
N ALA C 68 7.12 -38.72 -9.28
CA ALA C 68 8.49 -38.36 -8.90
C ALA C 68 8.89 -36.97 -9.40
N GLY C 69 9.39 -36.13 -8.49
CA GLY C 69 9.79 -34.77 -8.84
C GLY C 69 8.68 -33.71 -8.86
N ASP C 70 7.44 -34.12 -8.67
CA ASP C 70 6.33 -33.19 -8.61
C ASP C 70 6.41 -32.42 -7.30
N PHE C 71 6.25 -31.10 -7.39
CA PHE C 71 6.32 -30.24 -6.21
C PHE C 71 5.26 -29.19 -6.25
N MET C 72 4.96 -28.68 -5.06
CA MET C 72 4.13 -27.49 -4.92
C MET C 72 4.62 -26.76 -3.69
N THR C 73 4.53 -25.42 -3.70
CA THR C 73 4.88 -24.64 -2.53
C THR C 73 3.71 -24.60 -1.57
N ASN C 74 4.00 -24.23 -0.33
CA ASN C 74 2.99 -24.01 0.67
C ASN C 74 3.58 -23.21 1.83
N TYR C 75 2.79 -23.01 2.89
CA TYR C 75 3.22 -22.29 4.08
C TYR C 75 2.95 -23.04 5.38
N MET C 76 3.90 -22.93 6.30
CA MET C 76 3.73 -23.28 7.69
C MET C 76 3.91 -21.99 8.47
N GLY C 77 2.80 -21.35 8.79
CA GLY C 77 2.82 -20.00 9.33
C GLY C 77 3.27 -19.04 8.23
N GLU C 78 4.36 -18.31 8.46
CA GLU C 78 4.97 -17.49 7.42
C GLU C 78 6.28 -18.05 6.90
N ASP C 79 6.55 -19.31 7.19
CA ASP C 79 7.67 -20.02 6.58
C ASP C 79 7.23 -20.68 5.28
N PRO C 80 7.84 -20.29 4.16
CA PRO C 80 7.52 -20.93 2.88
C PRO C 80 8.19 -22.29 2.82
N VAL C 81 7.49 -23.29 2.27
CA VAL C 81 8.01 -24.65 2.19
C VAL C 81 7.79 -25.24 0.81
N MET C 82 8.62 -26.22 0.47
CA MET C 82 8.48 -27.03 -0.72
C MET C 82 7.92 -28.37 -0.27
N VAL C 83 6.88 -28.84 -0.95
CA VAL C 83 6.26 -30.15 -0.75
C VAL C 83 6.58 -30.95 -2.02
N VAL C 84 7.44 -31.95 -1.92
CA VAL C 84 8.04 -32.60 -3.08
C VAL C 84 7.95 -34.15 -3.03
N ARG C 85 7.43 -34.76 -4.09
CA ARG C 85 7.42 -36.21 -4.23
C ARG C 85 8.80 -36.72 -4.63
N GLN C 86 9.35 -37.61 -3.83
CA GLN C 86 10.66 -38.25 -4.08
C GLN C 86 10.51 -39.45 -5.01
N LYS C 87 11.63 -40.01 -5.40
CA LYS C 87 11.68 -41.18 -6.27
C LYS C 87 11.10 -42.46 -5.62
N ASN C 88 11.14 -42.54 -4.29
CA ASN C 88 10.66 -43.70 -3.53
C ASN C 88 9.21 -43.57 -3.02
N GLY C 89 8.46 -42.61 -3.59
CA GLY C 89 7.08 -42.35 -3.18
C GLY C 89 6.93 -41.38 -2.04
N GLU C 90 7.99 -41.17 -1.26
CA GLU C 90 7.95 -40.30 -0.08
C GLU C 90 7.58 -38.86 -0.43
N ILE C 91 6.89 -38.19 0.49
CA ILE C 91 6.63 -36.77 0.40
C ILE C 91 7.49 -36.05 1.45
N ARG C 92 8.35 -35.16 0.98
CA ARG C 92 9.15 -34.33 1.85
C ARG C 92 8.63 -32.91 1.89
N VAL C 93 8.75 -32.31 3.07
CA VAL C 93 8.49 -30.89 3.23
C VAL C 93 9.70 -30.25 3.85
N PHE C 94 10.22 -29.24 3.17
CA PHE C 94 11.41 -28.54 3.62
C PHE C 94 11.32 -27.03 3.38
N LEU C 95 11.94 -26.27 4.27
CA LEU C 95 11.93 -24.80 4.24
C LEU C 95 12.44 -24.34 2.89
N ASN C 96 11.73 -23.44 2.22
CA ASN C 96 12.12 -22.91 0.90
C ASN C 96 13.11 -21.76 1.08
N GLN C 97 14.26 -22.08 1.68
CA GLN C 97 15.26 -21.09 2.05
C GLN C 97 16.66 -21.71 2.02
N CYS C 98 17.54 -21.17 1.19
CA CYS C 98 18.93 -21.60 1.12
C CYS C 98 19.61 -21.13 2.40
N ARG C 99 20.38 -22.02 3.03
CA ARG C 99 21.06 -21.70 4.28
C ARG C 99 22.27 -20.79 4.12
N HIS C 100 22.67 -20.53 2.88
CA HIS C 100 23.83 -19.70 2.63
C HIS C 100 23.57 -18.24 2.99
N ARG C 101 22.64 -17.61 2.26
CA ARG C 101 22.17 -16.24 2.52
C ARG C 101 20.67 -16.05 2.36
N GLY C 102 19.90 -17.13 2.48
CA GLY C 102 18.46 -17.03 2.67
C GLY C 102 17.63 -16.97 1.41
N MET C 103 18.22 -17.18 0.24
CA MET C 103 17.48 -17.05 -1.02
C MET C 103 16.39 -18.11 -1.13
N ARG C 104 15.27 -17.74 -1.72
CA ARG C 104 14.20 -18.72 -1.94
C ARG C 104 14.75 -19.76 -2.93
N ILE C 105 14.72 -21.03 -2.55
CA ILE C 105 15.31 -22.08 -3.39
C ILE C 105 14.53 -22.25 -4.70
N CYS C 106 13.20 -22.21 -4.67
CA CYS C 106 12.38 -22.30 -5.89
C CYS C 106 11.28 -21.25 -5.85
N ARG C 107 11.16 -20.48 -6.93
CA ARG C 107 10.24 -19.35 -6.97
C ARG C 107 8.93 -19.67 -7.68
N ALA C 108 8.84 -20.85 -8.31
CA ALA C 108 7.61 -21.32 -8.92
C ALA C 108 6.65 -21.93 -7.91
N ASP C 109 5.36 -21.92 -8.25
CA ASP C 109 4.31 -22.47 -7.36
C ASP C 109 4.29 -23.98 -7.37
N GLY C 110 4.70 -24.55 -8.49
CA GLY C 110 4.62 -25.97 -8.69
C GLY C 110 5.18 -26.38 -10.04
N GLY C 111 5.31 -27.69 -10.22
CA GLY C 111 5.86 -28.24 -11.44
C GLY C 111 6.48 -29.59 -11.19
N ASN C 112 7.43 -29.95 -12.04
CA ASN C 112 8.22 -31.16 -11.90
C ASN C 112 9.69 -30.84 -12.05
N ALA C 113 10.51 -31.24 -11.09
CA ALA C 113 11.95 -31.04 -11.19
C ALA C 113 12.76 -32.29 -10.86
N LYS C 114 13.99 -32.33 -11.39
CA LYS C 114 14.98 -33.36 -11.09
C LYS C 114 15.97 -32.83 -10.05
N SER C 115 15.96 -31.51 -9.84
CA SER C 115 16.78 -30.87 -8.82
C SER C 115 16.34 -29.41 -8.63
N PHE C 116 16.89 -28.76 -7.61
CA PHE C 116 16.65 -27.33 -7.38
C PHE C 116 17.97 -26.62 -7.16
N THR C 117 18.20 -25.54 -7.90
CA THR C 117 19.42 -24.75 -7.77
C THR C 117 19.07 -23.34 -7.27
N CYS C 118 19.76 -22.92 -6.21
CA CYS C 118 19.66 -21.55 -5.73
C CYS C 118 20.18 -20.61 -6.79
N SER C 119 19.37 -19.63 -7.15
CA SER C 119 19.76 -18.67 -8.20
C SER C 119 20.83 -17.64 -7.75
N TYR C 120 21.06 -17.49 -6.45
CA TYR C 120 22.01 -16.47 -5.96
C TYR C 120 23.50 -16.89 -6.14
N HIS C 121 23.91 -17.98 -5.49
CA HIS C 121 25.29 -18.46 -5.60
C HIS C 121 25.39 -19.93 -6.06
N GLY C 122 24.31 -20.50 -6.58
CA GLY C 122 24.36 -21.82 -7.20
C GLY C 122 24.52 -23.03 -6.30
N TRP C 123 24.25 -22.91 -5.01
CA TRP C 123 24.15 -24.11 -4.19
C TRP C 123 23.02 -24.95 -4.77
N ALA C 124 23.29 -26.25 -4.98
CA ALA C 124 22.40 -27.17 -5.69
C ALA C 124 21.86 -28.25 -4.74
N TYR C 125 20.59 -28.60 -4.93
CA TYR C 125 19.85 -29.45 -4.02
C TYR C 125 19.21 -30.58 -4.82
N ASP C 126 19.06 -31.76 -4.24
CA ASP C 126 18.28 -32.80 -4.90
C ASP C 126 16.80 -32.53 -4.60
N THR C 127 15.89 -33.36 -5.10
CA THR C 127 14.46 -33.14 -4.88
C THR C 127 14.05 -33.33 -3.41
N GLY C 128 14.92 -33.97 -2.62
CA GLY C 128 14.67 -34.14 -1.18
C GLY C 128 15.11 -32.98 -0.29
N GLY C 129 15.65 -31.92 -0.89
CA GLY C 129 16.18 -30.80 -0.15
C GLY C 129 17.59 -30.98 0.44
N ASN C 130 18.28 -32.06 0.07
CA ASN C 130 19.68 -32.22 0.48
C ASN C 130 20.57 -31.30 -0.35
N LEU C 131 21.50 -30.63 0.30
CA LEU C 131 22.53 -29.88 -0.40
C LEU C 131 23.54 -30.87 -1.02
N VAL C 132 23.61 -30.94 -2.34
CA VAL C 132 24.48 -31.93 -3.01
C VAL C 132 25.72 -31.37 -3.71
N SER C 133 25.72 -30.08 -4.06
CA SER C 133 26.97 -29.42 -4.44
C SER C 133 26.96 -27.94 -4.17
N VAL C 134 28.17 -27.40 -4.07
CA VAL C 134 28.43 -26.00 -3.79
C VAL C 134 29.53 -25.58 -4.77
N PRO C 135 29.31 -24.56 -5.61
CA PRO C 135 30.35 -24.13 -6.56
C PRO C 135 31.67 -23.79 -5.84
N PHE C 136 32.78 -24.21 -6.45
CA PHE C 136 34.11 -23.97 -5.91
C PHE C 136 34.29 -24.54 -4.49
N GLU C 137 33.65 -25.66 -4.20
CA GLU C 137 33.70 -26.25 -2.85
C GLU C 137 35.12 -26.55 -2.39
N GLU C 138 35.95 -27.05 -3.32
CA GLU C 138 37.28 -27.51 -2.97
C GLU C 138 38.18 -26.36 -2.46
N GLN C 139 38.23 -25.26 -3.20
CA GLN C 139 39.08 -24.12 -2.82
C GLN C 139 38.52 -23.29 -1.64
N ALA C 140 37.22 -22.97 -1.65
CA ALA C 140 36.61 -22.02 -0.71
C ALA C 140 35.86 -22.63 0.48
N PHE C 141 35.46 -23.90 0.39
CA PHE C 141 34.75 -24.56 1.49
C PHE C 141 35.42 -25.89 1.88
N PRO C 142 36.72 -25.86 2.21
CA PRO C 142 37.48 -27.11 2.43
C PRO C 142 36.83 -28.07 3.40
N GLY C 143 36.39 -27.59 4.56
CA GLY C 143 35.82 -28.45 5.58
C GLY C 143 34.35 -28.83 5.38
N LEU C 144 33.59 -27.94 4.75
CA LEU C 144 32.12 -28.06 4.62
C LEU C 144 31.55 -29.48 4.61
N ARG C 145 30.63 -29.74 5.54
CA ARG C 145 29.81 -30.94 5.53
C ARG C 145 28.43 -30.61 4.95
N LYS C 146 28.21 -30.94 3.69
CA LYS C 146 26.96 -30.56 2.99
C LYS C 146 25.72 -31.18 3.65
N GLU C 147 25.88 -32.35 4.26
CA GLU C 147 24.78 -33.04 4.92
C GLU C 147 24.22 -32.29 6.15
N ASP C 148 24.95 -31.30 6.67
CA ASP C 148 24.50 -30.48 7.81
C ASP C 148 23.93 -29.12 7.40
N TRP C 149 23.97 -28.77 6.12
CA TRP C 149 23.66 -27.41 5.67
C TRP C 149 22.50 -27.28 4.68
N GLY C 150 21.65 -28.31 4.63
CA GLY C 150 20.40 -28.25 3.89
C GLY C 150 19.27 -27.59 4.67
N PRO C 151 18.22 -27.17 3.97
CA PRO C 151 17.09 -26.53 4.63
C PRO C 151 16.38 -27.43 5.64
N LEU C 152 15.74 -26.79 6.62
CA LEU C 152 15.05 -27.51 7.69
C LEU C 152 13.97 -28.37 7.07
N GLN C 153 13.89 -29.60 7.56
CA GLN C 153 12.95 -30.62 7.13
C GLN C 153 11.82 -30.72 8.14
N ALA C 154 10.59 -30.77 7.65
CA ALA C 154 9.44 -31.06 8.49
C ALA C 154 9.10 -32.55 8.45
N ARG C 155 8.50 -33.02 9.52
CA ARG C 155 7.84 -34.31 9.53
C ARG C 155 6.64 -34.24 8.61
N VAL C 156 6.45 -35.31 7.84
CA VAL C 156 5.32 -35.43 6.93
C VAL C 156 4.59 -36.73 7.18
N GLU C 157 3.28 -36.64 7.43
CA GLU C 157 2.40 -37.79 7.52
C GLU C 157 1.08 -37.49 6.81
N THR C 158 0.47 -38.52 6.22
CA THR C 158 -0.80 -38.35 5.56
C THR C 158 -1.93 -38.94 6.41
N TYR C 159 -3.13 -38.44 6.16
CA TYR C 159 -4.34 -39.10 6.61
C TYR C 159 -5.33 -39.14 5.45
N LYS C 160 -5.50 -40.33 4.89
CA LYS C 160 -6.49 -40.63 3.85
C LYS C 160 -6.48 -39.61 2.71
N GLY C 161 -5.28 -39.35 2.22
CA GLY C 161 -5.07 -38.49 1.07
C GLY C 161 -4.51 -37.13 1.44
N LEU C 162 -4.90 -36.62 2.60
CA LEU C 162 -4.42 -35.33 3.07
C LEU C 162 -2.98 -35.39 3.60
N ILE C 163 -2.14 -34.46 3.16
CA ILE C 163 -0.78 -34.31 3.66
C ILE C 163 -0.72 -33.24 4.73
N PHE C 164 -0.19 -33.60 5.90
CA PHE C 164 0.17 -32.67 6.96
C PHE C 164 1.69 -32.66 7.22
N ALA C 165 2.19 -31.54 7.74
CA ALA C 165 3.57 -31.40 8.17
C ALA C 165 3.68 -30.73 9.54
N ASN C 166 4.78 -31.03 10.23
CA ASN C 166 5.04 -30.50 11.56
C ASN C 166 6.55 -30.48 11.76
N TRP C 167 7.10 -29.35 12.19
CA TRP C 167 8.54 -29.23 12.38
C TRP C 167 9.08 -30.01 13.59
N ASP C 168 8.22 -30.25 14.56
CA ASP C 168 8.64 -30.64 15.91
C ASP C 168 8.73 -32.17 16.07
N ALA C 169 9.95 -32.67 16.28
CA ALA C 169 10.23 -34.11 16.53
C ALA C 169 9.47 -34.70 17.73
N ASP C 170 9.15 -33.87 18.71
CA ASP C 170 8.50 -34.32 19.94
C ASP C 170 6.98 -34.18 19.92
N ALA C 171 6.41 -33.68 18.83
CA ALA C 171 4.95 -33.68 18.68
C ALA C 171 4.46 -35.13 18.56
N PRO C 172 3.22 -35.36 18.93
CA PRO C 172 2.62 -36.67 18.68
C PRO C 172 2.55 -36.86 17.17
N ASP C 173 2.44 -38.11 16.71
CA ASP C 173 2.29 -38.37 15.28
C ASP C 173 0.92 -37.90 14.86
N LEU C 174 0.68 -37.85 13.55
CA LEU C 174 -0.54 -37.25 13.03
C LEU C 174 -1.76 -37.98 13.56
N ASP C 175 -1.69 -39.30 13.64
CA ASP C 175 -2.84 -40.09 14.05
C ASP C 175 -3.30 -39.76 15.48
N THR C 176 -2.34 -39.66 16.39
CA THR C 176 -2.59 -39.21 17.76
C THR C 176 -3.04 -37.72 17.81
N TYR C 177 -2.42 -36.88 16.98
CA TYR C 177 -2.77 -35.46 16.93
C TYR C 177 -4.25 -35.26 16.54
N LEU C 178 -4.73 -36.01 15.56
CA LEU C 178 -6.11 -35.93 15.12
C LEU C 178 -7.03 -36.59 16.15
N GLY C 179 -6.57 -37.73 16.68
CA GLY C 179 -7.31 -38.48 17.69
C GLY C 179 -8.69 -38.90 17.20
N GLU C 180 -9.68 -38.73 18.08
CA GLU C 180 -11.10 -38.94 17.74
C GLU C 180 -11.69 -38.10 16.60
N ALA C 181 -11.08 -36.95 16.28
CA ALA C 181 -11.54 -36.14 15.13
C ALA C 181 -11.51 -36.88 13.78
N LYS C 182 -10.67 -37.90 13.68
CA LYS C 182 -10.63 -38.79 12.50
C LYS C 182 -12.02 -39.28 12.07
N PHE C 183 -12.82 -39.67 13.07
CA PHE C 183 -14.21 -40.05 12.91
C PHE C 183 -14.97 -39.06 12.03
N TYR C 184 -14.84 -37.76 12.32
CA TYR C 184 -15.57 -36.72 11.60
C TYR C 184 -14.94 -36.38 10.24
N MET C 185 -13.62 -36.52 10.15
CA MET C 185 -12.89 -36.41 8.89
C MET C 185 -13.32 -37.49 7.88
N ASP C 186 -13.62 -38.67 8.40
CA ASP C 186 -13.95 -39.83 7.55
C ASP C 186 -15.25 -39.65 6.77
N HIS C 187 -16.14 -38.77 7.23
CA HIS C 187 -17.38 -38.47 6.50
C HIS C 187 -17.07 -37.94 5.09
N MET C 188 -15.94 -37.25 4.94
CA MET C 188 -15.49 -36.78 3.64
C MET C 188 -14.47 -37.69 2.97
N LEU C 189 -13.57 -38.26 3.77
CA LEU C 189 -12.35 -38.90 3.26
C LEU C 189 -12.41 -40.43 3.12
N ASP C 190 -13.39 -41.07 3.73
CA ASP C 190 -13.44 -42.54 3.77
C ASP C 190 -14.75 -43.13 3.27
N ARG C 191 -15.38 -42.48 2.31
CA ARG C 191 -16.68 -42.94 1.80
C ARG C 191 -16.59 -44.05 0.76
N THR C 192 -15.39 -44.32 0.28
CA THR C 192 -15.17 -45.37 -0.71
C THR C 192 -13.76 -45.95 -0.57
N GLU C 193 -13.58 -47.18 -1.04
CA GLU C 193 -12.29 -47.84 -1.01
C GLU C 193 -11.29 -47.17 -1.96
N ALA C 194 -11.80 -46.46 -2.98
CA ALA C 194 -10.94 -45.78 -3.94
C ALA C 194 -10.21 -44.56 -3.37
N GLY C 195 -10.75 -43.97 -2.31
CA GLY C 195 -10.17 -42.77 -1.70
C GLY C 195 -10.66 -41.51 -2.39
N THR C 196 -10.13 -40.37 -1.99
CA THR C 196 -10.44 -39.11 -2.66
C THR C 196 -9.29 -38.68 -3.53
N GLU C 197 -9.57 -37.69 -4.37
CA GLU C 197 -8.55 -37.00 -5.13
C GLU C 197 -8.87 -35.52 -5.13
N ALA C 198 -7.85 -34.70 -5.29
CA ALA C 198 -8.04 -33.26 -5.43
C ALA C 198 -8.34 -32.96 -6.88
N ILE C 199 -9.36 -32.16 -7.13
CA ILE C 199 -9.48 -31.54 -8.44
C ILE C 199 -8.28 -30.59 -8.56
N PRO C 200 -7.57 -30.61 -9.68
CA PRO C 200 -6.40 -29.71 -9.81
C PRO C 200 -6.82 -28.25 -9.73
N GLY C 201 -5.97 -27.44 -9.13
CA GLY C 201 -6.19 -26.01 -9.06
C GLY C 201 -6.38 -25.63 -7.61
N ILE C 202 -5.65 -24.60 -7.18
CA ILE C 202 -5.71 -24.11 -5.81
C ILE C 202 -6.00 -22.63 -5.86
N GLN C 203 -7.15 -22.21 -5.34
CA GLN C 203 -7.43 -20.79 -5.23
C GLN C 203 -6.79 -20.18 -4.01
N LYS C 204 -6.10 -19.08 -4.23
CA LYS C 204 -5.42 -18.33 -3.19
C LYS C 204 -5.89 -16.88 -3.19
N TRP C 205 -6.30 -16.39 -2.03
CA TRP C 205 -6.66 -14.97 -1.87
C TRP C 205 -6.37 -14.41 -0.48
N VAL C 206 -6.44 -13.09 -0.37
CA VAL C 206 -5.99 -12.35 0.81
C VAL C 206 -7.15 -11.70 1.56
N ILE C 207 -7.35 -12.08 2.82
CA ILE C 207 -8.34 -11.46 3.69
C ILE C 207 -7.67 -10.75 4.86
N PRO C 208 -7.85 -9.45 5.03
CA PRO C 208 -7.31 -8.75 6.21
C PRO C 208 -8.11 -9.03 7.53
N CYS C 209 -8.00 -10.27 8.01
CA CYS C 209 -8.53 -10.65 9.33
C CYS C 209 -7.61 -11.62 10.04
N ASN C 210 -7.88 -11.86 11.32
CA ASN C 210 -7.10 -12.80 12.10
C ASN C 210 -7.47 -14.23 11.72
N TRP C 211 -6.47 -15.11 11.73
CA TRP C 211 -6.69 -16.50 11.37
C TRP C 211 -7.72 -17.17 12.26
N LYS C 212 -7.84 -16.72 13.51
CA LYS C 212 -8.68 -17.42 14.48
C LYS C 212 -10.16 -17.26 14.18
N PHE C 213 -10.56 -16.17 13.54
CA PHE C 213 -11.96 -16.01 13.15
C PHE C 213 -12.35 -17.08 12.14
N ALA C 214 -11.47 -17.31 11.16
CA ALA C 214 -11.72 -18.33 10.13
C ALA C 214 -11.70 -19.73 10.73
N ALA C 215 -10.67 -20.00 11.52
CA ALA C 215 -10.48 -21.30 12.15
C ALA C 215 -11.67 -21.63 13.05
N GLU C 216 -12.08 -20.66 13.85
CA GLU C 216 -13.23 -20.81 14.72
C GLU C 216 -14.50 -21.07 13.96
N GLN C 217 -14.74 -20.29 12.91
CA GLN C 217 -16.00 -20.42 12.19
C GLN C 217 -16.23 -21.80 11.61
N PHE C 218 -15.17 -22.41 11.10
CA PHE C 218 -15.27 -23.74 10.48
C PHE C 218 -15.24 -24.85 11.55
N CYS C 219 -14.75 -24.50 12.74
CA CYS C 219 -14.72 -25.39 13.91
C CYS C 219 -16.09 -25.57 14.58
N SER C 220 -16.89 -24.51 14.60
CA SER C 220 -17.94 -24.35 15.63
C SER C 220 -19.22 -23.61 15.20
N ASP C 221 -19.18 -22.87 14.10
CA ASP C 221 -20.17 -21.84 13.82
C ASP C 221 -21.13 -22.20 12.65
N MET C 222 -22.05 -23.11 12.93
CA MET C 222 -23.20 -23.29 12.06
C MET C 222 -24.24 -22.19 12.30
N TYR C 223 -24.22 -21.58 13.49
CA TYR C 223 -25.10 -20.45 13.84
C TYR C 223 -25.19 -19.37 12.76
N HIS C 224 -24.03 -18.93 12.26
CA HIS C 224 -23.97 -17.87 11.25
C HIS C 224 -24.69 -18.24 9.95
N ALA C 225 -24.56 -19.51 9.54
CA ALA C 225 -25.24 -20.00 8.34
C ALA C 225 -26.74 -20.19 8.57
N GLY C 226 -27.10 -20.54 9.79
CA GLY C 226 -28.48 -20.79 10.15
C GLY C 226 -29.27 -19.53 10.45
N THR C 227 -28.60 -18.38 10.50
CA THR C 227 -29.24 -17.09 10.76
C THR C 227 -29.14 -16.21 9.52
N THR C 228 -28.30 -15.17 9.55
CA THR C 228 -28.34 -14.09 8.56
C THR C 228 -27.19 -14.05 7.54
N SER C 229 -26.05 -14.67 7.85
CA SER C 229 -24.86 -14.48 7.02
C SER C 229 -25.11 -14.87 5.54
N HIS C 230 -25.86 -15.96 5.33
CA HIS C 230 -25.96 -16.54 3.99
C HIS C 230 -27.36 -16.57 3.40
N LEU C 231 -28.26 -15.70 3.87
CA LEU C 231 -29.59 -15.61 3.27
C LEU C 231 -29.49 -15.45 1.73
N SER C 232 -28.59 -14.58 1.27
CA SER C 232 -28.43 -14.31 -0.16
C SER C 232 -27.82 -15.50 -0.94
N GLY C 233 -26.85 -16.17 -0.34
CA GLY C 233 -26.31 -17.41 -0.88
C GLY C 233 -27.36 -18.50 -1.07
N ILE C 234 -28.23 -18.66 -0.07
CA ILE C 234 -29.33 -19.62 -0.16
C ILE C 234 -30.25 -19.29 -1.34
N LEU C 235 -30.55 -18.01 -1.50
CA LEU C 235 -31.44 -17.55 -2.58
C LEU C 235 -30.84 -17.79 -3.96
N ALA C 236 -29.53 -17.59 -4.09
CA ALA C 236 -28.83 -17.81 -5.35
C ALA C 236 -28.91 -19.27 -5.81
N GLY C 237 -29.09 -20.19 -4.87
CA GLY C 237 -29.22 -21.61 -5.18
C GLY C 237 -30.61 -22.23 -5.11
N LEU C 238 -31.66 -21.39 -5.05
CA LEU C 238 -33.03 -21.90 -4.91
C LEU C 238 -33.53 -22.47 -6.24
N THR C 251 -32.54 -27.11 11.15
CA THR C 251 -33.02 -26.97 12.53
C THR C 251 -32.41 -28.00 13.51
N GLU C 252 -32.24 -29.24 13.09
CA GLU C 252 -31.68 -30.30 13.95
C GLU C 252 -30.28 -30.76 13.52
N GLY C 253 -29.45 -31.07 14.50
CA GLY C 253 -28.09 -31.51 14.26
C GLY C 253 -27.25 -31.55 15.51
N ILE C 254 -25.97 -31.86 15.35
CA ILE C 254 -25.05 -31.87 16.49
C ILE C 254 -23.71 -31.22 16.19
N GLN C 255 -22.95 -30.98 17.25
CA GLN C 255 -21.63 -30.40 17.16
C GLN C 255 -20.67 -31.15 18.06
N TYR C 256 -19.46 -31.39 17.55
CA TYR C 256 -18.40 -32.12 18.22
C TYR C 256 -17.30 -31.16 18.64
N ARG C 257 -16.90 -31.26 19.90
CA ARG C 257 -15.71 -30.62 20.42
C ARG C 257 -14.77 -31.73 20.84
N ALA C 258 -13.53 -31.67 20.36
CA ALA C 258 -12.53 -32.65 20.71
C ALA C 258 -12.26 -32.65 22.21
N THR C 259 -12.17 -33.86 22.76
CA THR C 259 -11.81 -34.08 24.15
C THR C 259 -10.56 -33.32 24.49
N TRP C 260 -9.59 -33.34 23.58
CA TRP C 260 -8.39 -32.52 23.66
C TRP C 260 -7.90 -32.18 22.24
N GLY C 261 -7.36 -30.97 22.06
CA GLY C 261 -6.72 -30.63 20.80
C GLY C 261 -7.29 -29.49 19.97
N GLY C 262 -8.49 -29.05 20.29
CA GLY C 262 -9.05 -27.86 19.67
C GLY C 262 -9.76 -28.08 18.35
N HIS C 263 -9.91 -29.35 17.94
CA HIS C 263 -10.68 -29.68 16.73
C HIS C 263 -12.15 -29.57 17.05
N GLY C 264 -12.93 -29.37 16.01
CA GLY C 264 -14.37 -29.37 16.13
C GLY C 264 -15.03 -29.53 14.78
N SER C 265 -16.30 -29.92 14.81
CA SER C 265 -17.09 -30.09 13.61
C SER C 265 -18.55 -30.08 14.00
N GLY C 266 -19.41 -29.56 13.13
CA GLY C 266 -20.83 -29.64 13.32
C GLY C 266 -21.56 -29.91 12.02
N PHE C 267 -22.80 -30.39 12.14
CA PHE C 267 -23.57 -30.81 10.97
C PHE C 267 -25.04 -30.95 11.28
N TYR C 268 -25.86 -30.67 10.26
CA TYR C 268 -27.29 -30.95 10.35
C TYR C 268 -27.55 -32.43 10.11
N ILE C 269 -28.62 -32.93 10.70
CA ILE C 269 -29.03 -34.33 10.52
C ILE C 269 -30.44 -34.36 9.96
N GLY C 270 -30.60 -34.97 8.79
CA GLY C 270 -31.92 -35.24 8.22
C GLY C 270 -32.46 -34.19 7.28
N ASP C 271 -32.11 -32.93 7.51
CA ASP C 271 -32.65 -31.78 6.76
C ASP C 271 -31.72 -31.35 5.58
N PRO C 272 -32.14 -31.59 4.32
CA PRO C 272 -31.31 -31.28 3.14
C PRO C 272 -31.24 -29.81 2.71
N ASN C 273 -31.85 -28.89 3.43
CA ASN C 273 -32.04 -27.53 2.90
C ASN C 273 -30.76 -26.74 2.67
N LEU C 274 -29.84 -26.75 3.64
CA LEU C 274 -28.59 -26.04 3.43
C LEU C 274 -27.74 -26.73 2.35
N LEU C 275 -27.74 -28.07 2.31
CA LEU C 275 -26.95 -28.80 1.30
C LEU C 275 -27.47 -28.57 -0.11
N LEU C 276 -28.79 -28.66 -0.30
CA LEU C 276 -29.42 -28.44 -1.59
C LEU C 276 -29.20 -27.01 -2.11
N ALA C 277 -29.25 -26.05 -1.18
CA ALA C 277 -29.06 -24.64 -1.52
C ALA C 277 -27.63 -24.33 -1.90
N ILE C 278 -26.69 -25.04 -1.29
CA ILE C 278 -25.29 -24.85 -1.60
C ILE C 278 -24.89 -25.62 -2.87
N MET C 279 -25.19 -26.92 -2.94
CA MET C 279 -24.56 -27.80 -3.92
C MET C 279 -25.46 -28.31 -5.06
N GLY C 280 -26.74 -27.96 -5.03
CA GLY C 280 -27.66 -28.37 -6.09
C GLY C 280 -28.18 -29.81 -5.94
N PRO C 281 -29.16 -30.18 -6.76
CA PRO C 281 -29.84 -31.47 -6.62
C PRO C 281 -29.01 -32.71 -7.00
N LYS C 282 -28.11 -32.58 -7.96
CA LYS C 282 -27.25 -33.71 -8.35
C LYS C 282 -26.31 -34.15 -7.23
N VAL C 283 -25.60 -33.22 -6.60
CA VAL C 283 -24.68 -33.52 -5.51
C VAL C 283 -25.43 -34.02 -4.28
N THR C 284 -26.53 -33.35 -3.95
CA THR C 284 -27.37 -33.73 -2.81
C THR C 284 -27.81 -35.21 -2.91
N GLU C 285 -28.26 -35.58 -4.10
CA GLU C 285 -28.67 -36.95 -4.40
C GLU C 285 -27.49 -37.94 -4.32
N TYR C 286 -26.34 -37.57 -4.87
CA TYR C 286 -25.13 -38.40 -4.75
C TYR C 286 -24.72 -38.61 -3.28
N TRP C 287 -24.95 -37.61 -2.44
CA TRP C 287 -24.51 -37.64 -1.05
C TRP C 287 -25.44 -38.45 -0.13
N THR C 288 -26.68 -38.71 -0.58
CA THR C 288 -27.76 -39.25 0.28
C THR C 288 -28.50 -40.50 -0.25
N GLN C 289 -28.60 -40.66 -1.57
CA GLN C 289 -29.29 -41.79 -2.22
C GLN C 289 -28.45 -42.52 -3.26
N GLY C 290 -28.69 -43.82 -3.38
CA GLY C 290 -28.07 -44.63 -4.41
C GLY C 290 -26.81 -45.29 -3.90
N PRO C 291 -26.15 -46.05 -4.78
CA PRO C 291 -25.05 -46.93 -4.36
C PRO C 291 -23.87 -46.26 -3.67
N ALA C 292 -23.40 -45.11 -4.17
CA ALA C 292 -22.22 -44.46 -3.58
C ALA C 292 -22.48 -44.06 -2.12
N ALA C 293 -23.68 -43.55 -1.85
CA ALA C 293 -24.05 -43.14 -0.50
C ALA C 293 -24.28 -44.34 0.41
N GLU C 294 -24.80 -45.42 -0.15
CA GLU C 294 -24.95 -46.68 0.58
C GLU C 294 -23.60 -47.28 0.92
N LYS C 295 -22.64 -47.20 -0.01
CA LYS C 295 -21.26 -47.64 0.25
C LYS C 295 -20.72 -46.84 1.44
N ALA C 296 -21.02 -45.54 1.47
CA ALA C 296 -20.54 -44.68 2.55
C ALA C 296 -21.09 -45.14 3.89
N SER C 297 -22.39 -45.40 3.94
CA SER C 297 -23.04 -45.90 5.14
C SER C 297 -22.40 -47.18 5.66
N GLU C 298 -22.16 -48.13 4.75
CA GLU C 298 -21.47 -49.39 5.09
C GLU C 298 -20.11 -49.13 5.72
N ARG C 299 -19.30 -48.32 5.05
CA ARG C 299 -17.92 -48.11 5.49
C ARG C 299 -17.85 -47.41 6.84
N LEU C 300 -18.82 -46.52 7.07
CA LEU C 300 -18.87 -45.73 8.29
C LEU C 300 -19.75 -46.40 9.33
N GLY C 301 -20.34 -47.55 8.98
CA GLY C 301 -21.07 -48.39 9.92
C GLY C 301 -22.34 -47.75 10.46
N SER C 302 -22.97 -46.90 9.65
CA SER C 302 -24.11 -46.11 10.08
C SER C 302 -24.74 -45.43 8.88
N THR C 303 -26.03 -45.66 8.71
CA THR C 303 -26.86 -44.97 7.73
C THR C 303 -26.97 -43.49 8.04
N GLU C 304 -26.93 -43.14 9.31
CA GLU C 304 -27.01 -41.73 9.70
C GLU C 304 -25.76 -40.97 9.20
N ARG C 305 -24.59 -41.54 9.48
CA ARG C 305 -23.30 -40.95 9.09
C ARG C 305 -23.12 -40.82 7.57
N GLY C 306 -23.62 -41.82 6.84
CA GLY C 306 -23.37 -41.90 5.42
C GLY C 306 -24.34 -41.09 4.60
N GLN C 307 -25.61 -41.07 5.02
CA GLN C 307 -26.69 -40.55 4.17
C GLN C 307 -27.56 -39.46 4.79
N GLN C 308 -27.43 -39.21 6.08
CA GLN C 308 -28.29 -38.23 6.72
C GLN C 308 -27.57 -36.99 7.26
N LEU C 309 -26.26 -36.88 7.06
CA LEU C 309 -25.52 -35.68 7.46
C LEU C 309 -25.55 -34.68 6.32
N MET C 310 -25.96 -33.45 6.58
CA MET C 310 -26.21 -32.51 5.51
C MET C 310 -25.61 -31.16 5.77
N ALA C 311 -24.46 -30.90 5.16
CA ALA C 311 -23.63 -29.73 5.44
C ALA C 311 -22.97 -29.98 6.75
N GLN C 312 -21.68 -30.29 6.70
CA GLN C 312 -20.84 -30.43 7.86
C GLN C 312 -19.72 -29.41 7.71
N HIS C 313 -19.27 -28.84 8.82
CA HIS C 313 -18.12 -27.97 8.85
C HIS C 313 -17.16 -28.55 9.85
N MET C 314 -15.87 -28.34 9.61
CA MET C 314 -14.83 -28.86 10.48
C MET C 314 -13.52 -28.06 10.42
N THR C 315 -12.87 -27.94 11.56
CA THR C 315 -11.53 -27.44 11.65
C THR C 315 -10.67 -28.47 12.38
N ILE C 316 -9.56 -28.83 11.76
CA ILE C 316 -8.45 -29.48 12.45
C ILE C 316 -7.44 -28.42 12.90
N PHE C 317 -7.37 -28.20 14.20
CA PHE C 317 -6.59 -27.13 14.81
C PHE C 317 -5.12 -27.21 14.38
N PRO C 318 -4.47 -26.09 14.11
CA PRO C 318 -5.05 -24.74 14.15
C PRO C 318 -5.78 -24.24 12.91
N THR C 319 -5.35 -24.65 11.72
CA THR C 319 -5.73 -23.92 10.52
C THR C 319 -6.10 -24.76 9.30
N CYS C 320 -6.54 -25.99 9.50
CA CYS C 320 -7.04 -26.84 8.41
C CYS C 320 -8.57 -26.93 8.54
N SER C 321 -9.30 -26.46 7.53
CA SER C 321 -10.76 -26.41 7.60
C SER C 321 -11.39 -26.96 6.33
N PHE C 322 -12.55 -27.59 6.46
CA PHE C 322 -13.22 -28.19 5.32
C PHE C 322 -14.68 -28.42 5.62
N LEU C 323 -15.46 -28.64 4.57
CA LEU C 323 -16.90 -28.83 4.67
C LEU C 323 -17.31 -30.14 4.02
N PRO C 324 -17.33 -31.25 4.77
CA PRO C 324 -17.75 -32.52 4.19
C PRO C 324 -19.12 -32.41 3.52
N GLY C 325 -19.22 -32.85 2.27
CA GLY C 325 -20.45 -32.80 1.51
C GLY C 325 -20.27 -31.81 0.37
N ILE C 326 -19.91 -30.59 0.74
CA ILE C 326 -19.53 -29.54 -0.19
C ILE C 326 -18.16 -29.89 -0.77
N ASN C 327 -17.27 -30.32 0.13
CA ASN C 327 -15.96 -30.89 -0.19
C ASN C 327 -14.88 -29.84 -0.53
N THR C 328 -15.11 -28.60 -0.11
CA THR C 328 -14.04 -27.61 -0.10
C THR C 328 -13.16 -27.90 1.10
N ILE C 329 -11.86 -27.73 0.90
CA ILE C 329 -10.87 -27.85 1.96
C ILE C 329 -9.88 -26.71 1.78
N ARG C 330 -9.37 -26.17 2.89
CA ARG C 330 -8.44 -25.06 2.81
C ARG C 330 -7.48 -25.02 3.99
N ALA C 331 -6.32 -24.40 3.77
CA ALA C 331 -5.43 -24.00 4.84
C ALA C 331 -5.56 -22.49 4.97
N TRP C 332 -5.67 -21.99 6.20
CA TRP C 332 -5.52 -20.56 6.45
C TRP C 332 -4.04 -20.30 6.78
N HIS C 333 -3.42 -19.32 6.13
CA HIS C 333 -2.03 -18.98 6.43
C HIS C 333 -1.97 -17.60 7.08
N PRO C 334 -1.41 -17.50 8.29
CA PRO C 334 -1.36 -16.21 8.98
C PRO C 334 -0.40 -15.25 8.31
N ARG C 335 -0.74 -13.96 8.35
CA ARG C 335 0.05 -12.88 7.78
C ARG C 335 0.06 -11.70 8.76
N GLY C 336 0.60 -11.96 9.96
CA GLY C 336 0.45 -11.08 11.09
C GLY C 336 -0.95 -11.27 11.63
N PRO C 337 -1.28 -10.53 12.68
CA PRO C 337 -2.59 -10.67 13.34
C PRO C 337 -3.76 -10.07 12.56
N ASN C 338 -3.48 -9.23 11.56
CA ASN C 338 -4.51 -8.49 10.84
C ASN C 338 -4.79 -9.00 9.43
N GLU C 339 -4.21 -10.16 9.09
CA GLU C 339 -4.29 -10.68 7.73
C GLU C 339 -4.09 -12.20 7.62
N ILE C 340 -4.82 -12.81 6.70
CA ILE C 340 -4.57 -14.19 6.26
C ILE C 340 -4.59 -14.33 4.77
N GLU C 341 -4.06 -15.46 4.32
CA GLU C 341 -4.32 -15.97 2.99
C GLU C 341 -5.19 -17.21 3.15
N VAL C 342 -6.12 -17.40 2.23
CA VAL C 342 -6.87 -18.64 2.15
C VAL C 342 -6.35 -19.40 0.93
N TRP C 343 -5.98 -20.65 1.12
CA TRP C 343 -5.55 -21.52 0.04
C TRP C 343 -6.52 -22.69 -0.01
N ALA C 344 -7.39 -22.69 -1.03
CA ALA C 344 -8.52 -23.61 -1.10
C ALA C 344 -8.48 -24.49 -2.34
N PHE C 345 -8.97 -25.71 -2.15
CA PHE C 345 -9.18 -26.63 -3.25
C PHE C 345 -10.34 -27.57 -2.93
N THR C 346 -10.75 -28.32 -3.94
CA THR C 346 -11.88 -29.22 -3.81
C THR C 346 -11.43 -30.66 -3.99
N VAL C 347 -11.99 -31.56 -3.19
CA VAL C 347 -11.72 -32.99 -3.31
C VAL C 347 -13.00 -33.74 -3.69
N VAL C 348 -12.85 -34.84 -4.42
CA VAL C 348 -13.95 -35.69 -4.84
C VAL C 348 -13.56 -37.16 -4.66
N ASP C 349 -14.56 -38.01 -4.50
CA ASP C 349 -14.31 -39.46 -4.51
C ASP C 349 -13.67 -39.85 -5.85
N ALA C 350 -12.56 -40.59 -5.79
CA ALA C 350 -11.78 -40.97 -6.98
C ALA C 350 -12.59 -41.79 -7.98
N ASP C 351 -13.61 -42.49 -7.49
CA ASP C 351 -14.44 -43.37 -8.32
C ASP C 351 -15.82 -42.79 -8.65
N ALA C 352 -16.06 -41.52 -8.29
CA ALA C 352 -17.29 -40.85 -8.69
C ALA C 352 -17.31 -40.71 -10.21
N PRO C 353 -18.49 -40.81 -10.81
CA PRO C 353 -18.63 -40.55 -12.26
C PRO C 353 -18.05 -39.19 -12.67
N GLU C 354 -17.56 -39.09 -13.90
CA GLU C 354 -17.00 -37.83 -14.39
C GLU C 354 -17.98 -36.66 -14.28
N GLU C 355 -19.27 -36.91 -14.50
CA GLU C 355 -20.29 -35.85 -14.43
C GLU C 355 -20.41 -35.32 -13.00
N MET C 356 -20.24 -36.21 -12.03
CA MET C 356 -20.27 -35.82 -10.62
C MET C 356 -19.03 -35.03 -10.20
N LYS C 357 -17.86 -35.34 -10.76
CA LYS C 357 -16.64 -34.61 -10.45
C LYS C 357 -16.75 -33.18 -10.98
N GLU C 358 -17.21 -33.05 -12.21
CA GLU C 358 -17.51 -31.76 -12.85
C GLU C 358 -18.56 -30.94 -12.06
N GLU C 359 -19.58 -31.59 -11.53
CA GLU C 359 -20.58 -30.88 -10.74
C GLU C 359 -19.98 -30.39 -9.41
N TYR C 360 -19.16 -31.22 -8.77
CA TYR C 360 -18.44 -30.79 -7.57
C TYR C 360 -17.54 -29.58 -7.86
N ARG C 361 -16.91 -29.58 -9.04
CA ARG C 361 -15.99 -28.52 -9.44
C ARG C 361 -16.71 -27.19 -9.56
N GLN C 362 -17.80 -27.19 -10.31
CA GLN C 362 -18.53 -25.97 -10.59
C GLN C 362 -19.28 -25.48 -9.37
N GLN C 363 -19.87 -26.39 -8.60
CA GLN C 363 -20.69 -25.95 -7.47
C GLN C 363 -19.83 -25.44 -6.31
N THR C 364 -18.64 -26.01 -6.12
CA THR C 364 -17.73 -25.47 -5.09
C THR C 364 -17.24 -24.07 -5.49
N LEU C 365 -16.80 -23.90 -6.73
CA LEU C 365 -16.28 -22.59 -7.12
C LEU C 365 -17.40 -21.56 -7.09
N ARG C 366 -18.62 -22.01 -7.37
CA ARG C 366 -19.80 -21.15 -7.35
C ARG C 366 -20.12 -20.67 -5.93
N THR C 367 -19.74 -21.42 -4.90
CA THR C 367 -20.14 -21.16 -3.52
C THR C 367 -19.02 -20.78 -2.54
N PHE C 368 -18.03 -21.66 -2.38
CA PHE C 368 -17.01 -21.49 -1.36
C PHE C 368 -15.66 -21.16 -2.00
N SER C 369 -15.59 -19.93 -2.50
CA SER C 369 -14.44 -19.40 -3.22
C SER C 369 -14.45 -17.90 -3.06
N ALA C 370 -13.41 -17.21 -3.52
CA ALA C 370 -13.30 -15.76 -3.37
C ALA C 370 -14.52 -15.04 -3.94
N GLY C 371 -15.00 -15.50 -5.10
CA GLY C 371 -16.16 -14.93 -5.76
C GLY C 371 -17.45 -15.73 -5.55
N GLY C 372 -17.42 -16.70 -4.64
CA GLY C 372 -18.52 -17.61 -4.42
C GLY C 372 -19.65 -16.96 -3.65
N VAL C 373 -20.88 -17.40 -3.94
CA VAL C 373 -22.08 -16.73 -3.42
C VAL C 373 -22.27 -16.91 -1.91
N PHE C 374 -21.53 -17.86 -1.32
CA PHE C 374 -21.46 -17.97 0.13
C PHE C 374 -20.26 -17.21 0.67
N GLU C 375 -19.07 -17.61 0.23
CA GLU C 375 -17.83 -17.16 0.85
C GLU C 375 -17.48 -15.67 0.63
N GLN C 376 -18.02 -15.07 -0.44
CA GLN C 376 -18.07 -13.61 -0.62
C GLN C 376 -18.44 -12.88 0.66
N ASP C 377 -19.48 -13.36 1.34
CA ASP C 377 -19.98 -12.73 2.57
C ASP C 377 -19.25 -13.16 3.83
N ASP C 378 -18.65 -14.35 3.83
CA ASP C 378 -17.92 -14.81 5.01
C ASP C 378 -16.76 -13.84 5.27
N GLY C 379 -16.09 -13.40 4.22
CA GLY C 379 -14.91 -12.57 4.34
C GLY C 379 -15.17 -11.07 4.50
N GLU C 380 -16.36 -10.62 4.14
CA GLU C 380 -16.76 -9.23 4.39
C GLU C 380 -16.96 -9.05 5.90
N ASN C 381 -17.51 -10.06 6.55
CA ASN C 381 -17.74 -9.99 7.98
C ASN C 381 -16.42 -9.93 8.75
N TRP C 382 -15.50 -10.85 8.42
CA TRP C 382 -14.20 -10.96 9.08
C TRP C 382 -13.38 -9.68 8.95
N VAL C 383 -13.40 -9.11 7.74
CA VAL C 383 -12.69 -7.88 7.46
C VAL C 383 -13.19 -6.71 8.35
N GLU C 384 -14.50 -6.58 8.51
CA GLU C 384 -15.06 -5.50 9.31
C GLU C 384 -14.80 -5.71 10.80
N ILE C 385 -14.84 -6.95 11.26
CA ILE C 385 -14.51 -7.22 12.65
C ILE C 385 -13.11 -6.68 12.95
N GLN C 386 -12.15 -7.08 12.12
CA GLN C 386 -10.75 -6.73 12.33
C GLN C 386 -10.49 -5.21 12.29
N GLN C 387 -11.11 -4.50 11.37
CA GLN C 387 -10.96 -3.05 11.27
C GLN C 387 -11.52 -2.33 12.53
N VAL C 388 -12.65 -2.79 13.05
CA VAL C 388 -13.22 -2.22 14.26
C VAL C 388 -12.26 -2.39 15.46
N LEU C 389 -11.51 -3.50 15.49
CA LEU C 389 -10.55 -3.76 16.56
C LEU C 389 -9.31 -2.87 16.58
N ARG C 390 -9.16 -2.00 15.59
CA ARG C 390 -8.24 -0.87 15.72
C ARG C 390 -8.55 -0.01 16.97
N GLY C 391 -9.83 0.07 17.33
CA GLY C 391 -10.27 0.92 18.43
C GLY C 391 -9.86 0.42 19.80
N HIS C 392 -9.51 1.36 20.68
CA HIS C 392 -9.14 1.05 22.05
C HIS C 392 -10.31 0.47 22.85
N LYS C 393 -11.48 1.11 22.80
CA LYS C 393 -12.65 0.59 23.51
C LYS C 393 -13.15 -0.72 22.90
N ALA C 394 -12.97 -0.90 21.59
CA ALA C 394 -13.36 -2.14 20.92
C ALA C 394 -12.53 -3.32 21.38
N ARG C 395 -11.33 -3.06 21.91
CA ARG C 395 -10.49 -4.10 22.50
C ARG C 395 -10.56 -4.20 24.03
N SER C 396 -11.44 -3.43 24.67
CA SER C 396 -11.38 -3.25 26.14
C SER C 396 -12.39 -4.12 26.92
N ARG C 397 -13.28 -4.80 26.20
CA ARG C 397 -14.30 -5.65 26.80
C ARG C 397 -14.39 -7.00 26.07
N PRO C 398 -14.67 -8.06 26.80
CA PRO C 398 -14.70 -9.40 26.20
C PRO C 398 -15.85 -9.64 25.20
N PHE C 399 -15.59 -10.51 24.24
CA PHE C 399 -16.63 -11.05 23.39
C PHE C 399 -17.40 -12.14 24.16
N ASN C 400 -18.66 -12.29 23.82
CA ASN C 400 -19.54 -13.28 24.41
C ASN C 400 -19.40 -14.66 23.75
N ALA C 401 -18.83 -15.62 24.47
CA ALA C 401 -18.71 -17.00 24.00
C ALA C 401 -19.42 -17.99 24.94
N GLU C 402 -20.57 -17.59 25.46
CA GLU C 402 -21.30 -18.40 26.42
C GLU C 402 -22.33 -19.33 25.75
N MET C 403 -22.51 -19.24 24.44
CA MET C 403 -23.52 -20.05 23.76
C MET C 403 -23.37 -21.57 24.02
N GLY C 404 -24.44 -22.18 24.51
CA GLY C 404 -24.47 -23.60 24.81
C GLY C 404 -23.66 -24.05 26.02
N LEU C 405 -23.24 -23.12 26.87
CA LEU C 405 -22.46 -23.45 28.06
C LEU C 405 -23.19 -24.51 28.92
N GLY C 406 -22.47 -25.56 29.31
CA GLY C 406 -23.01 -26.63 30.14
C GLY C 406 -24.02 -27.55 29.46
N GLN C 407 -24.35 -27.32 28.18
CA GLN C 407 -25.31 -28.15 27.46
C GLN C 407 -24.59 -29.17 26.56
N THR C 408 -23.84 -30.04 27.23
CA THR C 408 -22.98 -31.01 26.58
C THR C 408 -23.25 -32.45 27.05
N ASP C 409 -22.70 -33.38 26.28
CA ASP C 409 -22.84 -34.80 26.53
C ASP C 409 -21.58 -35.44 26.02
N SER C 410 -20.69 -35.82 26.93
CA SER C 410 -19.44 -36.48 26.57
C SER C 410 -19.54 -38.02 26.55
N ASP C 411 -20.78 -38.54 26.59
CA ASP C 411 -21.04 -39.99 26.61
C ASP C 411 -22.11 -40.41 25.58
N ASN C 412 -22.00 -39.85 24.38
CA ASN C 412 -22.89 -40.18 23.27
C ASN C 412 -22.35 -41.47 22.66
N PRO C 413 -23.19 -42.49 22.51
CA PRO C 413 -22.75 -43.80 22.00
C PRO C 413 -22.40 -43.83 20.50
N ASP C 414 -23.03 -42.96 19.71
CA ASP C 414 -22.75 -42.87 18.27
C ASP C 414 -21.66 -41.86 17.87
N TYR C 415 -21.37 -40.88 18.72
CA TYR C 415 -20.49 -39.76 18.35
C TYR C 415 -19.49 -39.51 19.46
N PRO C 416 -18.21 -39.76 19.19
CA PRO C 416 -17.18 -39.59 20.22
C PRO C 416 -16.86 -38.12 20.45
N GLY C 417 -16.34 -37.85 21.64
CA GLY C 417 -16.02 -36.50 22.07
C GLY C 417 -17.14 -35.86 22.85
N THR C 418 -17.06 -34.55 22.96
CA THR C 418 -18.02 -33.77 23.70
C THR C 418 -19.04 -33.27 22.70
N ILE C 419 -20.30 -33.61 22.93
CA ILE C 419 -21.34 -33.40 21.93
C ILE C 419 -22.38 -32.38 22.40
N SER C 420 -22.67 -31.42 21.53
CA SER C 420 -23.68 -30.40 21.76
C SER C 420 -24.68 -30.39 20.63
N TYR C 421 -25.71 -29.58 20.79
CA TYR C 421 -26.60 -29.19 19.70
C TYR C 421 -25.74 -28.45 18.65
N VAL C 422 -26.17 -28.50 17.40
CA VAL C 422 -25.39 -27.91 16.30
C VAL C 422 -25.17 -26.40 16.45
N TYR C 423 -26.09 -25.71 17.13
CA TYR C 423 -25.90 -24.30 17.45
C TYR C 423 -25.34 -24.16 18.85
N SER C 424 -24.02 -23.97 18.90
CA SER C 424 -23.27 -23.87 20.15
C SER C 424 -21.86 -23.33 19.87
N GLU C 425 -21.23 -22.83 20.92
CA GLU C 425 -19.84 -22.40 20.82
C GLU C 425 -18.92 -23.25 21.70
N GLU C 426 -19.36 -24.46 22.02
CA GLU C 426 -18.56 -25.42 22.77
C GLU C 426 -17.27 -25.75 22.04
N ALA C 427 -17.37 -26.09 20.77
CA ALA C 427 -16.17 -26.42 19.97
C ALA C 427 -15.25 -25.21 19.90
N ALA C 428 -15.84 -24.03 19.76
CA ALA C 428 -15.08 -22.77 19.74
C ALA C 428 -14.33 -22.55 21.04
N ARG C 429 -15.01 -22.75 22.17
CA ARG C 429 -14.37 -22.67 23.49
C ARG C 429 -13.22 -23.66 23.55
N GLY C 430 -13.43 -24.84 22.96
CA GLY C 430 -12.37 -25.83 22.89
C GLY C 430 -11.18 -25.35 22.07
N LEU C 431 -11.44 -24.70 20.95
CA LEU C 431 -10.37 -24.17 20.09
C LEU C 431 -9.56 -23.09 20.83
N TYR C 432 -10.25 -22.15 21.47
CA TYR C 432 -9.56 -21.10 22.23
C TYR C 432 -8.85 -21.64 23.49
N THR C 433 -9.35 -22.73 24.06
CA THR C 433 -8.67 -23.35 25.19
C THR C 433 -7.39 -24.04 24.67
N GLN C 434 -7.46 -24.72 23.54
CA GLN C 434 -6.25 -25.31 22.96
C GLN C 434 -5.24 -24.22 22.64
N TRP C 435 -5.72 -23.10 22.13
CA TRP C 435 -4.87 -21.95 21.88
C TRP C 435 -4.10 -21.54 23.16
N VAL C 436 -4.81 -21.44 24.28
CA VAL C 436 -4.17 -21.09 25.56
C VAL C 436 -3.12 -22.12 25.94
N ARG C 437 -3.44 -23.39 25.77
CA ARG C 437 -2.53 -24.46 26.18
C ARG C 437 -1.24 -24.43 25.38
N MET C 438 -1.36 -24.32 24.06
CA MET C 438 -0.19 -24.23 23.20
C MET C 438 0.62 -22.97 23.53
N MET C 439 -0.08 -21.86 23.80
CA MET C 439 0.57 -20.58 23.99
C MET C 439 1.29 -20.48 25.33
N THR C 440 0.91 -21.32 26.29
CA THR C 440 1.49 -21.30 27.63
C THR C 440 2.35 -22.53 27.95
N SER C 441 2.64 -23.35 26.92
CA SER C 441 3.46 -24.55 27.10
C SER C 441 4.78 -24.37 26.38
N PRO C 442 5.91 -24.46 27.10
CA PRO C 442 7.23 -24.30 26.46
C PRO C 442 7.62 -25.46 25.52
N ASP C 443 6.99 -26.62 25.66
CA ASP C 443 7.27 -27.75 24.77
C ASP C 443 6.10 -28.74 24.81
N TRP C 444 6.19 -29.82 24.03
CA TRP C 444 5.09 -30.79 23.96
C TRP C 444 4.94 -31.61 25.23
N ALA C 445 6.02 -31.81 25.99
CA ALA C 445 5.90 -32.52 27.28
C ALA C 445 4.97 -31.73 28.21
N ALA C 446 5.15 -30.41 28.28
CA ALA C 446 4.26 -29.57 29.07
C ALA C 446 2.83 -29.59 28.51
N LEU C 447 2.69 -29.55 27.19
CA LEU C 447 1.38 -29.58 26.56
C LEU C 447 0.68 -30.93 26.78
N ASP C 448 1.44 -32.03 26.76
CA ASP C 448 0.90 -33.38 27.05
C ASP C 448 0.35 -33.48 28.48
N ALA C 449 0.94 -32.73 29.40
CA ALA C 449 0.52 -32.72 30.81
C ALA C 449 -0.78 -31.94 31.04
N THR C 450 -1.30 -31.24 30.02
CA THR C 450 -2.64 -30.65 30.12
C THR C 450 -3.75 -31.60 29.65
N ARG C 451 -3.38 -32.77 29.14
CA ARG C 451 -4.39 -33.75 28.69
C ARG C 451 -5.16 -34.31 29.89
N PRO C 452 -6.42 -34.68 29.70
CA PRO C 452 -7.20 -35.32 30.77
C PRO C 452 -6.71 -36.76 30.99
N ALA C 453 -6.88 -37.28 32.20
CA ALA C 453 -6.46 -38.67 32.52
C ALA C 453 -7.36 -39.69 31.80
N ALA D 10 -6.26 -17.55 -33.56
CA ALA D 10 -7.35 -16.67 -33.01
C ALA D 10 -6.81 -15.22 -32.83
N PHE D 11 -5.94 -15.02 -31.85
CA PHE D 11 -5.06 -13.83 -31.88
C PHE D 11 -3.60 -14.28 -31.99
N ARG D 12 -3.41 -15.31 -32.82
CA ARG D 12 -2.13 -15.91 -33.09
C ARG D 12 -1.32 -15.00 -34.00
N THR D 13 -1.95 -14.45 -35.03
CA THR D 13 -1.31 -13.42 -35.84
C THR D 13 -2.13 -12.15 -35.74
N LYS D 14 -1.55 -11.07 -36.23
CA LYS D 14 -2.15 -9.75 -36.11
C LYS D 14 -3.49 -9.71 -36.84
N PRO D 15 -4.53 -9.23 -36.15
CA PRO D 15 -5.85 -9.11 -36.78
C PRO D 15 -5.83 -8.27 -38.04
N ALA D 16 -6.52 -8.76 -39.08
CA ALA D 16 -6.78 -7.97 -40.28
C ALA D 16 -7.52 -6.70 -39.87
N PRO D 17 -7.35 -5.62 -40.63
CA PRO D 17 -8.09 -4.39 -40.36
C PRO D 17 -9.60 -4.61 -40.53
N VAL D 18 -10.38 -3.91 -39.71
CA VAL D 18 -11.81 -3.97 -39.77
C VAL D 18 -12.36 -2.61 -40.11
N ASP D 19 -13.63 -2.59 -40.51
CA ASP D 19 -14.33 -1.34 -40.79
C ASP D 19 -14.40 -0.48 -39.52
N PRO D 20 -14.13 0.82 -39.62
CA PRO D 20 -14.30 1.72 -38.46
C PRO D 20 -15.68 1.59 -37.78
N SER D 21 -16.73 1.33 -38.57
CA SER D 21 -18.07 1.07 -38.05
C SER D 21 -18.10 -0.08 -37.06
N LEU D 22 -17.43 -1.15 -37.42
CA LEU D 22 -17.37 -2.34 -36.56
C LEU D 22 -16.57 -2.07 -35.27
N GLN D 23 -15.37 -1.52 -35.42
CA GLN D 23 -14.56 -1.16 -34.26
C GLN D 23 -15.37 -0.32 -33.25
N HIS D 24 -16.10 0.67 -33.76
CA HIS D 24 -16.83 1.60 -32.91
C HIS D 24 -18.05 0.98 -32.24
N GLU D 25 -18.73 0.14 -32.99
CA GLU D 25 -19.88 -0.62 -32.51
C GLU D 25 -19.52 -1.53 -31.31
N ILE D 26 -18.43 -2.27 -31.46
CA ILE D 26 -17.98 -3.18 -30.41
C ILE D 26 -17.40 -2.39 -29.23
N GLU D 27 -16.66 -1.32 -29.51
CA GLU D 27 -16.18 -0.45 -28.44
C GLU D 27 -17.36 0.12 -27.64
N GLN D 28 -18.38 0.66 -28.31
CA GLN D 28 -19.58 1.18 -27.64
C GLN D 28 -20.29 0.10 -26.83
N PHE D 29 -20.26 -1.14 -27.31
CA PHE D 29 -20.82 -2.24 -26.55
C PHE D 29 -20.10 -2.38 -25.21
N TYR D 30 -18.77 -2.35 -25.22
CA TYR D 30 -17.99 -2.47 -24.00
C TYR D 30 -18.14 -1.28 -23.07
N TYR D 31 -18.27 -0.08 -23.63
CA TYR D 31 -18.36 1.14 -22.83
C TYR D 31 -19.71 1.17 -22.13
N TRP D 32 -20.74 0.70 -22.82
CA TRP D 32 -22.08 0.62 -22.26
C TRP D 32 -22.13 -0.48 -21.21
N GLU D 33 -21.50 -1.62 -21.48
CA GLU D 33 -21.42 -2.73 -20.51
C GLU D 33 -20.77 -2.25 -19.23
N ALA D 34 -19.70 -1.48 -19.36
CA ALA D 34 -18.97 -0.96 -18.20
C ALA D 34 -19.88 -0.04 -17.38
N LYS D 35 -20.68 0.78 -18.09
CA LYS D 35 -21.62 1.67 -17.43
C LYS D 35 -22.64 0.84 -16.65
N LEU D 36 -23.13 -0.24 -17.23
CA LEU D 36 -24.10 -1.08 -16.56
C LEU D 36 -23.48 -1.63 -15.26
N LEU D 37 -22.27 -2.14 -15.34
CA LEU D 37 -21.62 -2.72 -14.17
C LEU D 37 -21.33 -1.65 -13.12
N ASN D 38 -20.72 -0.55 -13.55
CA ASN D 38 -20.24 0.46 -12.62
C ASN D 38 -21.40 1.25 -11.96
N ASP D 39 -22.52 1.33 -12.67
CA ASP D 39 -23.74 1.97 -12.16
C ASP D 39 -24.73 0.96 -11.55
N ARG D 40 -24.30 -0.29 -11.38
CA ARG D 40 -25.09 -1.34 -10.72
C ARG D 40 -26.43 -1.61 -11.38
N ARG D 41 -26.44 -1.54 -12.70
CA ARG D 41 -27.59 -1.91 -13.50
C ARG D 41 -27.51 -3.39 -13.83
N PHE D 42 -27.62 -4.22 -12.81
CA PHE D 42 -27.24 -5.63 -12.96
C PHE D 42 -28.26 -6.41 -13.77
N GLN D 43 -29.52 -6.04 -13.69
CA GLN D 43 -30.56 -6.70 -14.48
C GLN D 43 -30.27 -6.54 -15.98
N GLU D 44 -29.94 -5.32 -16.39
CA GLU D 44 -29.58 -5.09 -17.80
C GLU D 44 -28.28 -5.78 -18.19
N TRP D 45 -27.34 -5.90 -17.25
CA TRP D 45 -26.07 -6.58 -17.52
C TRP D 45 -26.30 -8.07 -17.74
N PHE D 46 -27.06 -8.69 -16.86
CA PHE D 46 -27.34 -10.12 -17.02
C PHE D 46 -28.14 -10.40 -18.31
N ASP D 47 -28.94 -9.45 -18.74
CA ASP D 47 -29.66 -9.57 -20.01
C ASP D 47 -28.72 -9.48 -21.26
N LEU D 48 -27.51 -8.97 -21.08
CA LEU D 48 -26.45 -9.01 -22.12
C LEU D 48 -25.87 -10.41 -22.31
N LEU D 49 -26.04 -11.29 -21.35
CA LEU D 49 -25.45 -12.62 -21.43
C LEU D 49 -26.28 -13.52 -22.33
N ALA D 50 -25.58 -14.26 -23.19
CA ALA D 50 -26.20 -15.24 -24.06
C ALA D 50 -26.69 -16.42 -23.24
N GLU D 51 -27.69 -17.12 -23.78
CA GLU D 51 -28.16 -18.36 -23.19
C GLU D 51 -27.02 -19.39 -23.08
N ASP D 52 -26.11 -19.39 -24.07
CA ASP D 52 -24.97 -20.31 -24.04
C ASP D 52 -23.71 -19.72 -23.36
N ILE D 53 -23.89 -18.67 -22.56
CA ILE D 53 -22.77 -17.98 -21.90
C ILE D 53 -21.88 -18.97 -21.18
N HIS D 54 -20.58 -18.84 -21.43
CA HIS D 54 -19.55 -19.49 -20.63
C HIS D 54 -18.66 -18.36 -20.09
N TYR D 55 -18.70 -18.15 -18.77
CA TYR D 55 -18.04 -17.03 -18.11
C TYR D 55 -16.92 -17.61 -17.24
N PHE D 56 -15.67 -17.42 -17.67
CA PHE D 56 -14.52 -18.22 -17.24
C PHE D 56 -13.36 -17.32 -16.82
N MET D 57 -12.75 -17.64 -15.68
CA MET D 57 -11.63 -16.88 -15.16
C MET D 57 -10.71 -17.89 -14.52
N PRO D 58 -9.76 -18.41 -15.27
CA PRO D 58 -8.89 -19.46 -14.74
C PRO D 58 -7.99 -18.92 -13.64
N ILE D 59 -7.63 -19.81 -12.74
CA ILE D 59 -6.56 -19.56 -11.79
C ILE D 59 -5.22 -19.51 -12.52
N ARG D 60 -4.42 -18.52 -12.16
CA ARG D 60 -3.13 -18.29 -12.78
C ARG D 60 -2.03 -18.54 -11.77
N THR D 61 -0.97 -19.23 -12.21
CA THR D 61 0.12 -19.58 -11.34
C THR D 61 1.45 -19.03 -11.87
N THR D 62 2.40 -18.95 -10.98
CA THR D 62 3.77 -18.56 -11.28
C THR D 62 4.57 -19.81 -11.65
N ARG D 63 5.11 -19.82 -12.86
CA ARG D 63 5.86 -20.96 -13.37
C ARG D 63 7.23 -20.52 -13.88
N ILE D 64 8.19 -21.44 -13.93
CA ILE D 64 9.40 -21.19 -14.71
C ILE D 64 9.03 -21.29 -16.21
N MET D 65 9.82 -20.64 -17.07
CA MET D 65 9.74 -20.72 -18.54
C MET D 65 9.30 -22.07 -19.15
N ARG D 66 10.05 -23.15 -18.92
CA ARG D 66 9.78 -24.42 -19.61
C ARG D 66 8.46 -25.06 -19.17
N GLU D 67 7.85 -24.52 -18.12
CA GLU D 67 6.56 -24.99 -17.67
C GLU D 67 5.42 -23.96 -17.79
N THR D 68 5.59 -22.90 -18.59
CA THR D 68 4.56 -21.85 -18.72
C THR D 68 3.25 -22.24 -19.44
N ALA D 69 3.21 -23.46 -19.98
CA ALA D 69 2.00 -24.02 -20.56
C ALA D 69 1.01 -24.31 -19.45
N GLN D 70 1.52 -24.47 -18.23
CA GLN D 70 0.72 -24.76 -17.04
C GLN D 70 0.38 -23.49 -16.27
N GLU D 71 0.54 -22.32 -16.88
CA GLU D 71 0.32 -21.05 -16.21
C GLU D 71 -1.14 -20.85 -15.80
N TYR D 72 -2.08 -21.24 -16.65
CA TYR D 72 -3.51 -21.11 -16.38
C TYR D 72 -4.13 -22.48 -16.12
N SER D 73 -5.06 -22.53 -15.16
CA SER D 73 -5.86 -23.72 -14.95
C SER D 73 -6.64 -24.06 -16.25
N GLY D 74 -6.86 -25.36 -16.46
CA GLY D 74 -7.47 -25.88 -17.68
C GLY D 74 -8.96 -26.17 -17.55
N ALA D 75 -9.51 -26.85 -18.56
CA ALA D 75 -10.94 -26.96 -18.73
C ALA D 75 -11.65 -27.73 -17.61
N ARG D 76 -11.03 -28.79 -17.07
CA ARG D 76 -11.67 -29.55 -15.98
C ARG D 76 -10.96 -29.31 -14.66
N GLU D 77 -10.52 -28.08 -14.45
CA GLU D 77 -9.72 -27.73 -13.29
C GLU D 77 -10.38 -26.57 -12.56
N TYR D 78 -10.07 -26.43 -11.27
CA TYR D 78 -10.63 -25.37 -10.45
C TYR D 78 -10.37 -23.99 -11.08
N ALA D 79 -11.27 -23.04 -10.81
CA ALA D 79 -11.20 -21.68 -11.36
C ALA D 79 -11.89 -20.68 -10.47
N HIS D 80 -11.56 -19.41 -10.69
CA HIS D 80 -12.15 -18.30 -9.98
C HIS D 80 -13.64 -18.17 -10.37
N PHE D 81 -13.89 -18.28 -11.67
CA PHE D 81 -15.23 -18.30 -12.26
C PHE D 81 -15.21 -19.33 -13.41
N ASP D 82 -16.30 -20.05 -13.58
CA ASP D 82 -16.45 -20.96 -14.71
C ASP D 82 -17.92 -21.37 -14.80
N ASP D 83 -18.73 -20.46 -15.32
CA ASP D 83 -20.17 -20.46 -15.10
C ASP D 83 -20.98 -20.55 -16.40
N ASN D 84 -22.09 -21.27 -16.34
CA ASN D 84 -23.10 -21.27 -17.42
C ASN D 84 -24.22 -20.30 -16.98
N ALA D 85 -25.30 -20.24 -17.75
CA ALA D 85 -26.36 -19.27 -17.53
C ALA D 85 -27.09 -19.50 -16.22
N GLN D 86 -27.32 -20.76 -15.86
CA GLN D 86 -28.03 -21.07 -14.63
C GLN D 86 -27.23 -20.56 -13.43
N MET D 87 -25.91 -20.76 -13.47
CA MET D 87 -25.03 -20.34 -12.39
C MET D 87 -25.04 -18.80 -12.26
N MET D 88 -24.96 -18.12 -13.40
CA MET D 88 -24.98 -16.66 -13.44
C MET D 88 -26.34 -16.08 -13.00
N ARG D 89 -27.43 -16.77 -13.30
CA ARG D 89 -28.75 -16.31 -12.87
C ARG D 89 -28.82 -16.28 -11.35
N GLY D 90 -28.25 -17.30 -10.70
CA GLY D 90 -28.16 -17.32 -9.25
C GLY D 90 -27.34 -16.16 -8.68
N ARG D 91 -26.25 -15.81 -9.37
CA ARG D 91 -25.42 -14.68 -8.94
C ARG D 91 -26.18 -13.35 -9.02
N LEU D 92 -27.03 -13.19 -10.04
CA LEU D 92 -27.91 -12.01 -10.20
C LEU D 92 -28.91 -11.91 -9.04
N ARG D 93 -29.48 -13.04 -8.65
CA ARG D 93 -30.40 -13.10 -7.51
C ARG D 93 -29.71 -12.64 -6.22
N LYS D 94 -28.43 -12.97 -6.05
CA LYS D 94 -27.68 -12.55 -4.87
C LYS D 94 -27.32 -11.07 -4.91
N ILE D 95 -26.85 -10.56 -6.05
CA ILE D 95 -26.28 -9.19 -6.08
C ILE D 95 -27.35 -8.10 -6.17
N THR D 96 -28.62 -8.50 -6.30
CA THR D 96 -29.74 -7.55 -6.28
C THR D 96 -30.53 -7.72 -4.98
N SER D 97 -29.87 -8.26 -3.97
CA SER D 97 -30.55 -8.63 -2.73
C SER D 97 -30.12 -7.72 -1.59
N ASP D 98 -31.10 -7.28 -0.78
CA ASP D 98 -30.83 -6.41 0.36
C ASP D 98 -30.27 -7.15 1.61
N VAL D 99 -30.09 -8.47 1.49
CA VAL D 99 -29.39 -9.25 2.52
C VAL D 99 -28.07 -9.82 1.97
N SER D 100 -27.64 -9.29 0.83
CA SER D 100 -26.33 -9.62 0.25
C SER D 100 -25.27 -8.66 0.83
N TRP D 101 -24.58 -9.11 1.87
CA TRP D 101 -23.73 -8.22 2.68
C TRP D 101 -22.46 -7.75 1.94
N SER D 102 -21.89 -8.63 1.10
CA SER D 102 -20.75 -8.22 0.28
C SER D 102 -21.08 -7.06 -0.68
N GLU D 103 -22.30 -7.00 -1.21
CA GLU D 103 -22.72 -5.89 -2.09
C GLU D 103 -23.96 -5.11 -1.59
N ASN D 104 -24.12 -5.04 -0.27
CA ASN D 104 -25.05 -4.11 0.34
C ASN D 104 -24.51 -3.76 1.73
N PRO D 105 -23.82 -2.63 1.85
CA PRO D 105 -23.67 -1.61 0.79
C PRO D 105 -22.82 -2.03 -0.41
N ALA D 106 -23.06 -1.38 -1.54
CA ALA D 106 -22.42 -1.76 -2.78
C ALA D 106 -21.03 -1.17 -2.89
N SER D 107 -20.19 -1.94 -3.55
CA SER D 107 -18.91 -1.49 -4.05
C SER D 107 -19.07 -0.40 -5.09
N ARG D 108 -18.06 0.45 -5.21
CA ARG D 108 -17.95 1.40 -6.30
C ARG D 108 -16.88 0.83 -7.25
N THR D 109 -17.29 0.50 -8.47
CA THR D 109 -16.38 -0.04 -9.48
C THR D 109 -16.22 0.89 -10.67
N ARG D 110 -15.08 0.77 -11.33
CA ARG D 110 -14.80 1.39 -12.62
C ARG D 110 -14.11 0.38 -13.55
N HIS D 111 -14.68 0.18 -14.75
CA HIS D 111 -14.11 -0.69 -15.77
C HIS D 111 -13.56 0.21 -16.88
N VAL D 112 -12.25 0.35 -16.95
CA VAL D 112 -11.59 1.16 -17.94
C VAL D 112 -11.12 0.21 -19.03
N ILE D 113 -11.73 0.31 -20.20
CA ILE D 113 -11.56 -0.68 -21.27
C ILE D 113 -10.75 -0.07 -22.41
N SER D 114 -9.75 -0.80 -22.89
CA SER D 114 -8.97 -0.37 -24.04
C SER D 114 -8.41 -1.54 -24.83
N ASN D 115 -7.59 -1.22 -25.83
CA ASN D 115 -6.91 -2.22 -26.66
C ASN D 115 -7.86 -3.20 -27.36
N VAL D 116 -9.02 -2.72 -27.79
CA VAL D 116 -10.02 -3.58 -28.45
C VAL D 116 -9.55 -4.01 -29.85
N MET D 117 -9.35 -5.32 -29.98
CA MET D 117 -8.97 -5.95 -31.24
C MET D 117 -10.01 -7.00 -31.59
N ILE D 118 -10.45 -6.97 -32.84
CA ILE D 118 -11.60 -7.76 -33.32
C ILE D 118 -11.22 -8.67 -34.47
N VAL D 119 -11.64 -9.94 -34.38
CA VAL D 119 -11.47 -10.92 -35.46
C VAL D 119 -12.81 -11.58 -35.74
N ASP D 120 -13.14 -11.72 -37.02
CA ASP D 120 -14.35 -12.45 -37.43
C ASP D 120 -14.37 -13.86 -36.85
N GLY D 121 -15.47 -14.17 -36.18
CA GLY D 121 -15.70 -15.50 -35.68
C GLY D 121 -16.02 -16.45 -36.82
N GLU D 122 -16.15 -17.72 -36.46
CA GLU D 122 -16.39 -18.79 -37.43
C GLU D 122 -17.83 -18.75 -38.00
N LYS D 123 -18.80 -18.30 -37.18
CA LYS D 123 -20.18 -18.13 -37.62
C LYS D 123 -20.49 -16.64 -37.87
N PRO D 124 -21.19 -16.31 -38.97
CA PRO D 124 -21.59 -14.91 -39.21
C PRO D 124 -22.41 -14.31 -38.03
N GLY D 125 -22.23 -13.01 -37.82
CA GLY D 125 -22.74 -12.34 -36.64
C GLY D 125 -21.92 -12.55 -35.37
N GLU D 126 -20.88 -13.39 -35.39
CA GLU D 126 -20.02 -13.58 -34.22
C GLU D 126 -18.63 -13.02 -34.43
N TYR D 127 -18.03 -12.56 -33.34
CA TYR D 127 -16.71 -11.92 -33.34
C TYR D 127 -15.89 -12.37 -32.12
N HIS D 128 -14.63 -12.69 -32.35
CA HIS D 128 -13.64 -12.84 -31.28
C HIS D 128 -13.04 -11.50 -30.97
N VAL D 129 -13.06 -11.10 -29.69
CA VAL D 129 -12.54 -9.81 -29.27
C VAL D 129 -11.53 -9.98 -28.14
N SER D 130 -10.36 -9.36 -28.31
CA SER D 130 -9.40 -9.19 -27.22
C SER D 130 -9.47 -7.75 -26.79
N SER D 131 -9.49 -7.52 -25.49
CA SER D 131 -9.39 -6.19 -24.90
C SER D 131 -8.74 -6.29 -23.52
N VAL D 132 -8.30 -5.15 -23.01
CA VAL D 132 -7.67 -5.09 -21.70
C VAL D 132 -8.49 -4.20 -20.80
N PHE D 133 -8.24 -4.33 -19.49
CA PHE D 133 -8.98 -3.57 -18.50
C PHE D 133 -8.11 -3.19 -17.30
N ILE D 134 -8.46 -2.05 -16.72
CA ILE D 134 -8.28 -1.83 -15.30
C ILE D 134 -9.66 -1.83 -14.65
N VAL D 135 -9.83 -2.65 -13.62
CA VAL D 135 -10.99 -2.56 -12.76
C VAL D 135 -10.53 -2.00 -11.43
N TYR D 136 -11.11 -0.87 -11.08
CA TYR D 136 -10.83 -0.16 -9.85
C TYR D 136 -12.05 -0.38 -8.99
N ARG D 137 -11.84 -0.98 -7.82
CA ARG D 137 -12.93 -1.26 -6.91
C ARG D 137 -12.66 -0.67 -5.53
N ASN D 138 -13.53 0.23 -5.14
CA ASN D 138 -13.45 0.91 -3.87
C ASN D 138 -14.71 0.53 -3.06
N ARG D 139 -14.53 0.25 -1.78
CA ARG D 139 -15.69 0.02 -0.94
C ARG D 139 -15.51 0.47 0.49
N LEU D 140 -16.66 0.59 1.16
CA LEU D 140 -16.77 0.99 2.54
C LEU D 140 -16.06 2.33 2.75
N GLU D 141 -15.23 2.44 3.77
CA GLU D 141 -14.55 3.69 4.03
C GLU D 141 -13.35 3.92 3.11
N ARG D 142 -12.45 2.94 3.06
CA ARG D 142 -11.12 3.12 2.49
C ARG D 142 -10.59 1.90 1.72
N GLN D 143 -11.41 0.89 1.49
CA GLN D 143 -10.94 -0.31 0.78
C GLN D 143 -10.77 -0.01 -0.69
N LEU D 144 -9.63 -0.44 -1.24
CA LEU D 144 -9.27 -0.23 -2.63
C LEU D 144 -8.51 -1.43 -3.20
N ASP D 145 -9.09 -2.03 -4.24
CA ASP D 145 -8.49 -3.09 -5.00
C ASP D 145 -8.39 -2.63 -6.46
N ILE D 146 -7.21 -2.74 -7.04
CA ILE D 146 -7.00 -2.43 -8.42
C ILE D 146 -6.56 -3.70 -9.15
N PHE D 147 -7.34 -4.06 -10.17
CA PHE D 147 -7.13 -5.24 -11.01
C PHE D 147 -6.78 -4.83 -12.43
N ALA D 148 -6.06 -5.70 -13.14
CA ALA D 148 -5.89 -5.58 -14.58
C ALA D 148 -5.83 -6.97 -15.22
N GLY D 149 -5.98 -7.00 -16.53
CA GLY D 149 -6.09 -8.26 -17.23
C GLY D 149 -6.56 -8.09 -18.67
N GLU D 150 -6.75 -9.23 -19.33
CA GLU D 150 -7.34 -9.32 -20.66
C GLU D 150 -8.69 -10.01 -20.58
N ARG D 151 -9.60 -9.59 -21.45
CA ARG D 151 -10.86 -10.29 -21.66
C ARG D 151 -10.87 -10.77 -23.10
N LYS D 152 -11.00 -12.08 -23.26
CA LYS D 152 -11.16 -12.72 -24.54
C LYS D 152 -12.61 -13.13 -24.65
N ASP D 153 -13.35 -12.44 -25.51
CA ASP D 153 -14.79 -12.67 -25.65
C ASP D 153 -15.16 -13.23 -27.01
N ILE D 154 -16.29 -13.93 -27.04
CA ILE D 154 -17.06 -14.09 -28.26
C ILE D 154 -18.34 -13.28 -28.09
N LEU D 155 -18.50 -12.25 -28.94
CA LEU D 155 -19.72 -11.46 -29.03
C LEU D 155 -20.56 -11.95 -30.20
N ARG D 156 -21.88 -11.89 -30.03
CA ARG D 156 -22.82 -12.27 -31.05
C ARG D 156 -23.85 -11.16 -31.23
N ARG D 157 -23.98 -10.70 -32.47
CA ARG D 157 -24.86 -9.59 -32.81
C ARG D 157 -26.32 -9.96 -32.53
N THR D 158 -27.04 -9.00 -31.97
CA THR D 158 -28.42 -9.19 -31.55
C THR D 158 -29.27 -7.92 -31.80
N GLY D 159 -30.59 -8.07 -31.71
CA GLY D 159 -31.53 -6.95 -31.82
C GLY D 159 -32.00 -6.35 -30.49
N SER D 160 -31.31 -6.69 -29.39
CA SER D 160 -31.45 -5.99 -28.10
C SER D 160 -30.92 -4.58 -28.23
N GLU D 161 -31.25 -3.68 -27.31
CA GLU D 161 -30.71 -2.31 -27.43
C GLU D 161 -29.20 -2.33 -27.22
N ALA D 162 -28.72 -3.26 -26.40
CA ALA D 162 -27.27 -3.49 -26.31
C ALA D 162 -26.61 -3.83 -27.65
N GLY D 163 -27.33 -4.54 -28.53
CA GLY D 163 -26.83 -4.82 -29.87
C GLY D 163 -25.90 -6.03 -30.00
N PHE D 164 -25.37 -6.53 -28.88
CA PHE D 164 -24.65 -7.81 -28.85
C PHE D 164 -25.03 -8.55 -27.59
N GLU D 165 -24.82 -9.86 -27.61
CA GLU D 165 -24.80 -10.63 -26.40
C GLU D 165 -23.44 -11.28 -26.20
N LEU D 166 -23.15 -11.60 -24.94
CA LEU D 166 -21.87 -12.16 -24.58
C LEU D 166 -22.03 -13.66 -24.56
N ALA D 167 -21.48 -14.34 -25.57
CA ALA D 167 -21.54 -15.80 -25.67
C ALA D 167 -20.46 -16.52 -24.87
N LYS D 168 -19.27 -15.91 -24.81
CA LYS D 168 -18.13 -16.49 -24.12
C LYS D 168 -17.22 -15.37 -23.62
N ARG D 169 -16.79 -15.49 -22.37
CA ARG D 169 -15.76 -14.64 -21.81
C ARG D 169 -14.74 -15.44 -21.00
N THR D 170 -13.49 -15.20 -21.32
CA THR D 170 -12.36 -15.71 -20.59
C THR D 170 -11.62 -14.51 -20.03
N ILE D 171 -11.56 -14.41 -18.71
CA ILE D 171 -10.85 -13.35 -18.04
C ILE D 171 -9.47 -13.88 -17.63
N LEU D 172 -8.43 -13.20 -18.12
CA LEU D 172 -7.05 -13.55 -17.83
C LEU D 172 -6.51 -12.46 -16.92
N ILE D 173 -6.48 -12.79 -15.62
CA ILE D 173 -6.18 -11.81 -14.59
C ILE D 173 -4.68 -11.74 -14.34
N ASP D 174 -4.13 -10.52 -14.22
CA ASP D 174 -2.71 -10.33 -13.91
C ASP D 174 -2.42 -10.40 -12.42
N GLN D 175 -2.78 -11.54 -11.85
CA GLN D 175 -2.54 -11.86 -10.46
C GLN D 175 -2.44 -13.37 -10.35
N SER D 176 -1.59 -13.83 -9.44
CA SER D 176 -1.59 -15.24 -9.04
C SER D 176 -2.48 -15.38 -7.81
N THR D 177 -1.93 -15.06 -6.64
CA THR D 177 -2.74 -14.84 -5.45
C THR D 177 -3.62 -13.62 -5.69
N ILE D 178 -4.92 -13.79 -5.47
CA ILE D 178 -5.87 -12.71 -5.59
C ILE D 178 -5.68 -11.71 -4.44
N LEU D 179 -5.37 -10.47 -4.82
CA LEU D 179 -5.08 -9.38 -3.89
C LEU D 179 -6.40 -8.63 -3.63
N SER D 180 -7.30 -9.34 -2.97
CA SER D 180 -8.63 -8.85 -2.63
C SER D 180 -9.28 -9.92 -1.76
N ASN D 181 -10.13 -9.50 -0.85
CA ASN D 181 -10.79 -10.43 0.08
C ASN D 181 -11.93 -11.19 -0.57
N ASN D 182 -12.40 -10.70 -1.70
CA ASN D 182 -13.38 -11.40 -2.46
C ASN D 182 -13.39 -10.95 -3.93
N LEU D 183 -14.23 -11.59 -4.73
CA LEU D 183 -14.44 -11.24 -6.13
C LEU D 183 -15.96 -11.16 -6.29
N SER D 184 -16.54 -10.17 -5.60
CA SER D 184 -17.99 -10.05 -5.48
C SER D 184 -18.63 -9.24 -6.61
N PHE D 185 -17.84 -8.86 -7.61
CA PHE D 185 -18.34 -8.13 -8.78
C PHE D 185 -18.02 -8.93 -10.06
N PHE D 186 -18.33 -8.37 -11.22
CA PHE D 186 -18.09 -9.04 -12.51
C PHE D 186 -17.04 -8.32 -13.33
N PHE D 187 -16.20 -9.10 -13.99
CA PHE D 187 -15.22 -8.58 -14.93
C PHE D 187 -15.83 -8.52 -16.34
N TRP E 17 17.97 -4.18 23.18
CA TRP E 17 18.97 -5.27 23.07
C TRP E 17 20.22 -4.93 23.87
N ALA E 18 20.65 -5.87 24.72
CA ALA E 18 21.92 -5.75 25.44
C ALA E 18 23.09 -5.95 24.50
N ASP E 19 24.18 -5.24 24.73
CA ASP E 19 25.37 -5.33 23.90
C ASP E 19 25.87 -6.77 23.69
N ALA E 20 25.93 -7.57 24.76
CA ALA E 20 26.39 -8.96 24.66
C ALA E 20 25.46 -9.84 23.80
N ASP E 21 24.16 -9.57 23.86
CA ASP E 21 23.20 -10.24 22.98
C ASP E 21 23.43 -9.93 21.50
N ILE E 22 23.77 -8.68 21.20
CA ILE E 22 24.06 -8.28 19.82
C ILE E 22 25.32 -8.96 19.31
N ALA E 23 26.36 -9.01 20.15
CA ALA E 23 27.63 -9.64 19.75
C ALA E 23 27.48 -11.10 19.37
N GLU E 24 26.53 -11.78 20.00
CA GLU E 24 26.24 -13.19 19.70
C GLU E 24 25.53 -13.42 18.34
N LEU E 25 24.96 -12.38 17.74
CA LEU E 25 24.27 -12.50 16.44
C LEU E 25 25.22 -12.70 15.26
N VAL E 26 26.50 -12.40 15.46
CA VAL E 26 27.53 -12.56 14.44
C VAL E 26 28.77 -13.23 15.04
N ASP E 27 29.32 -14.22 14.33
CA ASP E 27 30.48 -14.98 14.81
C ASP E 27 31.45 -15.15 13.66
N GLU E 28 32.48 -14.31 13.65
CA GLU E 28 33.46 -14.31 12.60
C GLU E 28 34.44 -15.49 12.73
N ARG E 29 34.56 -16.06 13.93
CA ARG E 29 35.42 -17.22 14.17
C ARG E 29 34.91 -18.50 13.49
N THR E 30 33.61 -18.79 13.61
CA THR E 30 32.98 -19.98 13.03
C THR E 30 32.28 -19.70 11.67
N GLY E 31 31.97 -18.44 11.41
CA GLY E 31 31.26 -18.06 10.19
C GLY E 31 29.76 -18.28 10.27
N ARG E 32 29.10 -17.55 11.17
CA ARG E 32 27.65 -17.64 11.36
C ARG E 32 27.06 -16.23 11.42
N LEU E 33 25.89 -16.08 10.83
CA LEU E 33 25.13 -14.84 10.91
C LEU E 33 23.71 -15.16 11.31
N ASP E 34 23.22 -14.53 12.34
CA ASP E 34 21.84 -14.72 12.76
C ASP E 34 20.92 -13.84 11.87
N PRO E 35 19.95 -14.44 11.18
CA PRO E 35 19.14 -13.69 10.21
C PRO E 35 18.33 -12.53 10.77
N ARG E 36 18.12 -12.50 12.08
CA ARG E 36 17.38 -11.41 12.71
C ARG E 36 18.06 -10.04 12.59
N ILE E 37 19.35 -10.01 12.27
CA ILE E 37 20.03 -8.73 12.04
C ILE E 37 19.41 -7.98 10.86
N TYR E 38 18.77 -8.74 9.95
CA TYR E 38 18.11 -8.18 8.76
C TYR E 38 16.63 -7.79 8.95
N THR E 39 16.02 -8.17 10.07
CA THR E 39 14.58 -8.00 10.27
C THR E 39 14.15 -7.26 11.52
N ASP E 40 14.96 -7.29 12.55
CA ASP E 40 14.53 -6.81 13.87
C ASP E 40 14.43 -5.28 13.90
N GLU E 41 13.28 -4.75 14.31
CA GLU E 41 12.99 -3.31 14.28
C GLU E 41 13.76 -2.57 15.35
N ALA E 42 13.93 -3.18 16.52
CA ALA E 42 14.71 -2.56 17.59
C ALA E 42 16.18 -2.43 17.16
N LEU E 43 16.73 -3.46 16.51
CA LEU E 43 18.10 -3.35 16.00
C LEU E 43 18.20 -2.29 14.94
N TYR E 44 17.17 -2.16 14.10
CA TYR E 44 17.18 -1.16 13.05
C TYR E 44 17.24 0.27 13.61
N GLU E 45 16.45 0.54 14.65
CA GLU E 45 16.42 1.86 15.29
C GLU E 45 17.82 2.18 15.86
N GLN E 46 18.48 1.15 16.40
CA GLN E 46 19.81 1.32 16.94
C GLN E 46 20.87 1.49 15.84
N GLU E 47 20.64 0.93 14.65
CA GLU E 47 21.51 1.20 13.50
C GLU E 47 21.45 2.69 13.11
N LEU E 48 20.27 3.29 13.14
CA LEU E 48 20.16 4.72 12.79
C LEU E 48 20.97 5.56 13.78
N GLU E 49 20.91 5.21 15.07
CA GLU E 49 21.68 5.93 16.09
C GLU E 49 23.18 5.69 15.94
N ARG E 50 23.58 4.43 15.92
CA ARG E 50 24.99 4.04 16.14
C ARG E 50 25.79 3.73 14.88
N ILE E 51 25.11 3.59 13.74
CA ILE E 51 25.80 3.44 12.46
C ILE E 51 25.58 4.69 11.62
N PHE E 52 24.37 4.92 11.16
CA PHE E 52 24.08 6.03 10.24
C PHE E 52 24.24 7.41 10.91
N GLY E 53 24.08 7.45 12.22
CA GLY E 53 24.28 8.67 12.99
C GLY E 53 25.73 9.09 13.18
N ARG E 54 26.69 8.21 12.88
CA ARG E 54 28.09 8.54 13.12
C ARG E 54 29.11 7.95 12.14
N SER E 55 28.62 7.50 10.99
CA SER E 55 29.50 7.04 9.93
C SER E 55 29.64 8.12 8.89
N TRP E 56 30.67 8.00 8.06
CA TRP E 56 30.80 8.82 6.87
C TRP E 56 29.98 8.16 5.74
N LEU E 57 29.08 8.94 5.16
CA LEU E 57 28.08 8.50 4.21
C LEU E 57 28.22 9.28 2.92
N LEU E 58 28.04 8.59 1.80
CA LEU E 58 28.27 9.19 0.48
C LEU E 58 27.14 10.16 0.15
N MET E 59 27.52 11.40 -0.20
CA MET E 59 26.62 12.46 -0.62
C MET E 59 26.62 12.63 -2.12
N GLY E 60 27.70 12.22 -2.78
CA GLY E 60 27.82 12.37 -4.21
C GLY E 60 29.24 12.73 -4.67
N HIS E 61 29.30 13.54 -5.72
CA HIS E 61 30.57 13.94 -6.33
C HIS E 61 30.56 15.47 -6.43
N GLU E 62 31.71 16.10 -6.19
CA GLU E 62 31.89 17.57 -6.26
C GLU E 62 31.39 18.17 -7.58
N THR E 63 31.60 17.46 -8.69
CA THR E 63 31.19 17.96 -9.99
C THR E 63 29.67 17.94 -10.23
N GLN E 64 28.91 17.37 -9.31
CA GLN E 64 27.44 17.43 -9.41
C GLN E 64 26.91 18.81 -8.97
N ILE E 65 27.66 19.50 -8.10
CA ILE E 65 27.27 20.81 -7.61
C ILE E 65 28.44 21.79 -7.72
N PRO E 66 28.86 22.11 -8.94
CA PRO E 66 30.09 22.91 -9.14
C PRO E 66 30.01 24.41 -8.76
N LYS E 67 28.86 25.03 -8.87
CA LYS E 67 28.75 26.49 -8.72
C LYS E 67 27.95 26.89 -7.49
N ALA E 68 28.33 28.03 -6.89
CA ALA E 68 27.64 28.60 -5.74
C ALA E 68 26.14 28.55 -5.89
N GLY E 69 25.47 27.98 -4.90
CA GLY E 69 24.01 27.86 -4.92
C GLY E 69 23.53 26.51 -5.41
N ASP E 70 24.38 25.78 -6.12
CA ASP E 70 24.03 24.47 -6.66
C ASP E 70 23.80 23.55 -5.48
N PHE E 71 22.73 22.78 -5.54
CA PHE E 71 22.38 21.87 -4.48
C PHE E 71 21.78 20.58 -4.98
N MET E 72 21.82 19.58 -4.11
CA MET E 72 21.11 18.33 -4.31
C MET E 72 20.70 17.79 -2.94
N THR E 73 19.56 17.13 -2.88
CA THR E 73 19.16 16.43 -1.67
C THR E 73 19.85 15.09 -1.60
N ASN E 74 19.87 14.54 -0.39
CA ASN E 74 20.34 13.20 -0.16
C ASN E 74 19.82 12.72 1.20
N TYR E 75 20.25 11.55 1.63
CA TYR E 75 19.89 11.01 2.92
C TYR E 75 21.10 10.56 3.73
N MET E 76 20.96 10.69 5.04
CA MET E 76 21.82 10.06 6.01
C MET E 76 20.89 9.22 6.88
N GLY E 77 20.86 7.92 6.60
CA GLY E 77 19.85 7.04 7.16
C GLY E 77 18.52 7.43 6.57
N GLU E 78 17.58 7.78 7.44
CA GLU E 78 16.29 8.34 7.02
C GLU E 78 16.14 9.83 7.30
N ASP E 79 17.26 10.48 7.60
CA ASP E 79 17.31 11.94 7.68
C ASP E 79 17.59 12.53 6.33
N PRO E 80 16.66 13.35 5.84
CA PRO E 80 16.87 14.04 4.56
C PRO E 80 17.83 15.19 4.76
N VAL E 81 18.82 15.33 3.90
CA VAL E 81 19.78 16.42 3.98
C VAL E 81 19.87 17.22 2.68
N MET E 82 20.31 18.46 2.81
CA MET E 82 20.66 19.31 1.68
C MET E 82 22.19 19.34 1.53
N VAL E 83 22.67 19.19 0.30
CA VAL E 83 24.09 19.24 -0.03
C VAL E 83 24.25 20.44 -0.97
N VAL E 84 24.93 21.49 -0.49
CA VAL E 84 24.91 22.81 -1.13
C VAL E 84 26.30 23.43 -1.25
N ARG E 85 26.64 23.90 -2.44
CA ARG E 85 27.87 24.62 -2.70
C ARG E 85 27.74 26.06 -2.21
N GLN E 86 28.72 26.49 -1.42
CA GLN E 86 28.76 27.82 -0.85
C GLN E 86 29.49 28.80 -1.77
N LYS E 87 29.31 30.09 -1.48
CA LYS E 87 29.98 31.16 -2.22
C LYS E 87 31.50 31.03 -2.17
N ASN E 88 32.04 30.57 -1.06
CA ASN E 88 33.50 30.42 -0.90
C ASN E 88 34.06 29.09 -1.43
N GLY E 89 33.21 28.25 -2.03
CA GLY E 89 33.67 27.01 -2.63
C GLY E 89 33.52 25.78 -1.72
N GLU E 90 33.22 26.01 -0.44
CA GLU E 90 32.94 24.91 0.49
C GLU E 90 31.62 24.23 0.20
N ILE E 91 31.45 23.02 0.73
CA ILE E 91 30.18 22.33 0.67
C ILE E 91 29.62 22.16 2.08
N ARG E 92 28.35 22.49 2.26
CA ARG E 92 27.64 22.22 3.48
C ARG E 92 26.59 21.14 3.29
N VAL E 93 26.39 20.35 4.34
CA VAL E 93 25.33 19.38 4.41
C VAL E 93 24.57 19.66 5.68
N PHE E 94 23.27 19.86 5.55
CA PHE E 94 22.44 20.14 6.71
C PHE E 94 21.09 19.46 6.63
N LEU E 95 20.50 19.20 7.78
CA LEU E 95 19.20 18.52 7.88
C LEU E 95 18.13 19.34 7.16
N ASN E 96 17.32 18.67 6.35
CA ASN E 96 16.26 19.30 5.56
C ASN E 96 15.01 19.38 6.40
N GLN E 97 15.13 20.10 7.51
CA GLN E 97 14.07 20.22 8.49
C GLN E 97 14.17 21.58 9.18
N CYS E 98 13.09 22.35 9.14
CA CYS E 98 12.95 23.59 9.88
C CYS E 98 12.79 23.26 11.37
N ARG E 99 13.51 23.97 12.24
CA ARG E 99 13.47 23.69 13.67
C ARG E 99 12.23 24.26 14.36
N HIS E 100 11.46 25.06 13.63
CA HIS E 100 10.20 25.60 14.18
C HIS E 100 9.17 24.51 14.41
N ARG E 101 8.63 23.92 13.34
CA ARG E 101 7.70 22.78 13.45
C ARG E 101 8.01 21.65 12.47
N GLY E 102 9.24 21.60 11.94
CA GLY E 102 9.73 20.41 11.28
C GLY E 102 9.47 20.34 9.79
N MET E 103 9.01 21.44 9.19
CA MET E 103 8.72 21.43 7.74
C MET E 103 9.99 21.20 6.93
N ARG E 104 9.87 20.45 5.85
CA ARG E 104 10.99 20.24 4.95
C ARG E 104 11.29 21.59 4.30
N ILE E 105 12.54 21.98 4.33
CA ILE E 105 12.97 23.33 3.91
C ILE E 105 12.92 23.46 2.39
N CYS E 106 13.42 22.44 1.70
CA CYS E 106 13.41 22.39 0.25
C CYS E 106 12.84 21.06 -0.25
N ARG E 107 11.85 21.16 -1.13
CA ARG E 107 11.12 19.98 -1.60
C ARG E 107 11.59 19.50 -2.98
N ALA E 108 12.44 20.30 -3.63
CA ALA E 108 13.06 19.96 -4.90
C ALA E 108 14.27 19.06 -4.69
N ASP E 109 14.57 18.26 -5.71
CA ASP E 109 15.70 17.33 -5.70
C ASP E 109 17.05 17.98 -5.84
N GLY E 110 17.06 19.12 -6.51
CA GLY E 110 18.29 19.82 -6.79
C GLY E 110 18.03 20.98 -7.75
N GLY E 111 19.10 21.72 -8.01
CA GLY E 111 19.06 22.89 -8.87
C GLY E 111 20.07 23.91 -8.39
N ASN E 112 19.75 25.18 -8.62
CA ASN E 112 20.58 26.27 -8.16
C ASN E 112 19.67 27.19 -7.39
N ALA E 113 19.91 27.31 -6.08
CA ALA E 113 19.06 28.13 -5.22
C ALA E 113 19.72 29.45 -4.81
N LYS E 114 18.90 30.48 -4.75
CA LYS E 114 19.31 31.79 -4.25
C LYS E 114 19.30 31.77 -2.72
N SER E 115 18.32 31.05 -2.20
CA SER E 115 18.11 30.88 -0.78
C SER E 115 16.98 29.86 -0.59
N PHE E 116 16.63 29.60 0.67
CA PHE E 116 15.55 28.67 1.00
C PHE E 116 14.59 29.30 1.99
N THR E 117 13.31 29.09 1.78
CA THR E 117 12.27 29.59 2.67
C THR E 117 11.40 28.42 3.11
N CYS E 118 11.16 28.32 4.40
CA CYS E 118 10.17 27.38 4.90
C CYS E 118 8.78 27.85 4.46
N SER E 119 8.05 26.96 3.79
CA SER E 119 6.73 27.27 3.27
C SER E 119 5.65 27.43 4.37
N TYR E 120 5.88 26.85 5.55
CA TYR E 120 4.86 26.84 6.61
C TYR E 120 4.69 28.22 7.31
N HIS E 121 5.74 28.73 7.94
CA HIS E 121 5.67 30.03 8.61
C HIS E 121 6.72 31.03 8.13
N GLY E 122 7.41 30.71 7.03
CA GLY E 122 8.29 31.67 6.39
C GLY E 122 9.64 31.91 7.02
N TRP E 123 10.07 31.07 7.95
CA TRP E 123 11.45 31.15 8.43
C TRP E 123 12.36 31.04 7.18
N ALA E 124 13.36 31.92 7.07
CA ALA E 124 14.20 31.95 5.86
C ALA E 124 15.63 31.60 6.17
N TYR E 125 16.24 30.85 5.26
CA TYR E 125 17.59 30.33 5.40
C TYR E 125 18.44 30.77 4.20
N ASP E 126 19.74 30.95 4.41
CA ASP E 126 20.65 31.17 3.29
C ASP E 126 21.10 29.82 2.78
N THR E 127 21.96 29.81 1.76
CA THR E 127 22.39 28.54 1.17
C THR E 127 23.33 27.71 2.05
N GLY E 128 23.82 28.27 3.15
CA GLY E 128 24.61 27.55 4.13
C GLY E 128 23.77 26.89 5.22
N GLY E 129 22.44 27.01 5.12
CA GLY E 129 21.54 26.49 6.12
C GLY E 129 21.41 27.35 7.36
N ASN E 130 21.87 28.60 7.30
CA ASN E 130 21.71 29.51 8.44
C ASN E 130 20.34 30.15 8.43
N LEU E 131 19.69 30.20 9.58
CA LEU E 131 18.44 30.90 9.71
C LEU E 131 18.74 32.40 9.67
N VAL E 132 18.32 33.10 8.62
CA VAL E 132 18.64 34.52 8.48
C VAL E 132 17.50 35.49 8.78
N SER E 133 16.25 35.00 8.77
CA SER E 133 15.12 35.81 9.20
C SER E 133 13.89 35.00 9.60
N VAL E 134 13.08 35.64 10.43
CA VAL E 134 11.91 35.02 11.03
C VAL E 134 10.82 36.09 11.02
N PRO E 135 9.73 35.86 10.29
CA PRO E 135 8.64 36.85 10.26
C PRO E 135 8.18 37.23 11.67
N PHE E 136 7.95 38.52 11.87
CA PHE E 136 7.46 39.06 13.12
C PHE E 136 8.41 38.77 14.29
N GLU E 137 9.71 38.75 14.01
CA GLU E 137 10.72 38.44 15.03
C GLU E 137 10.71 39.44 16.18
N GLU E 138 10.71 40.72 15.83
CA GLU E 138 10.79 41.81 16.79
C GLU E 138 9.66 41.77 17.81
N GLN E 139 8.45 41.43 17.39
CA GLN E 139 7.31 41.41 18.30
C GLN E 139 7.09 40.05 19.01
N ALA E 140 7.25 38.95 18.27
CA ALA E 140 6.88 37.62 18.78
C ALA E 140 8.08 36.73 19.22
N PHE E 141 9.29 37.04 18.76
CA PHE E 141 10.49 36.31 19.17
C PHE E 141 11.59 37.24 19.70
N PRO E 142 11.31 38.05 20.72
CA PRO E 142 12.29 39.02 21.24
C PRO E 142 13.67 38.44 21.66
N GLY E 143 13.70 37.30 22.33
CA GLY E 143 14.97 36.72 22.74
C GLY E 143 15.77 36.00 21.64
N LEU E 144 15.10 35.65 20.54
CA LEU E 144 15.57 34.60 19.63
C LEU E 144 16.93 34.89 19.03
N ARG E 145 17.82 33.93 19.17
CA ARG E 145 19.13 33.97 18.54
C ARG E 145 19.08 33.05 17.32
N LYS E 146 18.88 33.64 16.14
CA LYS E 146 18.72 32.86 14.92
C LYS E 146 19.92 31.96 14.59
N GLU E 147 21.13 32.43 14.94
CA GLU E 147 22.35 31.64 14.74
C GLU E 147 22.35 30.31 15.51
N ASP E 148 21.45 30.16 16.49
CA ASP E 148 21.31 28.93 17.26
C ASP E 148 20.10 28.08 16.83
N TRP E 149 19.32 28.52 15.83
CA TRP E 149 18.11 27.78 15.46
C TRP E 149 18.03 27.30 14.01
N GLY E 150 19.20 27.12 13.40
CA GLY E 150 19.30 26.53 12.09
C GLY E 150 19.34 25.02 12.17
N PRO E 151 19.02 24.36 11.08
CA PRO E 151 19.08 22.89 11.06
C PRO E 151 20.48 22.33 11.33
N LEU E 152 20.52 21.13 11.89
CA LEU E 152 21.76 20.44 12.25
C LEU E 152 22.68 20.36 11.05
N GLN E 153 23.96 20.65 11.28
CA GLN E 153 24.97 20.63 10.24
C GLN E 153 25.77 19.34 10.39
N ALA E 154 26.05 18.68 9.27
CA ALA E 154 26.93 17.55 9.24
C ALA E 154 28.34 18.03 8.87
N ARG E 155 29.36 17.31 9.32
CA ARG E 155 30.70 17.48 8.78
C ARG E 155 30.72 17.04 7.33
N VAL E 156 31.51 17.74 6.52
CA VAL E 156 31.64 17.42 5.12
C VAL E 156 33.10 17.39 4.71
N GLU E 157 33.53 16.27 4.13
CA GLU E 157 34.88 16.13 3.63
C GLU E 157 34.84 15.36 2.30
N THR E 158 35.90 15.50 1.51
CA THR E 158 35.97 14.85 0.23
C THR E 158 37.20 13.97 0.11
N TYR E 159 37.10 12.98 -0.76
CA TYR E 159 38.23 12.20 -1.18
C TYR E 159 38.18 12.03 -2.68
N LYS E 160 39.10 12.72 -3.36
CA LYS E 160 39.28 12.61 -4.80
C LYS E 160 37.95 12.72 -5.53
N GLY E 161 37.16 13.72 -5.13
CA GLY E 161 35.95 14.10 -5.82
C GLY E 161 34.68 13.63 -5.13
N LEU E 162 34.76 12.56 -4.35
CA LEU E 162 33.59 12.04 -3.63
C LEU E 162 33.34 12.87 -2.38
N ILE E 163 32.07 13.22 -2.14
CA ILE E 163 31.69 13.99 -0.96
C ILE E 163 31.09 13.03 0.07
N PHE E 164 31.59 13.07 1.30
CA PHE E 164 31.02 12.29 2.40
C PHE E 164 30.60 13.23 3.50
N ALA E 165 29.61 12.85 4.28
CA ALA E 165 29.16 13.64 5.42
C ALA E 165 29.04 12.75 6.64
N ASN E 166 29.14 13.35 7.82
CA ASN E 166 29.12 12.62 9.11
C ASN E 166 28.65 13.62 10.15
N TRP E 167 27.63 13.27 10.92
CA TRP E 167 27.11 14.17 11.96
C TRP E 167 28.05 14.35 13.14
N ASP E 168 28.90 13.34 13.39
CA ASP E 168 29.57 13.19 14.69
C ASP E 168 30.96 13.83 14.72
N ALA E 169 31.12 14.86 15.55
CA ALA E 169 32.38 15.57 15.69
C ALA E 169 33.51 14.68 16.28
N ASP E 170 33.14 13.58 16.93
CA ASP E 170 34.12 12.64 17.51
C ASP E 170 34.62 11.56 16.54
N ALA E 171 33.97 11.42 15.38
CA ALA E 171 34.41 10.46 14.37
C ALA E 171 35.79 10.85 13.91
N PRO E 172 36.54 9.90 13.39
CA PRO E 172 37.81 10.24 12.74
C PRO E 172 37.49 11.06 11.50
N ASP E 173 38.48 11.78 10.97
CA ASP E 173 38.26 12.48 9.72
C ASP E 173 38.14 11.46 8.59
N LEU E 174 37.63 11.88 7.45
CA LEU E 174 37.38 10.96 6.34
C LEU E 174 38.64 10.19 5.94
N ASP E 175 39.78 10.87 5.87
CA ASP E 175 41.01 10.20 5.44
C ASP E 175 41.31 8.99 6.32
N THR E 176 41.22 9.19 7.62
CA THR E 176 41.42 8.11 8.58
C THR E 176 40.30 7.04 8.53
N TYR E 177 39.07 7.48 8.30
CA TYR E 177 37.93 6.57 8.22
C TYR E 177 38.10 5.59 7.06
N LEU E 178 38.58 6.09 5.93
CA LEU E 178 38.88 5.28 4.77
C LEU E 178 40.13 4.43 5.00
N GLY E 179 41.16 5.04 5.56
CA GLY E 179 42.40 4.36 5.92
C GLY E 179 43.02 3.63 4.75
N GLU E 180 43.40 2.37 4.98
CA GLU E 180 44.04 1.54 3.94
C GLU E 180 43.12 1.29 2.75
N ALA E 181 41.80 1.41 2.96
CA ALA E 181 40.86 1.21 1.86
C ALA E 181 41.04 2.21 0.70
N LYS E 182 41.62 3.38 0.99
CA LYS E 182 41.97 4.36 -0.04
C LYS E 182 42.68 3.71 -1.22
N PHE E 183 43.61 2.80 -0.92
CA PHE E 183 44.38 2.07 -1.93
C PHE E 183 43.46 1.50 -3.01
N TYR E 184 42.39 0.86 -2.58
CA TYR E 184 41.45 0.17 -3.48
C TYR E 184 40.49 1.11 -4.19
N MET E 185 40.10 2.20 -3.52
CA MET E 185 39.29 3.27 -4.12
C MET E 185 40.06 3.93 -5.24
N ASP E 186 41.38 4.04 -5.07
CA ASP E 186 42.24 4.75 -6.03
C ASP E 186 42.23 4.12 -7.39
N HIS E 187 41.95 2.81 -7.47
CA HIS E 187 41.79 2.17 -8.78
C HIS E 187 40.74 2.84 -9.64
N MET E 188 39.70 3.41 -9.04
CA MET E 188 38.69 4.13 -9.79
C MET E 188 38.94 5.65 -9.79
N LEU E 189 39.39 6.18 -8.65
CA LEU E 189 39.41 7.62 -8.40
C LEU E 189 40.73 8.35 -8.72
N ASP E 190 41.82 7.61 -8.90
CA ASP E 190 43.15 8.23 -9.02
C ASP E 190 43.92 7.79 -10.26
N ARG E 191 43.20 7.50 -11.33
CA ARG E 191 43.79 7.04 -12.58
C ARG E 191 44.45 8.15 -13.38
N THR E 192 44.07 9.39 -13.13
CA THR E 192 44.61 10.53 -13.88
C THR E 192 44.73 11.77 -13.00
N GLU E 193 45.61 12.70 -13.39
CA GLU E 193 45.76 13.96 -12.67
C GLU E 193 44.53 14.86 -12.83
N ALA E 194 43.74 14.63 -13.86
CA ALA E 194 42.47 15.34 -14.07
C ALA E 194 41.37 14.97 -13.05
N GLY E 195 41.54 13.87 -12.30
CA GLY E 195 40.48 13.40 -11.41
C GLY E 195 39.29 12.84 -12.19
N THR E 196 38.22 12.52 -11.47
CA THR E 196 36.97 12.05 -12.08
C THR E 196 35.93 13.15 -12.07
N GLU E 197 34.86 12.90 -12.82
CA GLU E 197 33.65 13.71 -12.76
C GLU E 197 32.45 12.78 -12.84
N ALA E 198 31.32 13.24 -12.36
CA ALA E 198 30.07 12.51 -12.51
C ALA E 198 29.45 12.82 -13.86
N ILE E 199 28.96 11.80 -14.53
CA ILE E 199 27.96 11.99 -15.57
C ILE E 199 26.70 12.52 -14.84
N PRO E 200 26.10 13.60 -15.32
CA PRO E 200 24.88 14.11 -14.68
C PRO E 200 23.75 13.07 -14.73
N GLY E 201 22.91 13.04 -13.69
CA GLY E 201 21.81 12.11 -13.61
C GLY E 201 22.06 11.13 -12.49
N ILE E 202 21.07 10.97 -11.61
CA ILE E 202 21.11 10.03 -10.50
C ILE E 202 19.83 9.19 -10.58
N GLN E 203 19.98 7.88 -10.73
CA GLN E 203 18.85 6.97 -10.71
C GLN E 203 18.55 6.53 -9.29
N LYS E 204 17.27 6.62 -8.93
CA LYS E 204 16.80 6.22 -7.62
C LYS E 204 15.71 5.17 -7.78
N TRP E 205 15.84 4.06 -7.06
CA TRP E 205 14.76 3.07 -7.03
C TRP E 205 14.67 2.35 -5.69
N VAL E 206 13.54 1.69 -5.48
CA VAL E 206 13.17 1.11 -4.19
C VAL E 206 13.21 -0.41 -4.28
N ILE E 207 14.00 -1.05 -3.40
CA ILE E 207 14.08 -2.51 -3.28
C ILE E 207 13.67 -2.91 -1.88
N PRO E 208 12.62 -3.69 -1.70
CA PRO E 208 12.26 -4.17 -0.35
C PRO E 208 13.22 -5.27 0.21
N CYS E 209 14.44 -4.85 0.57
CA CYS E 209 15.38 -5.71 1.30
C CYS E 209 16.19 -4.91 2.30
N ASN E 210 16.89 -5.63 3.18
CA ASN E 210 17.75 -4.97 4.15
C ASN E 210 19.03 -4.41 3.49
N TRP E 211 19.49 -3.27 3.99
CA TRP E 211 20.69 -2.62 3.43
C TRP E 211 21.95 -3.46 3.52
N LYS E 212 22.04 -4.31 4.54
CA LYS E 212 23.22 -5.14 4.73
C LYS E 212 23.47 -6.16 3.61
N PHE E 213 22.42 -6.63 2.94
CA PHE E 213 22.60 -7.52 1.79
C PHE E 213 23.32 -6.81 0.67
N ALA E 214 22.91 -5.58 0.38
CA ALA E 214 23.54 -4.82 -0.70
C ALA E 214 24.98 -4.46 -0.34
N ALA E 215 25.17 -3.92 0.86
CA ALA E 215 26.50 -3.51 1.30
C ALA E 215 27.45 -4.71 1.32
N GLU E 216 26.95 -5.85 1.79
CA GLU E 216 27.75 -7.07 1.81
C GLU E 216 28.16 -7.49 0.42
N GLN E 217 27.19 -7.56 -0.49
CA GLN E 217 27.46 -8.10 -1.81
C GLN E 217 28.59 -7.33 -2.49
N PHE E 218 28.57 -6.01 -2.39
CA PHE E 218 29.55 -5.17 -3.06
C PHE E 218 30.88 -5.16 -2.30
N CYS E 219 30.83 -5.50 -1.02
CA CYS E 219 32.02 -5.63 -0.15
C CYS E 219 32.84 -6.88 -0.49
N SER E 220 32.13 -8.01 -0.69
CA SER E 220 32.74 -9.33 -0.54
C SER E 220 32.36 -10.39 -1.57
N ASP E 221 31.33 -10.14 -2.38
CA ASP E 221 30.62 -11.22 -3.06
C ASP E 221 30.87 -11.22 -4.58
N MET E 222 32.09 -11.57 -5.00
CA MET E 222 32.35 -11.87 -6.39
C MET E 222 31.77 -13.26 -6.73
N TYR E 223 31.66 -14.12 -5.72
CA TYR E 223 31.04 -15.45 -5.81
C TYR E 223 29.68 -15.48 -6.54
N HIS E 224 28.78 -14.55 -6.24
CA HIS E 224 27.46 -14.54 -6.90
C HIS E 224 27.58 -14.25 -8.41
N ALA E 225 28.53 -13.38 -8.77
CA ALA E 225 28.79 -13.03 -10.17
C ALA E 225 29.56 -14.11 -10.94
N GLY E 226 30.37 -14.90 -10.24
CA GLY E 226 31.15 -15.97 -10.85
C GLY E 226 30.38 -17.28 -10.96
N THR E 227 29.17 -17.34 -10.38
CA THR E 227 28.32 -18.52 -10.45
C THR E 227 27.07 -18.30 -11.31
N THR E 228 25.89 -18.15 -10.67
CA THR E 228 24.64 -18.21 -11.40
C THR E 228 23.88 -16.89 -11.50
N SER E 229 24.15 -15.92 -10.62
CA SER E 229 23.29 -14.71 -10.58
C SER E 229 23.20 -14.02 -11.94
N HIS E 230 24.31 -13.98 -12.69
CA HIS E 230 24.42 -13.15 -13.88
C HIS E 230 24.73 -13.90 -15.17
N LEU E 231 24.37 -15.17 -15.26
CA LEU E 231 24.52 -15.91 -16.51
C LEU E 231 23.83 -15.15 -17.66
N SER E 232 22.62 -14.64 -17.40
CA SER E 232 21.85 -13.95 -18.43
C SER E 232 22.43 -12.59 -18.81
N GLY E 233 22.96 -11.86 -17.82
CA GLY E 233 23.62 -10.59 -18.06
C GLY E 233 24.86 -10.74 -18.93
N ILE E 234 25.60 -11.81 -18.69
CA ILE E 234 26.80 -12.13 -19.48
C ILE E 234 26.40 -12.42 -20.93
N LEU E 235 25.43 -13.30 -21.12
CA LEU E 235 24.92 -13.64 -22.47
C LEU E 235 24.46 -12.42 -23.25
N ALA E 236 23.85 -11.46 -22.54
CA ALA E 236 23.37 -10.24 -23.18
C ALA E 236 24.52 -9.38 -23.72
N GLY E 237 25.72 -9.54 -23.15
CA GLY E 237 26.88 -8.78 -23.60
C GLY E 237 27.70 -9.40 -24.72
N LEU E 238 27.26 -10.54 -25.25
CA LEU E 238 27.99 -11.26 -26.31
C LEU E 238 27.10 -11.64 -27.51
N PRO E 250 36.56 -17.21 -15.25
CA PRO E 250 37.46 -16.19 -14.68
C PRO E 250 38.01 -16.63 -13.31
N THR E 251 39.32 -16.95 -13.23
CA THR E 251 39.86 -17.82 -12.17
C THR E 251 40.74 -17.17 -11.09
N GLU E 252 41.57 -16.20 -11.48
CA GLU E 252 42.52 -15.60 -10.56
C GLU E 252 42.02 -14.25 -10.01
N GLY E 253 42.34 -13.98 -8.77
CA GLY E 253 42.00 -12.72 -8.16
C GLY E 253 42.17 -12.73 -6.66
N ILE E 254 41.99 -11.57 -6.06
CA ILE E 254 42.10 -11.42 -4.61
C ILE E 254 40.97 -10.58 -4.01
N GLN E 255 40.83 -10.69 -2.71
CA GLN E 255 39.81 -9.95 -1.99
C GLN E 255 40.45 -9.29 -0.80
N TYR E 256 40.20 -8.00 -0.68
CA TYR E 256 40.64 -7.18 0.44
C TYR E 256 39.57 -7.13 1.51
N ARG E 257 39.97 -7.44 2.75
CA ARG E 257 39.19 -7.16 3.95
C ARG E 257 39.97 -6.16 4.80
N ALA E 258 39.34 -5.03 5.11
CA ALA E 258 39.98 -3.99 5.89
C ALA E 258 40.36 -4.51 7.26
N THR E 259 41.60 -4.20 7.64
CA THR E 259 42.14 -4.50 8.95
C THR E 259 41.16 -4.05 10.03
N TRP E 260 40.68 -2.82 9.90
CA TRP E 260 39.54 -2.37 10.69
C TRP E 260 38.61 -1.49 9.84
N GLY E 261 37.31 -1.50 10.16
CA GLY E 261 36.38 -0.53 9.58
C GLY E 261 35.26 -1.10 8.73
N GLY E 262 35.37 -2.37 8.36
CA GLY E 262 34.32 -3.05 7.64
C GLY E 262 34.30 -2.84 6.15
N HIS E 263 35.31 -2.17 5.58
CA HIS E 263 35.38 -1.98 4.15
C HIS E 263 35.90 -3.25 3.50
N GLY E 264 35.61 -3.41 2.23
CA GLY E 264 36.10 -4.55 1.48
C GLY E 264 36.00 -4.37 -0.01
N SER E 265 36.84 -5.11 -0.74
CA SER E 265 36.87 -5.05 -2.20
C SER E 265 37.49 -6.30 -2.75
N GLY E 266 36.97 -6.75 -3.89
CA GLY E 266 37.53 -7.88 -4.60
C GLY E 266 37.60 -7.58 -6.09
N PHE E 267 38.44 -8.37 -6.76
CA PHE E 267 38.72 -8.17 -8.16
C PHE E 267 39.46 -9.37 -8.73
N TYR E 268 39.18 -9.63 -10.01
CA TYR E 268 39.90 -10.61 -10.79
C TYR E 268 41.21 -9.98 -11.29
N ILE E 269 42.21 -10.81 -11.55
CA ILE E 269 43.48 -10.38 -12.15
C ILE E 269 43.73 -11.17 -13.43
N GLY E 270 44.02 -10.48 -14.52
CA GLY E 270 44.49 -11.11 -15.75
C GLY E 270 43.43 -11.25 -16.84
N ASP E 271 42.29 -11.81 -16.49
CA ASP E 271 41.30 -12.25 -17.47
C ASP E 271 40.17 -11.22 -17.71
N PRO E 272 40.07 -10.65 -18.91
CA PRO E 272 39.03 -9.64 -19.21
C PRO E 272 37.59 -10.14 -19.37
N ASN E 273 37.31 -11.43 -19.18
CA ASN E 273 36.02 -11.98 -19.57
C ASN E 273 34.81 -11.39 -18.87
N LEU E 274 34.89 -11.15 -17.56
CA LEU E 274 33.75 -10.51 -16.89
C LEU E 274 33.63 -9.04 -17.32
N LEU E 275 34.76 -8.37 -17.57
CA LEU E 275 34.74 -6.96 -17.99
C LEU E 275 34.23 -6.75 -19.41
N LEU E 276 34.65 -7.59 -20.34
CA LEU E 276 34.19 -7.45 -21.73
C LEU E 276 32.69 -7.72 -21.84
N ALA E 277 32.20 -8.72 -21.11
CA ALA E 277 30.79 -9.07 -21.13
C ALA E 277 29.94 -7.96 -20.54
N ILE E 278 30.47 -7.27 -19.53
CA ILE E 278 29.74 -6.20 -18.87
C ILE E 278 29.80 -4.91 -19.67
N MET E 279 30.99 -4.44 -19.97
CA MET E 279 31.19 -3.07 -20.44
C MET E 279 31.51 -2.95 -21.92
N GLY E 280 31.84 -4.08 -22.56
CA GLY E 280 32.09 -4.10 -23.99
C GLY E 280 33.56 -3.84 -24.30
N PRO E 281 33.94 -3.96 -25.58
CA PRO E 281 35.34 -3.87 -25.98
C PRO E 281 35.97 -2.47 -25.91
N LYS E 282 35.23 -1.39 -26.16
CA LYS E 282 35.81 -0.04 -26.09
C LYS E 282 36.28 0.31 -24.67
N VAL E 283 35.42 0.10 -23.68
CA VAL E 283 35.74 0.36 -22.28
C VAL E 283 36.82 -0.58 -21.79
N THR E 284 36.71 -1.86 -22.14
CA THR E 284 37.71 -2.84 -21.72
C THR E 284 39.08 -2.45 -22.24
N GLU E 285 39.14 -1.95 -23.47
CA GLU E 285 40.38 -1.49 -24.08
C GLU E 285 40.92 -0.26 -23.35
N TYR E 286 40.03 0.69 -23.07
CA TYR E 286 40.39 1.93 -22.36
C TYR E 286 40.98 1.65 -20.97
N TRP E 287 40.47 0.59 -20.34
CA TRP E 287 40.85 0.17 -18.99
C TRP E 287 42.21 -0.59 -18.92
N THR E 288 42.65 -1.18 -20.03
CA THR E 288 43.78 -2.14 -20.02
C THR E 288 44.96 -1.87 -20.99
N GLN E 289 44.75 -1.05 -22.01
CA GLN E 289 45.74 -0.81 -23.07
C GLN E 289 45.75 0.66 -23.45
N GLY E 290 46.92 1.20 -23.82
CA GLY E 290 47.02 2.56 -24.36
C GLY E 290 47.34 3.60 -23.30
N PRO E 291 47.44 4.86 -23.72
CA PRO E 291 47.94 5.94 -22.84
C PRO E 291 47.20 6.13 -21.50
N ALA E 292 45.86 6.11 -21.49
CA ALA E 292 45.13 6.31 -20.25
C ALA E 292 45.39 5.16 -19.25
N ALA E 293 45.41 3.93 -19.72
CA ALA E 293 45.65 2.79 -18.84
C ALA E 293 47.10 2.77 -18.33
N GLU E 294 48.06 3.19 -19.17
CA GLU E 294 49.48 3.19 -18.77
C GLU E 294 49.73 4.28 -17.75
N LYS E 295 49.16 5.46 -17.96
CA LYS E 295 49.17 6.51 -16.95
C LYS E 295 48.62 5.97 -15.62
N ALA E 296 47.54 5.20 -15.67
CA ALA E 296 46.97 4.66 -14.45
C ALA E 296 47.95 3.78 -13.71
N SER E 297 48.64 2.90 -14.43
CA SER E 297 49.66 2.04 -13.82
C SER E 297 50.80 2.83 -13.17
N GLU E 298 51.20 3.94 -13.80
CA GLU E 298 52.26 4.79 -13.25
C GLU E 298 51.84 5.45 -11.94
N ARG E 299 50.65 6.02 -11.91
CA ARG E 299 50.14 6.70 -10.72
C ARG E 299 49.87 5.71 -9.58
N LEU E 300 49.61 4.46 -9.93
CA LEU E 300 49.34 3.42 -8.97
C LEU E 300 50.60 2.58 -8.67
N GLY E 301 51.72 2.93 -9.31
CA GLY E 301 52.99 2.25 -9.07
C GLY E 301 53.01 0.76 -9.45
N SER E 302 52.13 0.35 -10.37
CA SER E 302 51.99 -1.06 -10.71
C SER E 302 51.20 -1.27 -12.01
N THR E 303 51.75 -2.11 -12.89
CA THR E 303 51.08 -2.52 -14.11
C THR E 303 49.85 -3.39 -13.79
N GLU E 304 49.96 -4.20 -12.74
CA GLU E 304 48.87 -5.05 -12.32
C GLU E 304 47.65 -4.22 -11.87
N ARG E 305 47.89 -3.24 -11.00
CA ARG E 305 46.83 -2.39 -10.47
C ARG E 305 46.16 -1.56 -11.55
N GLY E 306 46.95 -1.03 -12.47
CA GLY E 306 46.43 -0.16 -13.50
C GLY E 306 45.75 -0.90 -14.64
N GLN E 307 46.32 -2.02 -15.06
CA GLN E 307 45.97 -2.61 -16.35
C GLN E 307 45.48 -4.05 -16.30
N GLN E 308 45.78 -4.78 -15.24
CA GLN E 308 45.43 -6.21 -15.18
C GLN E 308 44.28 -6.49 -14.19
N LEU E 309 43.67 -5.43 -13.68
CA LEU E 309 42.54 -5.57 -12.77
C LEU E 309 41.22 -5.51 -13.55
N MET E 310 40.37 -6.51 -13.32
CA MET E 310 39.24 -6.79 -14.20
C MET E 310 37.98 -6.94 -13.35
N ALA E 311 37.04 -6.03 -13.51
CA ALA E 311 35.87 -5.97 -12.64
C ALA E 311 36.38 -5.97 -11.21
N GLN E 312 36.10 -4.88 -10.51
CA GLN E 312 36.35 -4.78 -9.09
C GLN E 312 35.03 -4.40 -8.43
N HIS E 313 34.80 -4.93 -7.23
CA HIS E 313 33.67 -4.50 -6.41
C HIS E 313 34.22 -3.98 -5.09
N MET E 314 33.50 -3.04 -4.49
CA MET E 314 33.94 -2.43 -3.25
C MET E 314 32.78 -1.82 -2.45
N THR E 315 32.85 -1.96 -1.14
CA THR E 315 32.05 -1.18 -0.21
C THR E 315 32.94 -0.43 0.79
N ILE E 316 32.65 0.87 0.95
CA ILE E 316 33.08 1.67 2.10
C ILE E 316 31.92 1.66 3.08
N PHE E 317 32.15 1.01 4.21
CA PHE E 317 31.16 0.80 5.25
C PHE E 317 30.63 2.11 5.77
N PRO E 318 29.32 2.21 6.04
CA PRO E 318 28.34 1.11 5.85
C PRO E 318 27.68 0.95 4.47
N THR E 319 27.48 2.01 3.69
CA THR E 319 26.54 1.99 2.57
C THR E 319 26.98 2.71 1.29
N CYS E 320 28.29 2.88 1.12
CA CYS E 320 28.84 3.42 -0.11
C CYS E 320 29.47 2.29 -0.93
N SER E 321 28.96 2.04 -2.12
CA SER E 321 29.48 0.95 -2.93
C SER E 321 29.70 1.36 -4.38
N PHE E 322 30.65 0.70 -5.03
CA PHE E 322 31.01 1.04 -6.39
C PHE E 322 31.82 -0.10 -7.03
N LEU E 323 31.92 -0.05 -8.35
CA LEU E 323 32.56 -1.09 -9.14
C LEU E 323 33.61 -0.47 -10.04
N PRO E 324 34.86 -0.29 -9.55
CA PRO E 324 35.92 0.28 -10.38
C PRO E 324 36.09 -0.48 -11.70
N GLY E 325 36.15 0.26 -12.80
CA GLY E 325 36.12 -0.32 -14.13
C GLY E 325 34.79 -0.11 -14.81
N ILE E 326 33.73 -0.56 -14.15
CA ILE E 326 32.36 -0.29 -14.59
C ILE E 326 32.02 1.16 -14.27
N ASN E 327 32.46 1.59 -13.09
CA ASN E 327 32.36 2.97 -12.62
C ASN E 327 30.95 3.43 -12.24
N THR E 328 30.06 2.49 -11.91
CA THR E 328 28.86 2.83 -11.16
C THR E 328 29.26 2.97 -9.70
N ILE E 329 28.62 3.94 -9.04
CA ILE E 329 28.78 4.17 -7.61
C ILE E 329 27.40 4.52 -7.05
N ARG E 330 27.15 4.13 -5.81
CA ARG E 330 25.83 4.36 -5.24
C ARG E 330 25.88 4.43 -3.73
N ALA E 331 24.85 5.06 -3.17
CA ALA E 331 24.52 4.99 -1.76
C ALA E 331 23.30 4.12 -1.61
N TRP E 332 23.29 3.27 -0.59
CA TRP E 332 22.10 2.54 -0.15
C TRP E 332 21.52 3.35 1.00
N HIS E 333 20.22 3.62 0.93
CA HIS E 333 19.55 4.36 1.99
C HIS E 333 18.55 3.45 2.67
N PRO E 334 18.67 3.27 3.98
CA PRO E 334 17.78 2.37 4.72
C PRO E 334 16.39 2.94 4.81
N ARG E 335 15.38 2.07 4.76
CA ARG E 335 13.97 2.45 4.85
C ARG E 335 13.27 1.44 5.74
N GLY E 336 13.79 1.35 6.96
CA GLY E 336 13.45 0.27 7.86
C GLY E 336 14.28 -0.94 7.48
N PRO E 337 14.10 -2.01 8.24
CA PRO E 337 14.83 -3.26 8.03
C PRO E 337 14.48 -4.03 6.73
N ASN E 338 13.30 -3.75 6.17
CA ASN E 338 12.73 -4.51 5.06
C ASN E 338 12.76 -3.76 3.73
N GLU E 339 13.38 -2.59 3.69
CA GLU E 339 13.45 -1.80 2.46
C GLU E 339 14.69 -0.93 2.39
N ILE E 340 15.16 -0.66 1.16
CA ILE E 340 16.16 0.35 0.89
C ILE E 340 15.79 1.12 -0.36
N GLU E 341 16.46 2.26 -0.53
CA GLU E 341 16.55 2.93 -1.80
C GLU E 341 17.98 2.79 -2.31
N VAL E 342 18.12 2.64 -3.62
CA VAL E 342 19.42 2.74 -4.28
C VAL E 342 19.47 4.07 -5.02
N TRP E 343 20.51 4.86 -4.74
CA TRP E 343 20.76 6.12 -5.46
C TRP E 343 22.09 6.00 -6.18
N ALA E 344 22.05 5.82 -7.49
CA ALA E 344 23.23 5.47 -8.27
C ALA E 344 23.55 6.51 -9.31
N PHE E 345 24.85 6.63 -9.61
CA PHE E 345 25.33 7.44 -10.72
C PHE E 345 26.66 6.87 -11.24
N THR E 346 27.12 7.39 -12.37
CA THR E 346 28.35 6.93 -13.01
C THR E 346 29.41 8.03 -12.98
N VAL E 347 30.65 7.63 -12.71
CA VAL E 347 31.78 8.55 -12.78
C VAL E 347 32.72 8.16 -13.91
N VAL E 348 33.37 9.16 -14.49
CA VAL E 348 34.33 8.98 -15.57
C VAL E 348 35.56 9.82 -15.29
N ASP E 349 36.69 9.42 -15.85
CA ASP E 349 37.89 10.24 -15.87
C ASP E 349 37.55 11.55 -16.56
N ALA E 350 37.89 12.68 -15.94
CA ALA E 350 37.50 13.98 -16.50
C ALA E 350 38.16 14.29 -17.85
N ASP E 351 39.30 13.65 -18.11
CA ASP E 351 40.02 13.81 -19.39
C ASP E 351 39.81 12.68 -20.40
N ALA E 352 38.95 11.71 -20.11
CA ALA E 352 38.59 10.69 -21.10
C ALA E 352 38.01 11.39 -22.32
N PRO E 353 38.27 10.87 -23.52
CA PRO E 353 37.62 11.42 -24.72
C PRO E 353 36.09 11.42 -24.57
N GLU E 354 35.43 12.36 -25.23
CA GLU E 354 33.99 12.48 -25.15
C GLU E 354 33.28 11.17 -25.49
N GLU E 355 33.83 10.39 -26.42
CA GLU E 355 33.21 9.15 -26.91
C GLU E 355 33.28 8.04 -25.86
N MET E 356 34.34 8.05 -25.05
CA MET E 356 34.49 7.13 -23.94
C MET E 356 33.54 7.49 -22.80
N LYS E 357 33.33 8.77 -22.56
CA LYS E 357 32.36 9.22 -21.57
C LYS E 357 30.95 8.74 -21.98
N GLU E 358 30.64 8.86 -23.28
CA GLU E 358 29.36 8.42 -23.83
C GLU E 358 29.22 6.91 -23.72
N GLU E 359 30.30 6.18 -24.03
CA GLU E 359 30.31 4.73 -23.87
C GLU E 359 30.08 4.30 -22.40
N TYR E 360 30.70 5.00 -21.46
CA TYR E 360 30.49 4.67 -20.05
C TYR E 360 29.04 4.91 -19.62
N ARG E 361 28.44 6.00 -20.11
CA ARG E 361 27.07 6.36 -19.81
C ARG E 361 26.11 5.25 -20.26
N GLN E 362 26.25 4.84 -21.51
CA GLN E 362 25.34 3.85 -22.11
C GLN E 362 25.54 2.47 -21.50
N GLN E 363 26.79 2.09 -21.29
CA GLN E 363 27.10 0.74 -20.80
C GLN E 363 26.72 0.56 -19.33
N THR E 364 26.91 1.59 -18.51
CA THR E 364 26.50 1.49 -17.11
C THR E 364 24.99 1.38 -17.02
N LEU E 365 24.24 2.24 -17.73
CA LEU E 365 22.77 2.20 -17.60
C LEU E 365 22.22 0.90 -18.18
N ARG E 366 22.93 0.35 -19.16
CA ARG E 366 22.61 -0.94 -19.74
C ARG E 366 22.78 -2.10 -18.74
N THR E 367 23.66 -1.96 -17.76
CA THR E 367 24.06 -3.09 -16.90
C THR E 367 23.73 -2.92 -15.42
N PHE E 368 24.21 -1.85 -14.79
CA PHE E 368 24.04 -1.68 -13.36
C PHE E 368 23.11 -0.53 -13.03
N SER E 369 21.83 -0.80 -13.29
CA SER E 369 20.76 0.14 -13.06
C SER E 369 19.47 -0.66 -12.90
N ALA E 370 18.38 0.01 -12.56
CA ALA E 370 17.11 -0.67 -12.26
C ALA E 370 16.72 -1.65 -13.37
N GLY E 371 16.86 -1.20 -14.60
CA GLY E 371 16.52 -1.98 -15.78
C GLY E 371 17.72 -2.63 -16.44
N GLY E 372 18.90 -2.46 -15.85
CA GLY E 372 20.12 -3.04 -16.38
C GLY E 372 20.11 -4.56 -16.39
N VAL E 373 20.85 -5.14 -17.33
CA VAL E 373 20.83 -6.59 -17.56
C VAL E 373 21.56 -7.40 -16.47
N PHE E 374 22.34 -6.73 -15.63
CA PHE E 374 22.93 -7.35 -14.44
C PHE E 374 22.07 -7.08 -13.22
N GLU E 375 21.92 -5.80 -12.87
CA GLU E 375 21.30 -5.41 -11.61
C GLU E 375 19.80 -5.72 -11.47
N GLN E 376 19.09 -5.81 -12.59
CA GLN E 376 17.74 -6.40 -12.65
C GLN E 376 17.63 -7.61 -11.77
N ASP E 377 18.61 -8.50 -11.91
CA ASP E 377 18.61 -9.77 -11.19
C ASP E 377 19.02 -9.67 -9.72
N ASP E 378 19.92 -8.73 -9.38
CA ASP E 378 20.31 -8.54 -7.97
C ASP E 378 19.09 -8.17 -7.12
N GLY E 379 18.30 -7.20 -7.57
CA GLY E 379 17.09 -6.79 -6.87
C GLY E 379 16.04 -7.89 -6.69
N GLU E 380 15.96 -8.84 -7.62
CA GLU E 380 15.02 -9.95 -7.51
C GLU E 380 15.48 -10.90 -6.39
N ASN E 381 16.77 -11.18 -6.32
CA ASN E 381 17.29 -12.05 -5.28
C ASN E 381 17.04 -11.47 -3.89
N TRP E 382 17.39 -10.20 -3.68
CA TRP E 382 17.36 -9.62 -2.34
C TRP E 382 15.95 -9.57 -1.81
N VAL E 383 15.01 -9.28 -2.70
CA VAL E 383 13.59 -9.19 -2.37
C VAL E 383 13.03 -10.51 -1.86
N GLU E 384 13.43 -11.60 -2.49
CA GLU E 384 12.97 -12.92 -2.06
C GLU E 384 13.61 -13.36 -0.72
N ILE E 385 14.87 -13.02 -0.49
CA ILE E 385 15.51 -13.30 0.80
C ILE E 385 14.72 -12.66 1.95
N GLN E 386 14.42 -11.38 1.81
CA GLN E 386 13.73 -10.62 2.84
C GLN E 386 12.33 -11.14 3.13
N GLN E 387 11.59 -11.48 2.09
CA GLN E 387 10.22 -11.99 2.23
C GLN E 387 10.19 -13.34 2.94
N VAL E 388 11.13 -14.22 2.59
CA VAL E 388 11.28 -15.51 3.27
C VAL E 388 11.49 -15.30 4.77
N LEU E 389 12.20 -14.24 5.15
CA LEU E 389 12.51 -13.95 6.55
C LEU E 389 11.33 -13.50 7.41
N ARG E 390 10.17 -13.26 6.81
CA ARG E 390 8.96 -13.14 7.62
C ARG E 390 8.76 -14.39 8.51
N GLY E 391 9.27 -15.52 8.07
CA GLY E 391 9.03 -16.79 8.73
C GLY E 391 9.81 -16.98 10.02
N HIS E 392 9.17 -17.53 11.04
CA HIS E 392 9.82 -17.85 12.30
C HIS E 392 11.00 -18.83 12.13
N LYS E 393 10.76 -20.00 11.52
CA LYS E 393 11.86 -20.95 11.32
C LYS E 393 12.95 -20.39 10.41
N ALA E 394 12.59 -19.54 9.45
CA ALA E 394 13.56 -18.89 8.59
C ALA E 394 14.52 -17.98 9.36
N ARG E 395 14.08 -17.50 10.53
CA ARG E 395 14.91 -16.64 11.37
C ARG E 395 15.56 -17.40 12.54
N SER E 396 15.37 -18.71 12.63
CA SER E 396 15.75 -19.49 13.83
C SER E 396 17.12 -20.16 13.77
N ARG E 397 17.75 -20.14 12.60
CA ARG E 397 19.05 -20.76 12.42
C ARG E 397 19.96 -19.83 11.62
N PRO E 398 21.26 -19.89 11.90
CA PRO E 398 22.23 -19.02 11.23
C PRO E 398 22.46 -19.28 9.73
N PHE E 399 22.80 -18.23 9.01
CA PHE E 399 23.31 -18.33 7.64
C PHE E 399 24.77 -18.77 7.69
N ASN E 400 25.19 -19.50 6.67
CA ASN E 400 26.56 -19.96 6.54
C ASN E 400 27.47 -18.86 5.99
N ALA E 401 28.41 -18.42 6.83
CA ALA E 401 29.40 -17.42 6.44
C ALA E 401 30.83 -17.93 6.66
N GLU E 402 31.07 -19.19 6.30
CA GLU E 402 32.36 -19.84 6.54
C GLU E 402 33.28 -19.85 5.32
N MET E 403 32.80 -19.39 4.18
CA MET E 403 33.60 -19.38 2.96
C MET E 403 34.97 -18.74 3.16
N GLY E 404 36.03 -19.50 2.97
CA GLY E 404 37.38 -18.98 3.01
C GLY E 404 37.93 -18.78 4.40
N LEU E 405 37.24 -19.26 5.43
CA LEU E 405 37.71 -19.13 6.81
C LEU E 405 39.16 -19.58 6.96
N GLY E 406 39.99 -18.74 7.58
CA GLY E 406 41.38 -19.04 7.82
C GLY E 406 42.32 -19.02 6.62
N GLN E 407 41.79 -18.85 5.41
CA GLN E 407 42.62 -18.76 4.22
C GLN E 407 42.93 -17.30 3.90
N THR E 408 43.74 -16.70 4.76
CA THR E 408 44.07 -15.28 4.70
C THR E 408 45.58 -15.03 4.75
N ASP E 409 45.98 -13.86 4.29
CA ASP E 409 47.36 -13.41 4.29
C ASP E 409 47.33 -11.93 4.64
N SER E 410 47.73 -11.60 5.88
CA SER E 410 47.72 -10.21 6.35
C SER E 410 49.07 -9.49 6.13
N ASP E 411 49.95 -10.12 5.34
CA ASP E 411 51.31 -9.62 5.10
C ASP E 411 51.68 -9.80 3.61
N ASN E 412 50.75 -9.43 2.73
CA ASN E 412 50.96 -9.48 1.30
C ASN E 412 51.75 -8.23 0.92
N PRO E 413 52.83 -8.38 0.14
CA PRO E 413 53.71 -7.25 -0.19
C PRO E 413 53.10 -6.18 -1.11
N ASP E 414 52.25 -6.57 -2.05
CA ASP E 414 51.66 -5.62 -3.02
C ASP E 414 50.27 -5.08 -2.69
N TYR E 415 49.60 -5.68 -1.73
CA TYR E 415 48.19 -5.37 -1.43
C TYR E 415 47.97 -5.31 0.08
N PRO E 416 47.68 -4.13 0.62
CA PRO E 416 47.50 -3.98 2.06
C PRO E 416 46.19 -4.55 2.60
N GLY E 417 46.20 -4.91 3.87
CA GLY E 417 45.06 -5.44 4.56
C GLY E 417 45.10 -6.96 4.66
N THR E 418 43.93 -7.54 4.89
CA THR E 418 43.77 -8.98 5.02
C THR E 418 43.29 -9.53 3.69
N ILE E 419 44.20 -10.20 2.99
CA ILE E 419 43.98 -10.64 1.63
C ILE E 419 43.54 -12.11 1.58
N SER E 420 42.59 -12.39 0.70
CA SER E 420 42.01 -13.71 0.51
C SER E 420 41.91 -13.98 -0.99
N TYR E 421 41.58 -15.21 -1.36
CA TYR E 421 41.16 -15.53 -2.74
C TYR E 421 39.91 -14.69 -3.08
N VAL E 422 39.71 -14.41 -4.37
CA VAL E 422 38.61 -13.54 -4.80
C VAL E 422 37.23 -14.10 -4.39
N TYR E 423 37.13 -15.43 -4.32
CA TYR E 423 35.95 -16.09 -3.78
C TYR E 423 36.17 -16.41 -2.31
N SER E 424 35.66 -15.50 -1.48
CA SER E 424 35.72 -15.62 -0.04
C SER E 424 34.63 -14.77 0.61
N GLU E 425 34.32 -15.06 1.86
CA GLU E 425 33.47 -14.16 2.66
C GLU E 425 34.22 -13.52 3.83
N GLU E 426 35.54 -13.42 3.71
CA GLU E 426 36.38 -12.77 4.73
C GLU E 426 36.00 -11.30 4.88
N ALA E 427 35.82 -10.62 3.75
CA ALA E 427 35.46 -9.20 3.78
C ALA E 427 34.08 -9.02 4.37
N ALA E 428 33.16 -9.94 4.06
CA ALA E 428 31.81 -9.94 4.62
C ALA E 428 31.84 -10.16 6.12
N ARG E 429 32.63 -11.11 6.59
CA ARG E 429 32.77 -11.33 8.03
C ARG E 429 33.27 -10.04 8.67
N GLY E 430 34.20 -9.36 8.02
CA GLY E 430 34.71 -8.08 8.49
C GLY E 430 33.61 -7.02 8.56
N LEU E 431 32.75 -6.99 7.55
CA LEU E 431 31.65 -6.04 7.52
C LEU E 431 30.71 -6.25 8.68
N TYR E 432 30.36 -7.50 8.94
CA TYR E 432 29.42 -7.80 10.02
C TYR E 432 30.09 -7.67 11.39
N THR E 433 31.39 -7.89 11.45
CA THR E 433 32.12 -7.60 12.68
C THR E 433 32.10 -6.08 12.98
N GLN E 434 32.30 -5.25 11.95
CA GLN E 434 32.22 -3.79 12.13
C GLN E 434 30.82 -3.37 12.59
N TRP E 435 29.81 -4.04 12.07
CA TRP E 435 28.42 -3.79 12.43
C TRP E 435 28.26 -4.06 13.93
N VAL E 436 28.78 -5.19 14.41
CA VAL E 436 28.71 -5.47 15.83
C VAL E 436 29.41 -4.38 16.65
N ARG E 437 30.58 -3.95 16.19
CA ARG E 437 31.39 -2.97 16.93
C ARG E 437 30.68 -1.63 17.08
N MET E 438 30.11 -1.13 15.98
CA MET E 438 29.35 0.11 16.00
C MET E 438 28.13 -0.03 16.88
N MET E 439 27.40 -1.12 16.67
CA MET E 439 26.13 -1.38 17.37
C MET E 439 26.28 -1.56 18.87
N THR E 440 27.47 -1.96 19.31
CA THR E 440 27.75 -2.16 20.74
C THR E 440 28.60 -1.04 21.36
N SER E 441 28.86 0.03 20.61
CA SER E 441 29.66 1.17 21.10
C SER E 441 28.78 2.41 21.34
N PRO E 442 28.70 2.90 22.57
CA PRO E 442 27.90 4.10 22.88
C PRO E 442 28.39 5.37 22.20
N ASP E 443 29.66 5.44 21.86
CA ASP E 443 30.24 6.60 21.20
C ASP E 443 31.50 6.18 20.47
N TRP E 444 32.12 7.13 19.80
CA TRP E 444 33.30 6.81 19.00
C TRP E 444 34.49 6.39 19.86
N ALA E 445 34.62 6.94 21.07
CA ALA E 445 35.67 6.53 22.02
C ALA E 445 35.62 5.00 22.24
N ALA E 446 34.43 4.47 22.50
CA ALA E 446 34.25 3.04 22.69
C ALA E 446 34.55 2.29 21.38
N LEU E 447 34.11 2.84 20.25
CA LEU E 447 34.37 2.24 18.94
C LEU E 447 35.87 2.15 18.62
N ASP E 448 36.57 3.28 18.73
CA ASP E 448 38.02 3.30 18.54
C ASP E 448 38.75 2.29 19.45
N ALA E 449 38.20 1.99 20.63
CA ALA E 449 38.84 1.04 21.55
C ALA E 449 38.76 -0.42 21.10
N THR E 450 37.99 -0.69 20.04
CA THR E 450 37.93 -2.02 19.43
C THR E 450 39.02 -2.21 18.38
N ARG E 451 39.75 -1.16 18.05
CA ARG E 451 40.82 -1.26 17.05
C ARG E 451 41.91 -2.21 17.60
N PRO E 452 42.63 -2.88 16.70
CA PRO E 452 43.74 -3.75 17.13
C PRO E 452 44.92 -2.90 17.61
N PHE F 11 3.60 18.21 -31.09
CA PHE F 11 2.43 18.41 -30.13
C PHE F 11 2.49 19.73 -29.37
N ARG F 12 3.12 20.72 -29.98
CA ARG F 12 3.14 22.08 -29.45
C ARG F 12 1.75 22.67 -29.55
N THR F 13 1.06 22.38 -30.66
CA THR F 13 -0.32 22.81 -30.87
C THR F 13 -1.19 21.58 -31.08
N LYS F 14 -2.49 21.77 -31.03
CA LYS F 14 -3.43 20.65 -31.11
C LYS F 14 -3.31 20.02 -32.49
N PRO F 15 -3.08 18.72 -32.54
CA PRO F 15 -2.97 18.01 -33.82
C PRO F 15 -4.17 18.22 -34.73
N ALA F 16 -3.93 18.49 -36.01
CA ALA F 16 -4.98 18.47 -37.02
C ALA F 16 -5.71 17.12 -37.01
N PRO F 17 -6.96 17.11 -37.45
CA PRO F 17 -7.69 15.85 -37.61
C PRO F 17 -7.00 14.94 -38.64
N VAL F 18 -7.04 13.63 -38.40
CA VAL F 18 -6.51 12.65 -39.33
C VAL F 18 -7.66 11.75 -39.78
N ASP F 19 -7.39 10.98 -40.81
CA ASP F 19 -8.36 10.02 -41.33
C ASP F 19 -8.66 8.96 -40.27
N PRO F 20 -9.92 8.58 -40.08
CA PRO F 20 -10.28 7.52 -39.13
C PRO F 20 -9.49 6.21 -39.37
N SER F 21 -9.20 5.88 -40.61
CA SER F 21 -8.45 4.66 -40.89
C SER F 21 -6.99 4.72 -40.38
N LEU F 22 -6.38 5.89 -40.39
CA LEU F 22 -5.03 6.07 -39.86
C LEU F 22 -5.02 5.98 -38.33
N GLN F 23 -5.97 6.67 -37.71
CA GLN F 23 -6.15 6.59 -36.26
C GLN F 23 -6.31 5.15 -35.85
N HIS F 24 -7.14 4.41 -36.58
CA HIS F 24 -7.45 3.04 -36.23
C HIS F 24 -6.27 2.08 -36.42
N GLU F 25 -5.50 2.25 -37.48
CA GLU F 25 -4.38 1.36 -37.74
C GLU F 25 -3.22 1.62 -36.76
N ILE F 26 -3.05 2.84 -36.29
CA ILE F 26 -2.00 3.15 -35.31
C ILE F 26 -2.41 2.64 -33.93
N GLU F 27 -3.69 2.80 -33.56
CA GLU F 27 -4.20 2.22 -32.34
C GLU F 27 -3.99 0.70 -32.37
N GLN F 28 -4.40 0.06 -33.47
CA GLN F 28 -4.19 -1.38 -33.65
C GLN F 28 -2.69 -1.76 -33.55
N PHE F 29 -1.80 -0.90 -34.04
CA PHE F 29 -0.37 -1.15 -33.85
C PHE F 29 -0.05 -1.27 -32.38
N TYR F 30 -0.49 -0.29 -31.59
CA TYR F 30 -0.23 -0.29 -30.14
C TYR F 30 -0.93 -1.41 -29.39
N TYR F 31 -2.13 -1.75 -29.81
CA TYR F 31 -2.90 -2.80 -29.14
C TYR F 31 -2.24 -4.16 -29.36
N TRP F 32 -1.75 -4.35 -30.59
CA TRP F 32 -1.04 -5.55 -30.94
C TRP F 32 0.32 -5.58 -30.21
N GLU F 33 1.00 -4.44 -30.16
CA GLU F 33 2.25 -4.34 -29.41
C GLU F 33 2.05 -4.74 -27.95
N ALA F 34 0.98 -4.23 -27.35
CA ALA F 34 0.68 -4.53 -25.96
C ALA F 34 0.49 -6.03 -25.75
N LYS F 35 -0.27 -6.67 -26.63
CA LYS F 35 -0.47 -8.13 -26.58
C LYS F 35 0.87 -8.85 -26.63
N LEU F 36 1.76 -8.42 -27.52
CA LEU F 36 3.05 -9.09 -27.67
C LEU F 36 3.85 -9.00 -26.35
N LEU F 37 3.86 -7.83 -25.73
CA LEU F 37 4.58 -7.63 -24.49
C LEU F 37 3.92 -8.42 -23.37
N ASN F 38 2.61 -8.29 -23.23
CA ASN F 38 1.87 -8.90 -22.12
C ASN F 38 1.80 -10.43 -22.18
N ASP F 39 1.89 -10.98 -23.40
CA ASP F 39 1.88 -12.42 -23.62
C ASP F 39 3.29 -12.97 -23.82
N ARG F 40 4.29 -12.11 -23.64
CA ARG F 40 5.71 -12.50 -23.63
C ARG F 40 6.18 -13.00 -24.98
N ARG F 41 5.62 -12.46 -26.03
CA ARG F 41 6.04 -12.78 -27.38
C ARG F 41 7.16 -11.84 -27.76
N PHE F 42 8.30 -12.03 -27.10
CA PHE F 42 9.36 -11.03 -27.13
C PHE F 42 10.13 -11.00 -28.43
N GLN F 43 10.32 -12.14 -29.08
CA GLN F 43 11.01 -12.14 -30.38
C GLN F 43 10.21 -11.28 -31.36
N GLU F 44 8.88 -11.43 -31.36
CA GLU F 44 8.02 -10.64 -32.23
C GLU F 44 8.04 -9.16 -31.85
N TRP F 45 8.11 -8.85 -30.56
CA TRP F 45 8.15 -7.44 -30.15
C TRP F 45 9.42 -6.78 -30.67
N PHE F 46 10.57 -7.39 -30.39
CA PHE F 46 11.85 -6.84 -30.83
C PHE F 46 11.93 -6.67 -32.35
N ASP F 47 11.21 -7.50 -33.10
CA ASP F 47 11.16 -7.36 -34.55
C ASP F 47 10.42 -6.09 -35.03
N LEU F 48 9.60 -5.49 -34.15
CA LEU F 48 9.00 -4.17 -34.42
C LEU F 48 10.02 -3.02 -34.44
N LEU F 49 11.15 -3.18 -33.77
CA LEU F 49 12.12 -2.11 -33.66
C LEU F 49 12.92 -1.94 -34.96
N ALA F 50 13.03 -0.70 -35.42
CA ALA F 50 13.84 -0.35 -36.60
C ALA F 50 15.32 -0.47 -36.27
N GLU F 51 16.15 -0.65 -37.29
CA GLU F 51 17.61 -0.70 -37.12
C GLU F 51 18.15 0.59 -36.48
N ASP F 52 17.49 1.72 -36.73
CA ASP F 52 17.88 3.01 -36.10
C ASP F 52 17.12 3.31 -34.79
N ILE F 53 16.57 2.30 -34.13
CA ILE F 53 15.83 2.46 -32.89
C ILE F 53 16.64 3.26 -31.87
N HIS F 54 15.98 4.26 -31.25
CA HIS F 54 16.46 4.95 -30.06
C HIS F 54 15.35 4.82 -29.00
N TYR F 55 15.57 3.97 -28.00
CA TYR F 55 14.60 3.61 -26.95
C TYR F 55 15.07 4.30 -25.68
N PHE F 56 14.33 5.32 -25.26
CA PHE F 56 14.85 6.30 -24.33
C PHE F 56 13.81 6.56 -23.23
N MET F 57 14.25 6.51 -21.97
CA MET F 57 13.40 6.77 -20.83
C MET F 57 14.21 7.61 -19.88
N PRO F 58 14.09 8.93 -19.96
CA PRO F 58 14.91 9.78 -19.11
C PRO F 58 14.52 9.69 -17.63
N ILE F 59 15.50 9.95 -16.77
CA ILE F 59 15.27 10.15 -15.36
C ILE F 59 14.55 11.47 -15.13
N ARG F 60 13.56 11.42 -14.25
CA ARG F 60 12.70 12.54 -13.97
C ARG F 60 12.90 13.00 -12.53
N THR F 61 13.02 14.33 -12.34
CA THR F 61 13.26 14.92 -11.03
C THR F 61 12.16 15.90 -10.65
N THR F 62 12.09 16.16 -9.35
CA THR F 62 11.17 17.11 -8.77
C THR F 62 11.87 18.46 -8.71
N ARG F 63 11.33 19.42 -9.46
CA ARG F 63 11.90 20.75 -9.54
C ARG F 63 10.87 21.79 -9.09
N ILE F 64 11.35 22.92 -8.59
CA ILE F 64 10.46 24.07 -8.43
C ILE F 64 10.09 24.57 -9.82
N MET F 65 8.99 25.31 -9.91
CA MET F 65 8.52 25.90 -11.17
C MET F 65 9.62 26.50 -12.06
N ARG F 66 10.44 27.42 -11.56
CA ARG F 66 11.39 28.10 -12.46
C ARG F 66 12.51 27.20 -13.06
N GLU F 67 12.63 25.97 -12.57
CA GLU F 67 13.62 25.01 -13.08
C GLU F 67 12.98 23.74 -13.68
N THR F 68 11.71 23.78 -14.10
CA THR F 68 11.05 22.60 -14.69
C THR F 68 11.56 22.25 -16.08
N ALA F 69 12.42 23.10 -16.64
CA ALA F 69 13.13 22.75 -17.87
C ALA F 69 14.16 21.68 -17.57
N GLN F 70 14.61 21.62 -16.31
CA GLN F 70 15.51 20.57 -15.84
C GLN F 70 14.79 19.31 -15.34
N GLU F 71 13.48 19.21 -15.59
CA GLU F 71 12.67 18.11 -15.07
C GLU F 71 13.16 16.73 -15.55
N TYR F 72 13.60 16.63 -16.81
CA TYR F 72 14.00 15.36 -17.43
C TYR F 72 15.50 15.37 -17.73
N SER F 73 16.15 14.22 -17.57
CA SER F 73 17.55 14.05 -17.95
C SER F 73 17.68 14.27 -19.45
N GLY F 74 18.76 14.92 -19.86
CA GLY F 74 18.99 15.30 -21.25
C GLY F 74 19.86 14.30 -22.01
N ALA F 75 20.15 14.66 -23.27
CA ALA F 75 20.89 13.85 -24.24
C ALA F 75 22.15 13.15 -23.74
N ARG F 76 23.05 13.87 -23.10
CA ARG F 76 24.32 13.23 -22.65
C ARG F 76 24.29 12.93 -21.17
N GLU F 77 23.09 12.65 -20.64
CA GLU F 77 22.89 12.43 -19.22
C GLU F 77 22.36 11.02 -18.94
N TYR F 78 22.61 10.55 -17.72
CA TYR F 78 22.16 9.24 -17.27
C TYR F 78 20.65 9.11 -17.47
N ALA F 79 20.20 7.89 -17.75
CA ALA F 79 18.80 7.59 -18.03
C ALA F 79 18.44 6.19 -17.53
N HIS F 80 17.14 5.92 -17.39
CA HIS F 80 16.63 4.57 -17.08
C HIS F 80 16.85 3.60 -18.25
N PHE F 81 16.56 4.08 -19.46
CA PHE F 81 16.88 3.41 -20.72
C PHE F 81 17.40 4.45 -21.70
N ASP F 82 18.33 4.05 -22.55
CA ASP F 82 18.82 4.90 -23.63
C ASP F 82 19.61 4.01 -24.57
N ASP F 83 18.88 3.30 -25.42
CA ASP F 83 19.39 2.13 -26.10
C ASP F 83 19.27 2.23 -27.61
N ASN F 84 20.25 1.66 -28.31
CA ASN F 84 20.24 1.50 -29.76
C ASN F 84 19.87 0.05 -30.09
N ALA F 85 19.93 -0.35 -31.36
CA ALA F 85 19.50 -1.68 -31.79
C ALA F 85 20.33 -2.79 -31.20
N GLN F 86 21.65 -2.57 -31.10
CA GLN F 86 22.56 -3.56 -30.57
C GLN F 86 22.31 -3.80 -29.07
N MET F 87 22.05 -2.72 -28.33
CA MET F 87 21.76 -2.82 -26.91
C MET F 87 20.45 -3.58 -26.68
N MET F 88 19.42 -3.24 -27.45
CA MET F 88 18.12 -3.90 -27.35
C MET F 88 18.24 -5.37 -27.75
N ARG F 89 19.06 -5.67 -28.75
CA ARG F 89 19.27 -7.07 -29.15
C ARG F 89 19.82 -7.89 -27.98
N GLY F 90 20.74 -7.32 -27.20
CA GLY F 90 21.24 -7.98 -26.00
C GLY F 90 20.18 -8.23 -24.93
N ARG F 91 19.27 -7.27 -24.76
CA ARG F 91 18.17 -7.43 -23.81
C ARG F 91 17.20 -8.55 -24.22
N LEU F 92 17.02 -8.73 -25.53
CA LEU F 92 16.24 -9.87 -26.04
C LEU F 92 16.96 -11.18 -25.71
N ARG F 93 18.28 -11.19 -25.88
CA ARG F 93 19.10 -12.37 -25.61
C ARG F 93 19.07 -12.76 -24.12
N LYS F 94 18.92 -11.78 -23.22
CA LYS F 94 18.85 -12.05 -21.79
C LYS F 94 17.49 -12.62 -21.47
N ILE F 95 16.45 -11.96 -21.98
CA ILE F 95 15.07 -12.27 -21.61
C ILE F 95 14.51 -13.56 -22.26
N THR F 96 15.24 -14.16 -23.21
CA THR F 96 14.80 -15.44 -23.83
C THR F 96 15.73 -16.62 -23.48
N SER F 97 16.51 -16.43 -22.42
CA SER F 97 17.21 -17.53 -21.78
C SER F 97 16.40 -17.99 -20.57
N ASP F 98 16.79 -19.14 -20.04
CA ASP F 98 16.13 -19.72 -18.87
C ASP F 98 16.94 -19.52 -17.58
N VAL F 99 17.97 -18.68 -17.66
CA VAL F 99 18.78 -18.28 -16.51
C VAL F 99 18.58 -16.79 -16.17
N SER F 100 17.57 -16.16 -16.78
CA SER F 100 17.23 -14.76 -16.48
C SER F 100 16.20 -14.71 -15.33
N TRP F 101 16.69 -14.55 -14.12
CA TRP F 101 15.90 -14.76 -12.91
C TRP F 101 14.82 -13.72 -12.70
N SER F 102 15.10 -12.45 -13.03
CA SER F 102 14.07 -11.39 -12.94
C SER F 102 12.81 -11.66 -13.80
N GLU F 103 12.97 -12.44 -14.88
CA GLU F 103 11.84 -12.83 -15.75
C GLU F 103 11.76 -14.36 -16.01
N ASN F 104 12.12 -15.13 -14.98
CA ASN F 104 11.96 -16.59 -14.97
C ASN F 104 12.05 -17.00 -13.50
N PRO F 105 10.90 -17.07 -12.81
CA PRO F 105 9.57 -17.00 -13.42
C PRO F 105 9.20 -15.62 -13.94
N ALA F 106 8.35 -15.62 -14.97
CA ALA F 106 8.01 -14.43 -15.68
C ALA F 106 7.01 -13.62 -14.88
N SER F 107 7.12 -12.31 -15.00
CA SER F 107 6.12 -11.40 -14.48
C SER F 107 4.88 -11.39 -15.37
N ARG F 108 3.79 -10.87 -14.83
CA ARG F 108 2.57 -10.66 -15.61
C ARG F 108 2.40 -9.18 -15.78
N THR F 109 2.29 -8.72 -17.02
CA THR F 109 2.16 -7.30 -17.31
C THR F 109 0.89 -7.02 -18.09
N ARG F 110 0.39 -5.79 -17.95
CA ARG F 110 -0.72 -5.29 -18.74
C ARG F 110 -0.38 -3.88 -19.14
N HIS F 111 -0.44 -3.62 -20.43
CA HIS F 111 -0.19 -2.30 -20.98
C HIS F 111 -1.55 -1.80 -21.44
N VAL F 112 -2.11 -0.84 -20.70
CA VAL F 112 -3.39 -0.26 -21.05
C VAL F 112 -3.08 1.04 -21.75
N ILE F 113 -3.39 1.09 -23.03
CA ILE F 113 -2.98 2.21 -23.88
C ILE F 113 -4.19 3.05 -24.22
N SER F 114 -4.02 4.37 -24.14
CA SER F 114 -5.06 5.30 -24.59
C SER F 114 -4.53 6.66 -25.04
N ASN F 115 -5.46 7.59 -25.33
CA ASN F 115 -5.12 8.97 -25.68
C ASN F 115 -4.17 9.09 -26.88
N VAL F 116 -4.35 8.22 -27.88
CA VAL F 116 -3.51 8.23 -29.07
C VAL F 116 -3.77 9.48 -29.94
N MET F 117 -2.71 10.28 -30.14
CA MET F 117 -2.73 11.47 -30.99
C MET F 117 -1.59 11.36 -32.02
N ILE F 118 -1.92 11.63 -33.28
CA ILE F 118 -1.01 11.41 -34.39
C ILE F 118 -0.78 12.69 -35.19
N VAL F 119 0.47 12.94 -35.53
CA VAL F 119 0.88 14.05 -36.39
C VAL F 119 1.85 13.52 -37.46
N ASP F 120 1.73 14.02 -38.68
CA ASP F 120 2.64 13.62 -39.77
C ASP F 120 4.07 14.00 -39.43
N GLY F 121 4.99 13.09 -39.71
CA GLY F 121 6.41 13.35 -39.53
C GLY F 121 6.92 14.15 -40.70
N GLU F 122 8.20 14.50 -40.65
CA GLU F 122 8.80 15.28 -41.71
C GLU F 122 8.97 14.49 -43.01
N LYS F 123 9.26 13.19 -42.89
CA LYS F 123 9.38 12.30 -44.05
C LYS F 123 8.08 11.52 -44.30
N PRO F 124 7.70 11.27 -45.56
CA PRO F 124 6.54 10.41 -45.85
C PRO F 124 6.73 8.99 -45.33
N GLY F 125 5.66 8.43 -44.75
CA GLY F 125 5.73 7.15 -44.08
C GLY F 125 6.06 7.22 -42.60
N GLU F 126 6.37 8.41 -42.09
CA GLU F 126 6.71 8.57 -40.66
C GLU F 126 5.61 9.33 -39.92
N TYR F 127 5.34 8.93 -38.68
CA TYR F 127 4.31 9.59 -37.86
C TYR F 127 4.83 9.87 -36.44
N HIS F 128 4.56 11.07 -35.94
CA HIS F 128 4.78 11.41 -34.54
C HIS F 128 3.53 11.02 -33.77
N VAL F 129 3.69 10.23 -32.70
CA VAL F 129 2.57 9.74 -31.91
C VAL F 129 2.79 10.00 -30.40
N SER F 130 1.76 10.53 -29.75
CA SER F 130 1.69 10.64 -28.30
C SER F 130 0.57 9.76 -27.84
N SER F 131 0.84 8.96 -26.81
CA SER F 131 -0.15 8.13 -26.18
C SER F 131 0.21 8.03 -24.70
N VAL F 132 -0.75 7.60 -23.90
CA VAL F 132 -0.51 7.38 -22.49
C VAL F 132 -0.66 5.91 -22.12
N PHE F 133 -0.18 5.56 -20.94
CA PHE F 133 -0.30 4.18 -20.49
C PHE F 133 -0.48 4.05 -19.00
N ILE F 134 -1.14 2.96 -18.63
CA ILE F 134 -0.90 2.36 -17.34
C ILE F 134 -0.21 1.03 -17.63
N VAL F 135 0.92 0.81 -16.96
CA VAL F 135 1.51 -0.52 -16.96
C VAL F 135 1.32 -1.12 -15.57
N TYR F 136 0.71 -2.31 -15.57
CA TYR F 136 0.39 -3.05 -14.37
C TYR F 136 1.28 -4.27 -14.39
N ARG F 137 2.11 -4.40 -13.36
CA ARG F 137 3.07 -5.47 -13.30
C ARG F 137 2.95 -6.21 -11.99
N ASN F 138 2.64 -7.49 -12.08
CA ASN F 138 2.39 -8.32 -10.91
C ASN F 138 3.32 -9.49 -11.03
N ARG F 139 4.02 -9.83 -9.96
CA ARG F 139 4.85 -11.01 -10.00
C ARG F 139 4.93 -11.80 -8.70
N LEU F 140 5.47 -13.01 -8.83
CA LEU F 140 5.64 -13.93 -7.71
C LEU F 140 4.30 -14.12 -7.03
N GLU F 141 4.24 -14.03 -5.72
CA GLU F 141 3.00 -14.27 -5.02
C GLU F 141 2.11 -13.03 -5.01
N ARG F 142 2.67 -11.89 -4.61
CA ARG F 142 1.88 -10.70 -4.29
C ARG F 142 2.50 -9.36 -4.69
N GLN F 143 3.57 -9.35 -5.49
CA GLN F 143 4.20 -8.09 -5.93
C GLN F 143 3.33 -7.36 -6.96
N LEU F 144 3.13 -6.07 -6.72
CA LEU F 144 2.37 -5.21 -7.60
C LEU F 144 3.03 -3.84 -7.76
N ASP F 145 3.46 -3.55 -8.98
CA ASP F 145 3.95 -2.25 -9.37
C ASP F 145 3.01 -1.67 -10.42
N ILE F 146 2.56 -0.45 -10.20
CA ILE F 146 1.69 0.23 -11.17
C ILE F 146 2.36 1.52 -11.62
N PHE F 147 2.60 1.61 -12.93
CA PHE F 147 3.24 2.73 -13.61
C PHE F 147 2.24 3.46 -14.51
N ALA F 148 2.49 4.74 -14.71
CA ALA F 148 1.83 5.50 -15.77
C ALA F 148 2.82 6.45 -16.42
N GLY F 149 2.48 6.89 -17.62
CA GLY F 149 3.26 7.89 -18.31
C GLY F 149 2.77 8.18 -19.72
N GLU F 150 3.63 8.88 -20.46
CA GLU F 150 3.41 9.13 -21.87
C GLU F 150 4.48 8.42 -22.69
N ARG F 151 4.10 7.89 -23.86
CA ARG F 151 5.08 7.47 -24.86
C ARG F 151 4.98 8.40 -26.08
N LYS F 152 6.10 9.00 -26.44
CA LYS F 152 6.24 9.82 -27.64
C LYS F 152 7.07 9.04 -28.64
N ASP F 153 6.43 8.55 -29.69
CA ASP F 153 7.05 7.68 -30.69
C ASP F 153 7.15 8.31 -32.07
N ILE F 154 8.11 7.80 -32.85
CA ILE F 154 8.12 7.95 -34.29
C ILE F 154 7.88 6.55 -34.83
N LEU F 155 6.80 6.34 -35.53
CA LEU F 155 6.55 5.09 -36.22
C LEU F 155 6.89 5.29 -37.70
N ARG F 156 7.44 4.25 -38.33
CA ARG F 156 7.78 4.32 -39.75
C ARG F 156 7.13 3.17 -40.52
N ARG F 157 6.44 3.53 -41.59
CA ARG F 157 5.76 2.59 -42.49
C ARG F 157 6.74 1.55 -43.01
N THR F 158 6.26 0.31 -43.08
CA THR F 158 7.06 -0.84 -43.47
C THR F 158 6.14 -1.79 -44.27
N GLY F 159 6.71 -2.78 -44.97
CA GLY F 159 5.93 -3.77 -45.69
C GLY F 159 5.51 -4.99 -44.88
N SER F 160 5.80 -5.01 -43.58
CA SER F 160 5.53 -6.18 -42.73
C SER F 160 4.05 -6.31 -42.38
N GLU F 161 3.68 -7.48 -41.85
CA GLU F 161 2.32 -7.71 -41.36
C GLU F 161 1.96 -6.64 -40.31
N ALA F 162 2.90 -6.29 -39.45
CA ALA F 162 2.69 -5.32 -38.39
C ALA F 162 2.39 -3.90 -38.93
N GLY F 163 2.90 -3.58 -40.12
CA GLY F 163 2.59 -2.33 -40.82
C GLY F 163 3.58 -1.18 -40.54
N PHE F 164 4.21 -1.20 -39.37
CA PHE F 164 5.14 -0.16 -38.96
C PHE F 164 6.31 -0.74 -38.20
N GLU F 165 7.37 0.05 -38.12
CA GLU F 165 8.47 -0.20 -37.21
C GLU F 165 8.60 1.00 -36.28
N LEU F 166 9.10 0.75 -35.08
CA LEU F 166 9.27 1.77 -34.08
C LEU F 166 10.68 2.30 -34.26
N ALA F 167 10.79 3.55 -34.72
CA ALA F 167 12.08 4.17 -35.00
C ALA F 167 12.61 4.93 -33.79
N LYS F 168 11.70 5.49 -32.99
CA LYS F 168 12.08 6.20 -31.78
C LYS F 168 10.96 6.12 -30.74
N ARG F 169 11.35 5.91 -29.49
CA ARG F 169 10.44 5.99 -28.36
C ARG F 169 11.10 6.74 -27.20
N THR F 170 10.38 7.73 -26.69
CA THR F 170 10.70 8.39 -25.44
C THR F 170 9.58 8.09 -24.46
N ILE F 171 9.91 7.44 -23.36
CA ILE F 171 8.96 7.14 -22.30
C ILE F 171 9.11 8.20 -21.23
N LEU F 172 8.04 8.91 -20.96
CA LEU F 172 7.99 9.92 -19.91
C LEU F 172 7.20 9.31 -18.76
N ILE F 173 7.90 8.94 -17.69
CA ILE F 173 7.30 8.17 -16.60
C ILE F 173 6.85 9.13 -15.51
N ASP F 174 5.63 8.92 -14.99
CA ASP F 174 5.13 9.72 -13.86
C ASP F 174 5.67 9.21 -12.51
N GLN F 175 6.99 9.13 -12.41
CA GLN F 175 7.68 8.82 -11.16
C GLN F 175 9.01 9.57 -11.15
N SER F 176 9.43 9.96 -9.95
CA SER F 176 10.76 10.50 -9.75
C SER F 176 11.61 9.31 -9.32
N THR F 177 11.56 8.99 -8.03
CA THR F 177 12.07 7.73 -7.56
C THR F 177 11.20 6.63 -8.17
N ILE F 178 11.84 5.64 -8.76
CA ILE F 178 11.17 4.50 -9.35
C ILE F 178 10.64 3.60 -8.24
N LEU F 179 9.32 3.38 -8.26
CA LEU F 179 8.62 2.63 -7.22
C LEU F 179 8.51 1.17 -7.63
N SER F 180 9.68 0.57 -7.80
CA SER F 180 9.82 -0.80 -8.23
C SER F 180 11.27 -1.21 -7.97
N ASN F 181 11.47 -2.50 -7.72
CA ASN F 181 12.81 -3.05 -7.44
C ASN F 181 13.64 -3.20 -8.70
N ASN F 182 12.97 -3.20 -9.85
CA ASN F 182 13.64 -3.20 -11.12
C ASN F 182 12.73 -2.69 -12.24
N LEU F 183 13.30 -2.55 -13.42
CA LEU F 183 12.58 -2.25 -14.65
C LEU F 183 12.92 -3.35 -15.68
N SER F 184 12.49 -4.57 -15.39
CA SER F 184 12.88 -5.75 -16.16
C SER F 184 11.97 -6.10 -17.32
N PHE F 185 11.04 -5.21 -17.65
CA PHE F 185 10.15 -5.36 -18.80
C PHE F 185 10.31 -4.14 -19.73
N PHE F 186 9.51 -4.09 -20.79
CA PHE F 186 9.54 -3.00 -21.77
C PHE F 186 8.26 -2.17 -21.75
N PHE F 187 8.41 -0.85 -21.76
CA PHE F 187 7.30 0.10 -21.92
C PHE F 187 6.99 0.32 -23.39
FE FE2 G . -3.83 27.04 6.86
FE1 FES H . -22.93 -9.93 15.84
FE2 FES H . -22.38 -12.55 16.02
S1 FES H . -24.36 -11.57 16.01
S2 FES H . -20.96 -10.87 15.65
FE FE2 I . -12.16 5.05 -33.44
FE FE2 J . -20.25 -18.88 6.00
FE1 FES K . 21.74 -19.81 -1.92
FE2 FES K . 23.90 -18.23 -1.77
S1 FES K . 23.72 -20.20 -2.79
S2 FES K . 21.85 -17.81 -0.99
FE FE2 L . 25.16 -8.86 -8.99
FE1 FES M . 9.35 26.27 9.28
FE2 FES M . 7.34 27.04 10.89
S1 FES M . 8.76 28.32 9.79
S2 FES M . 7.89 24.95 10.33
#